data_6IP7
# 
_entry.id   6IP7 
# 
_audit_conform.dict_name       mmcif_pdbx.dic 
_audit_conform.dict_version    5.380 
_audit_conform.dict_location   http://mmcif.pdb.org/dictionaries/ascii/mmcif_pdbx.dic 
# 
loop_
_database_2.database_id 
_database_2.database_code 
_database_2.pdbx_database_accession 
_database_2.pdbx_DOI 
PDB   6IP7         pdb_00006ip7 10.2210/pdb6ip7/pdb 
WWPDB D_1300009668 ?            ?                   
# 
_pdbx_database_status.status_code                     REL 
_pdbx_database_status.status_code_sf                  REL 
_pdbx_database_status.status_code_mr                  ? 
_pdbx_database_status.entry_id                        6IP7 
_pdbx_database_status.recvd_initial_deposition_date   2018-11-02 
_pdbx_database_status.SG_entry                        N 
_pdbx_database_status.deposit_site                    PDBJ 
_pdbx_database_status.process_site                    PDBJ 
_pdbx_database_status.status_code_cs                  ? 
_pdbx_database_status.methods_development_category    ? 
_pdbx_database_status.pdb_format_compatible           Y 
_pdbx_database_status.status_code_nmr_data            ? 
# 
loop_
_audit_author.name 
_audit_author.pdbx_ordinal 
_audit_author.identifier_ORCID 
'Saikrishnan, K.'  1 ? 
'Nuthanakanti, A.' 2 ? 
'Srivatsan, S.G.'  3 ? 
'Ahmad, I.'        4 ? 
# 
_citation.abstract                  ? 
_citation.abstract_id_CAS           ? 
_citation.book_id_ISBN              ? 
_citation.book_publisher            ? 
_citation.book_publisher_city       ? 
_citation.book_title                ? 
_citation.coordinate_linkage        ? 
_citation.country                   UK 
_citation.database_id_Medline       ? 
_citation.details                   ? 
_citation.id                        primary 
_citation.journal_abbrev            'Nucleic Acids Res.' 
_citation.journal_id_ASTM           NARHAD 
_citation.journal_id_CSD            0389 
_citation.journal_id_ISSN           1362-4962 
_citation.journal_full              ? 
_citation.journal_issue             ? 
_citation.journal_volume            47 
_citation.language                  ? 
_citation.page_first                6059 
_citation.page_last                 6072 
_citation.title                     
'Probing G-quadruplex topologies and recognition concurrently in real time and 3D using a dual-app nucleoside probe.' 
_citation.year                      2019 
_citation.database_id_CSD           ? 
_citation.pdbx_database_id_DOI      10.1093/nar/gkz419 
_citation.pdbx_database_id_PubMed   31106340 
_citation.unpublished_flag          ? 
# 
loop_
_citation_author.citation_id 
_citation_author.name 
_citation_author.ordinal 
_citation_author.identifier_ORCID 
primary 'Nuthanakanti, A.' 1 ? 
primary 'Ahmed, I.'        2 ? 
primary 'Khatik, S.Y.'     3 ? 
primary 'Saikrishnan, K.'  4 ? 
primary 'Srivatsan, S.G.'  5 ? 
# 
_cell.angle_alpha                  90.00 
_cell.angle_alpha_esd              ? 
_cell.angle_beta                   90.00 
_cell.angle_beta_esd               ? 
_cell.angle_gamma                  120.00 
_cell.angle_gamma_esd              ? 
_cell.entry_id                     6IP7 
_cell.details                      ? 
_cell.formula_units_Z              ? 
_cell.length_a                     56.483 
_cell.length_a_esd                 ? 
_cell.length_b                     56.483 
_cell.length_b_esd                 ? 
_cell.length_c                     42.415 
_cell.length_c_esd                 ? 
_cell.volume                       ? 
_cell.volume_esd                   ? 
_cell.Z_PDB                        6 
_cell.reciprocal_angle_alpha       ? 
_cell.reciprocal_angle_beta        ? 
_cell.reciprocal_angle_gamma       ? 
_cell.reciprocal_angle_alpha_esd   ? 
_cell.reciprocal_angle_beta_esd    ? 
_cell.reciprocal_angle_gamma_esd   ? 
_cell.reciprocal_length_a          ? 
_cell.reciprocal_length_b          ? 
_cell.reciprocal_length_c          ? 
_cell.reciprocal_length_a_esd      ? 
_cell.reciprocal_length_b_esd      ? 
_cell.reciprocal_length_c_esd      ? 
_cell.pdbx_unique_axis             ? 
# 
_symmetry.entry_id                         6IP7 
_symmetry.cell_setting                     ? 
_symmetry.Int_Tables_number                168 
_symmetry.space_group_name_Hall            ? 
_symmetry.space_group_name_H-M             'P 6' 
_symmetry.pdbx_full_space_group_name_H-M   ? 
# 
loop_
_entity.id 
_entity.type 
_entity.src_method 
_entity.pdbx_description 
_entity.formula_weight 
_entity.pdbx_number_of_molecules 
_entity.pdbx_ec 
_entity.pdbx_mutation 
_entity.pdbx_fragment 
_entity.details 
1 polymer     syn 'DNA (22-MER)'  7082.490 1  ? ? ? ? 
2 non-polymer nat 'POTASSIUM ION' 39.098   3  ? ? ? ? 
3 water       nat water           18.015   50 ? ? ? ? 
# 
_entity_poly.entity_id                      1 
_entity_poly.type                           polydeoxyribonucleotide 
_entity_poly.nstd_linkage                   no 
_entity_poly.nstd_monomer                   yes 
_entity_poly.pdbx_seq_one_letter_code       
;(DA)(DG)(DG)(DG)(DT)(DT)(DA)(DG)(DG)(DG)(AWC)(DT)(DA)(DG)(DG)(DG)(DT)(DT)(DA)
(DG)(DG)(DG)
;
_entity_poly.pdbx_seq_one_letter_code_can   AGGGTTAGGGXTAGGGTTAGGG 
_entity_poly.pdbx_strand_id                 A 
_entity_poly.pdbx_target_identifier         ? 
# 
loop_
_entity_poly_seq.entity_id 
_entity_poly_seq.num 
_entity_poly_seq.mon_id 
_entity_poly_seq.hetero 
1 1  DA  n 
1 2  DG  n 
1 3  DG  n 
1 4  DG  n 
1 5  DT  n 
1 6  DT  n 
1 7  DA  n 
1 8  DG  n 
1 9  DG  n 
1 10 DG  n 
1 11 AWC n 
1 12 DT  n 
1 13 DA  n 
1 14 DG  n 
1 15 DG  n 
1 16 DG  n 
1 17 DT  n 
1 18 DT  n 
1 19 DA  n 
1 20 DG  n 
1 21 DG  n 
1 22 DG  n 
# 
_pdbx_entity_src_syn.entity_id              1 
_pdbx_entity_src_syn.pdbx_src_id            1 
_pdbx_entity_src_syn.pdbx_alt_source_flag   sample 
_pdbx_entity_src_syn.pdbx_beg_seq_num       1 
_pdbx_entity_src_syn.pdbx_end_seq_num       22 
_pdbx_entity_src_syn.organism_scientific    'Homo sapiens' 
_pdbx_entity_src_syn.organism_common_name   ? 
_pdbx_entity_src_syn.ncbi_taxonomy_id       9606 
_pdbx_entity_src_syn.details                ? 
# 
_struct_ref.id                         1 
_struct_ref.db_name                    PDB 
_struct_ref.db_code                    6IP7 
_struct_ref.pdbx_db_accession          6IP7 
_struct_ref.pdbx_db_isoform            ? 
_struct_ref.entity_id                  1 
_struct_ref.pdbx_seq_one_letter_code   ? 
_struct_ref.pdbx_align_begin           1 
# 
_struct_ref_seq.align_id                      1 
_struct_ref_seq.ref_id                        1 
_struct_ref_seq.pdbx_PDB_id_code              6IP7 
_struct_ref_seq.pdbx_strand_id                A 
_struct_ref_seq.seq_align_beg                 1 
_struct_ref_seq.pdbx_seq_align_beg_ins_code   ? 
_struct_ref_seq.seq_align_end                 22 
_struct_ref_seq.pdbx_seq_align_end_ins_code   ? 
_struct_ref_seq.pdbx_db_accession             6IP7 
_struct_ref_seq.db_align_beg                  1 
_struct_ref_seq.pdbx_db_align_beg_ins_code    ? 
_struct_ref_seq.db_align_end                  22 
_struct_ref_seq.pdbx_db_align_end_ins_code    ? 
_struct_ref_seq.pdbx_auth_seq_align_beg       1 
_struct_ref_seq.pdbx_auth_seq_align_end       22 
# 
loop_
_chem_comp.id 
_chem_comp.type 
_chem_comp.mon_nstd_flag 
_chem_comp.name 
_chem_comp.pdbx_synonyms 
_chem_comp.formula 
_chem_comp.formula_weight 
AWC 'DNA linking' . "2'-deoxy-5'-O-[(R)-hydroxy(oxo)-lambda~5~-phosphanyl]-5-selenophen-2-yluridine" ? 'C13 H15 N2 O7 P Se' 
421.201 
DA  'DNA linking' y "2'-DEOXYADENOSINE-5'-MONOPHOSPHATE"                                             ? 'C10 H14 N5 O6 P'    
331.222 
DG  'DNA linking' y "2'-DEOXYGUANOSINE-5'-MONOPHOSPHATE"                                             ? 'C10 H14 N5 O7 P'    
347.221 
DT  'DNA linking' y "THYMIDINE-5'-MONOPHOSPHATE"                                                     ? 'C10 H15 N2 O8 P'    
322.208 
HOH non-polymer   . WATER                                                                            ? 'H2 O'               18.015 
K   non-polymer   . 'POTASSIUM ION'                                                                  ? 'K 1'                39.098 
# 
_exptl.absorpt_coefficient_mu     ? 
_exptl.absorpt_correction_T_max   ? 
_exptl.absorpt_correction_T_min   ? 
_exptl.absorpt_correction_type    ? 
_exptl.absorpt_process_details    ? 
_exptl.entry_id                   6IP7 
_exptl.crystals_number            1 
_exptl.details                    ? 
_exptl.method                     'X-RAY DIFFRACTION' 
_exptl.method_details             ? 
# 
_exptl_crystal.colour                      ? 
_exptl_crystal.density_diffrn              ? 
_exptl_crystal.density_Matthews            2.77 
_exptl_crystal.density_method              ? 
_exptl_crystal.density_percent_sol         55.54 
_exptl_crystal.description                 ? 
_exptl_crystal.F_000                       ? 
_exptl_crystal.id                          1 
_exptl_crystal.preparation                 ? 
_exptl_crystal.size_max                    ? 
_exptl_crystal.size_mid                    ? 
_exptl_crystal.size_min                    ? 
_exptl_crystal.size_rad                    ? 
_exptl_crystal.colour_lustre               ? 
_exptl_crystal.colour_modifier             ? 
_exptl_crystal.colour_primary              ? 
_exptl_crystal.density_meas                ? 
_exptl_crystal.density_meas_esd            ? 
_exptl_crystal.density_meas_gt             ? 
_exptl_crystal.density_meas_lt             ? 
_exptl_crystal.density_meas_temp           ? 
_exptl_crystal.density_meas_temp_esd       ? 
_exptl_crystal.density_meas_temp_gt        ? 
_exptl_crystal.density_meas_temp_lt        ? 
_exptl_crystal.pdbx_crystal_image_url      ? 
_exptl_crystal.pdbx_crystal_image_format   ? 
_exptl_crystal.pdbx_mosaicity              ? 
_exptl_crystal.pdbx_mosaicity_esd          ? 
# 
_exptl_crystal_grow.apparatus       ? 
_exptl_crystal_grow.atmosphere      ? 
_exptl_crystal_grow.crystal_id      1 
_exptl_crystal_grow.details         ? 
_exptl_crystal_grow.method          'VAPOR DIFFUSION, HANGING DROP' 
_exptl_crystal_grow.method_ref      ? 
_exptl_crystal_grow.pH              ? 
_exptl_crystal_grow.pressure        ? 
_exptl_crystal_grow.pressure_esd    ? 
_exptl_crystal_grow.seeding         ? 
_exptl_crystal_grow.seeding_ref     ? 
_exptl_crystal_grow.temp            291 
_exptl_crystal_grow.temp_details    ? 
_exptl_crystal_grow.temp_esd        ? 
_exptl_crystal_grow.time            ? 
_exptl_crystal_grow.pdbx_details    '0.05M potassium cacodylate (pH7.2), 0.625M ammonium acetate, 0.2M KCl, 15% PEG400' 
_exptl_crystal_grow.pdbx_pH_range   ? 
# 
_diffrn.ambient_environment              ? 
_diffrn.ambient_temp                     100 
_diffrn.ambient_temp_details             ? 
_diffrn.ambient_temp_esd                 ? 
_diffrn.crystal_id                       1 
_diffrn.crystal_support                  ? 
_diffrn.crystal_treatment                ? 
_diffrn.details                          ? 
_diffrn.id                               1 
_diffrn.ambient_pressure                 ? 
_diffrn.ambient_pressure_esd             ? 
_diffrn.ambient_pressure_gt              ? 
_diffrn.ambient_pressure_lt              ? 
_diffrn.ambient_temp_gt                  ? 
_diffrn.ambient_temp_lt                  ? 
_diffrn.pdbx_serial_crystal_experiment   N 
# 
_diffrn_detector.details                      ? 
_diffrn_detector.detector                     PIXEL 
_diffrn_detector.diffrn_id                    1 
_diffrn_detector.type                         'DECTRIS PILATUS 6M-F' 
_diffrn_detector.area_resol_mean              ? 
_diffrn_detector.dtime                        ? 
_diffrn_detector.pdbx_frames_total            ? 
_diffrn_detector.pdbx_collection_time_total   ? 
_diffrn_detector.pdbx_collection_date         2016-02-18 
_diffrn_detector.pdbx_frequency               ? 
# 
_diffrn_radiation.collimation                      ? 
_diffrn_radiation.diffrn_id                        1 
_diffrn_radiation.filter_edge                      ? 
_diffrn_radiation.inhomogeneity                    ? 
_diffrn_radiation.monochromator                    ? 
_diffrn_radiation.polarisn_norm                    ? 
_diffrn_radiation.polarisn_ratio                   ? 
_diffrn_radiation.probe                            ? 
_diffrn_radiation.type                             ? 
_diffrn_radiation.xray_symbol                      ? 
_diffrn_radiation.wavelength_id                    1 
_diffrn_radiation.pdbx_monochromatic_or_laue_m_l   M 
_diffrn_radiation.pdbx_wavelength_list             ? 
_diffrn_radiation.pdbx_wavelength                  ? 
_diffrn_radiation.pdbx_diffrn_protocol             'SINGLE WAVELENGTH' 
_diffrn_radiation.pdbx_analyzer                    ? 
_diffrn_radiation.pdbx_scattering_type             x-ray 
# 
_diffrn_radiation_wavelength.id           1 
_diffrn_radiation_wavelength.wavelength   0.9795 
_diffrn_radiation_wavelength.wt           1.0 
# 
_diffrn_source.current                     ? 
_diffrn_source.details                     ? 
_diffrn_source.diffrn_id                   1 
_diffrn_source.power                       ? 
_diffrn_source.size                        ? 
_diffrn_source.source                      SYNCHROTRON 
_diffrn_source.target                      ? 
_diffrn_source.type                        'DIAMOND BEAMLINE I02' 
_diffrn_source.voltage                     ? 
_diffrn_source.take-off_angle              ? 
_diffrn_source.pdbx_wavelength_list        0.9795 
_diffrn_source.pdbx_wavelength             ? 
_diffrn_source.pdbx_synchrotron_beamline   I02 
_diffrn_source.pdbx_synchrotron_site       Diamond 
# 
_reflns.B_iso_Wilson_estimate            ? 
_reflns.entry_id                         6IP7 
_reflns.data_reduction_details           ? 
_reflns.data_reduction_method            ? 
_reflns.d_resolution_high                1.55 
_reflns.d_resolution_low                 50 
_reflns.details                          ? 
_reflns.limit_h_max                      ? 
_reflns.limit_h_min                      ? 
_reflns.limit_k_max                      ? 
_reflns.limit_k_min                      ? 
_reflns.limit_l_max                      ? 
_reflns.limit_l_min                      ? 
_reflns.number_all                       ? 
_reflns.number_obs                       22608 
_reflns.observed_criterion               ? 
_reflns.observed_criterion_F_max         ? 
_reflns.observed_criterion_F_min         ? 
_reflns.observed_criterion_I_max         ? 
_reflns.observed_criterion_I_min         ? 
_reflns.observed_criterion_sigma_F       ? 
_reflns.observed_criterion_sigma_I       ? 
_reflns.percent_possible_obs             100 
_reflns.R_free_details                   ? 
_reflns.Rmerge_F_all                     ? 
_reflns.Rmerge_F_obs                     ? 
_reflns.Friedel_coverage                 ? 
_reflns.number_gt                        ? 
_reflns.threshold_expression             ? 
_reflns.pdbx_redundancy                  12.5 
_reflns.pdbx_Rmerge_I_obs                0.058 
_reflns.pdbx_Rmerge_I_all                ? 
_reflns.pdbx_Rsym_value                  0.058 
_reflns.pdbx_netI_over_av_sigmaI         ? 
_reflns.pdbx_netI_over_sigmaI            23.6 
_reflns.pdbx_res_netI_over_av_sigmaI_2   ? 
_reflns.pdbx_res_netI_over_sigmaI_2      ? 
_reflns.pdbx_chi_squared                 ? 
_reflns.pdbx_scaling_rejects             ? 
_reflns.pdbx_d_res_high_opt              ? 
_reflns.pdbx_d_res_low_opt               ? 
_reflns.pdbx_d_res_opt_method            ? 
_reflns.phase_calculation_details        ? 
_reflns.pdbx_Rrim_I_all                  ? 
_reflns.pdbx_Rpim_I_all                  ? 
_reflns.pdbx_d_opt                       ? 
_reflns.pdbx_number_measured_all         ? 
_reflns.pdbx_diffrn_id                   1 
_reflns.pdbx_ordinal                     1 
_reflns.pdbx_CC_half                     ? 
_reflns.pdbx_R_split                     ? 
# 
_reflns_shell.d_res_high                  1.55 
_reflns_shell.d_res_low                   1.58 
_reflns_shell.meanI_over_sigI_all         ? 
_reflns_shell.meanI_over_sigI_obs         ? 
_reflns_shell.number_measured_all         ? 
_reflns_shell.number_measured_obs         ? 
_reflns_shell.number_possible             ? 
_reflns_shell.number_unique_all           ? 
_reflns_shell.number_unique_obs           563 
_reflns_shell.percent_possible_all        ? 
_reflns_shell.percent_possible_obs        ? 
_reflns_shell.Rmerge_F_all                ? 
_reflns_shell.Rmerge_F_obs                ? 
_reflns_shell.Rmerge_I_all                ? 
_reflns_shell.Rmerge_I_obs                0.898 
_reflns_shell.meanI_over_sigI_gt          ? 
_reflns_shell.meanI_over_uI_all           ? 
_reflns_shell.meanI_over_uI_gt            ? 
_reflns_shell.number_measured_gt          ? 
_reflns_shell.number_unique_gt            ? 
_reflns_shell.percent_possible_gt         ? 
_reflns_shell.Rmerge_F_gt                 ? 
_reflns_shell.Rmerge_I_gt                 ? 
_reflns_shell.pdbx_redundancy             ? 
_reflns_shell.pdbx_Rsym_value             0.898 
_reflns_shell.pdbx_chi_squared            ? 
_reflns_shell.pdbx_netI_over_sigmaI_all   ? 
_reflns_shell.pdbx_netI_over_sigmaI_obs   ? 
_reflns_shell.pdbx_Rrim_I_all             ? 
_reflns_shell.pdbx_Rpim_I_all             ? 
_reflns_shell.pdbx_rejects                ? 
_reflns_shell.pdbx_ordinal                1 
_reflns_shell.pdbx_diffrn_id              1 
_reflns_shell.pdbx_CC_half                ? 
_reflns_shell.pdbx_R_split                ? 
# 
_refine.aniso_B[1][1]                            ? 
_refine.aniso_B[1][2]                            ? 
_refine.aniso_B[1][3]                            ? 
_refine.aniso_B[2][2]                            ? 
_refine.aniso_B[2][3]                            ? 
_refine.aniso_B[3][3]                            ? 
_refine.B_iso_max                                ? 
_refine.B_iso_mean                               ? 
_refine.B_iso_min                                ? 
_refine.correlation_coeff_Fo_to_Fc               ? 
_refine.correlation_coeff_Fo_to_Fc_free          ? 
_refine.details                                  'SF FILE CONTAINS FRIEDEL PAIRS UNDER F_MINUS AND F_PLUS COLUMNS.' 
_refine.diff_density_max                         ? 
_refine.diff_density_max_esd                     ? 
_refine.diff_density_min                         ? 
_refine.diff_density_min_esd                     ? 
_refine.diff_density_rms                         ? 
_refine.diff_density_rms_esd                     ? 
_refine.entry_id                                 6IP7 
_refine.pdbx_refine_id                           'X-RAY DIFFRACTION' 
_refine.ls_abs_structure_details                 ? 
_refine.ls_abs_structure_Flack                   ? 
_refine.ls_abs_structure_Flack_esd               ? 
_refine.ls_abs_structure_Rogers                  ? 
_refine.ls_abs_structure_Rogers_esd              ? 
_refine.ls_d_res_high                            1.550 
_refine.ls_d_res_low                             48.916 
_refine.ls_extinction_coef                       ? 
_refine.ls_extinction_coef_esd                   ? 
_refine.ls_extinction_expression                 ? 
_refine.ls_extinction_method                     ? 
_refine.ls_goodness_of_fit_all                   ? 
_refine.ls_goodness_of_fit_all_esd               ? 
_refine.ls_goodness_of_fit_obs                   ? 
_refine.ls_goodness_of_fit_obs_esd               ? 
_refine.ls_hydrogen_treatment                    ? 
_refine.ls_matrix_type                           ? 
_refine.ls_number_constraints                    ? 
_refine.ls_number_parameters                     ? 
_refine.ls_number_reflns_all                     ? 
_refine.ls_number_reflns_obs                     21923 
_refine.ls_number_reflns_R_free                  1115 
_refine.ls_number_reflns_R_work                  ? 
_refine.ls_number_restraints                     ? 
_refine.ls_percent_reflns_obs                    99.55 
_refine.ls_percent_reflns_R_free                 5.09 
_refine.ls_R_factor_all                          ? 
_refine.ls_R_factor_obs                          0.1907 
_refine.ls_R_factor_R_free                       0.2129 
_refine.ls_R_factor_R_free_error                 ? 
_refine.ls_R_factor_R_free_error_details         ? 
_refine.ls_R_factor_R_work                       0.1893 
_refine.ls_R_Fsqd_factor_obs                     ? 
_refine.ls_R_I_factor_obs                        ? 
_refine.ls_redundancy_reflns_all                 ? 
_refine.ls_redundancy_reflns_obs                 ? 
_refine.ls_restrained_S_all                      ? 
_refine.ls_restrained_S_obs                      ? 
_refine.ls_shift_over_esd_max                    ? 
_refine.ls_shift_over_esd_mean                   ? 
_refine.ls_structure_factor_coef                 ? 
_refine.ls_weighting_details                     ? 
_refine.ls_weighting_scheme                      ? 
_refine.ls_wR_factor_all                         ? 
_refine.ls_wR_factor_obs                         ? 
_refine.ls_wR_factor_R_free                      ? 
_refine.ls_wR_factor_R_work                      ? 
_refine.occupancy_max                            ? 
_refine.occupancy_min                            ? 
_refine.solvent_model_details                    'FLAT BULK SOLVENT MODEL' 
_refine.solvent_model_param_bsol                 ? 
_refine.solvent_model_param_ksol                 ? 
_refine.ls_R_factor_gt                           ? 
_refine.ls_goodness_of_fit_gt                    ? 
_refine.ls_goodness_of_fit_ref                   ? 
_refine.ls_shift_over_su_max                     ? 
_refine.ls_shift_over_su_max_lt                  ? 
_refine.ls_shift_over_su_mean                    ? 
_refine.ls_shift_over_su_mean_lt                 ? 
_refine.pdbx_ls_sigma_I                          ? 
_refine.pdbx_ls_sigma_F                          1.96 
_refine.pdbx_ls_sigma_Fsqd                       ? 
_refine.pdbx_data_cutoff_high_absF               ? 
_refine.pdbx_data_cutoff_high_rms_absF           ? 
_refine.pdbx_data_cutoff_low_absF                ? 
_refine.pdbx_isotropic_thermal_model             ? 
_refine.pdbx_ls_cross_valid_method               'FREE R-VALUE' 
_refine.pdbx_method_to_determine_struct          'MOLECULAR REPLACEMENT' 
_refine.pdbx_starting_model                      1KF1 
_refine.pdbx_stereochemistry_target_values       ML 
_refine.pdbx_R_Free_selection_details            ? 
_refine.pdbx_stereochem_target_val_spec_case     ? 
_refine.pdbx_overall_ESU_R                       ? 
_refine.pdbx_overall_ESU_R_Free                  ? 
_refine.pdbx_solvent_vdw_probe_radii             1.11 
_refine.pdbx_solvent_ion_probe_radii             ? 
_refine.pdbx_solvent_shrinkage_radii             0.90 
_refine.pdbx_real_space_R                        ? 
_refine.pdbx_density_correlation                 ? 
_refine.pdbx_pd_number_of_powder_patterns        ? 
_refine.pdbx_pd_number_of_points                 ? 
_refine.pdbx_pd_meas_number_of_points            ? 
_refine.pdbx_pd_proc_ls_prof_R_factor            ? 
_refine.pdbx_pd_proc_ls_prof_wR_factor           ? 
_refine.pdbx_pd_Marquardt_correlation_coeff      ? 
_refine.pdbx_pd_Fsqrd_R_factor                   ? 
_refine.pdbx_pd_ls_matrix_band_width             ? 
_refine.pdbx_overall_phase_error                 25.00 
_refine.pdbx_overall_SU_R_free_Cruickshank_DPI   ? 
_refine.pdbx_overall_SU_R_free_Blow_DPI          ? 
_refine.pdbx_overall_SU_R_Blow_DPI               ? 
_refine.pdbx_TLS_residual_ADP_flag               ? 
_refine.pdbx_diffrn_id                           1 
_refine.overall_SU_B                             ? 
_refine.overall_SU_ML                            0.16 
_refine.overall_SU_R_Cruickshank_DPI             ? 
_refine.overall_SU_R_free                        ? 
_refine.overall_FOM_free_R_set                   ? 
_refine.overall_FOM_work_R_set                   ? 
_refine.pdbx_average_fsc_overall                 ? 
_refine.pdbx_average_fsc_work                    ? 
_refine.pdbx_average_fsc_free                    ? 
# 
_refine_hist.pdbx_refine_id                   'X-RAY DIFFRACTION' 
_refine_hist.cycle_id                         LAST 
_refine_hist.pdbx_number_atoms_protein        0 
_refine_hist.pdbx_number_atoms_nucleic_acid   469 
_refine_hist.pdbx_number_atoms_ligand         3 
_refine_hist.number_atoms_solvent             50 
_refine_hist.number_atoms_total               522 
_refine_hist.d_res_high                       1.550 
_refine_hist.d_res_low                        48.916 
# 
loop_
_refine_ls_restr.pdbx_refine_id 
_refine_ls_restr.criterion 
_refine_ls_restr.dev_ideal 
_refine_ls_restr.dev_ideal_target 
_refine_ls_restr.number 
_refine_ls_restr.rejects 
_refine_ls_restr.type 
_refine_ls_restr.weight 
_refine_ls_restr.pdbx_restraint_function 
'X-RAY DIFFRACTION' ? 0.012  ? 529 ? f_bond_d           ? ? 
'X-RAY DIFFRACTION' ? 1.424  ? 819 ? f_angle_d          ? ? 
'X-RAY DIFFRACTION' ? 29.814 ? 212 ? f_dihedral_angle_d ? ? 
'X-RAY DIFFRACTION' ? 0.073  ? 86  ? f_chiral_restr     ? ? 
'X-RAY DIFFRACTION' ? 0.012  ? 23  ? f_plane_restr      ? ? 
# 
loop_
_refine_ls_shell.pdbx_refine_id 
_refine_ls_shell.d_res_high 
_refine_ls_shell.d_res_low 
_refine_ls_shell.number_reflns_all 
_refine_ls_shell.number_reflns_obs 
_refine_ls_shell.number_reflns_R_free 
_refine_ls_shell.number_reflns_R_work 
_refine_ls_shell.percent_reflns_obs 
_refine_ls_shell.percent_reflns_R_free 
_refine_ls_shell.R_factor_all 
_refine_ls_shell.R_factor_obs 
_refine_ls_shell.R_factor_R_free 
_refine_ls_shell.R_factor_R_free_error 
_refine_ls_shell.R_factor_R_work 
_refine_ls_shell.redundancy_reflns_all 
_refine_ls_shell.redundancy_reflns_obs 
_refine_ls_shell.wR_factor_all 
_refine_ls_shell.wR_factor_obs 
_refine_ls_shell.wR_factor_R_free 
_refine_ls_shell.wR_factor_R_work 
_refine_ls_shell.pdbx_total_number_of_bins_used 
_refine_ls_shell.pdbx_phase_error 
_refine_ls_shell.pdbx_fsc_work 
_refine_ls_shell.pdbx_fsc_free 
'X-RAY DIFFRACTION' 1.5500 1.6206  . . 142 2622 99.00  . . . 0.2684 . 0.2607 . . . . . . . . . . 
'X-RAY DIFFRACTION' 1.6206 1.7060  . . 120 2579 99.00  . . . 0.2076 . 0.2007 . . . . . . . . . . 
'X-RAY DIFFRACTION' 1.7060 1.8129  . . 98  2632 100.00 . . . 0.3095 . 0.1967 . . . . . . . . . . 
'X-RAY DIFFRACTION' 1.8129 1.9529  . . 150 2597 100.00 . . . 0.2710 . 0.2344 . . . . . . . . . . 
'X-RAY DIFFRACTION' 1.9529 2.1494  . . 134 2602 100.00 . . . 0.2605 . 0.2313 . . . . . . . . . . 
'X-RAY DIFFRACTION' 2.1494 2.4605  . . 136 2620 100.00 . . . 0.1827 . 0.2043 . . . . . . . . . . 
'X-RAY DIFFRACTION' 2.4605 3.0999  . . 156 2589 100.00 . . . 0.2211 . 0.2093 . . . . . . . . . . 
'X-RAY DIFFRACTION' 3.0999 48.9401 . . 179 2567 99.00  . . . 0.1946 . 0.1559 . . . . . . . . . . 
# 
_struct.entry_id                     6IP7 
_struct.title                        'Structure of human telomeric DNA with 5-Selenophene-modified deoxyuridine at residue 11' 
_struct.pdbx_model_details           ? 
_struct.pdbx_formula_weight          ? 
_struct.pdbx_formula_weight_method   ? 
_struct.pdbx_model_type_details      ? 
_struct.pdbx_CASP_flag               N 
# 
_struct_keywords.entry_id        6IP7 
_struct_keywords.text            'Human telomere, parallel G-quadruplex, DNA' 
_struct_keywords.pdbx_keywords   DNA 
# 
loop_
_struct_asym.id 
_struct_asym.pdbx_blank_PDB_chainid_flag 
_struct_asym.pdbx_modified 
_struct_asym.entity_id 
_struct_asym.details 
A N N 1 ? 
B N N 2 ? 
C N N 2 ? 
D N N 2 ? 
E N N 3 ? 
# 
loop_
_struct_conn.id 
_struct_conn.conn_type_id 
_struct_conn.pdbx_leaving_atom_flag 
_struct_conn.pdbx_PDB_id 
_struct_conn.ptnr1_label_asym_id 
_struct_conn.ptnr1_label_comp_id 
_struct_conn.ptnr1_label_seq_id 
_struct_conn.ptnr1_label_atom_id 
_struct_conn.pdbx_ptnr1_label_alt_id 
_struct_conn.pdbx_ptnr1_PDB_ins_code 
_struct_conn.pdbx_ptnr1_standard_comp_id 
_struct_conn.ptnr1_symmetry 
_struct_conn.ptnr2_label_asym_id 
_struct_conn.ptnr2_label_comp_id 
_struct_conn.ptnr2_label_seq_id 
_struct_conn.ptnr2_label_atom_id 
_struct_conn.pdbx_ptnr2_label_alt_id 
_struct_conn.pdbx_ptnr2_PDB_ins_code 
_struct_conn.ptnr1_auth_asym_id 
_struct_conn.ptnr1_auth_comp_id 
_struct_conn.ptnr1_auth_seq_id 
_struct_conn.ptnr2_auth_asym_id 
_struct_conn.ptnr2_auth_comp_id 
_struct_conn.ptnr2_auth_seq_id 
_struct_conn.ptnr2_symmetry 
_struct_conn.pdbx_ptnr3_label_atom_id 
_struct_conn.pdbx_ptnr3_label_seq_id 
_struct_conn.pdbx_ptnr3_label_comp_id 
_struct_conn.pdbx_ptnr3_label_asym_id 
_struct_conn.pdbx_ptnr3_label_alt_id 
_struct_conn.pdbx_ptnr3_PDB_ins_code 
_struct_conn.details 
_struct_conn.pdbx_dist_value 
_struct_conn.pdbx_value_order 
_struct_conn.pdbx_role 
covale1  covale one ? A DG  10 "O3'" ? ? ? 1_555 A AWC 11 P  d ? A DG  10 A AWC 11  1_555 ? ? ? ? ? ? ?           1.593 ? ? 
covale2  covale one ? A AWC 11 "O3'" d ? ? 1_555 A DT  12 P  ? ? A AWC 11 A DT  12  1_555 ? ? ? ? ? ? ?           1.504 ? ? 
metalc1  metalc ?   ? A DG  2  O6    ? ? ? 1_555 C K   .  K  ? ? A DG  2  A K   102 1_555 ? ? ? ? ? ? ?           2.847 ? ? 
metalc2  metalc ?   ? A DG  2  O6    ? ? ? 1_555 D K   .  K  ? ? A DG  2  A K   103 1_555 ? ? ? ? ? ? ?           2.847 ? ? 
metalc3  metalc ?   ? A DG  2  O6    ? ? ? 1_555 D K   .  K  ? ? A DG  2  A K   103 4_665 ? ? ? ? ? ? ?           2.847 ? ? 
metalc4  metalc ?   ? A DG  3  O6    ? ? ? 1_555 B K   .  K  ? ? A DG  3  A K   101 1_555 ? ? ? ? ? ? ?           2.943 ? ? 
metalc5  metalc ?   ? A DG  3  O6    ? ? ? 1_555 C K   .  K  ? ? A DG  3  A K   102 1_555 ? ? ? ? ? ? ?           2.722 ? ? 
metalc6  metalc ?   ? A DG  4  O6    ? ? ? 1_555 B K   .  K  ? ? A DG  4  A K   101 1_555 ? ? ? ? ? ? ?           2.680 ? ? 
metalc7  metalc ?   ? A DG  8  O6    ? ? ? 1_555 C K   .  K  ? ? A DG  8  A K   102 1_555 ? ? ? ? ? ? ?           2.795 ? ? 
metalc8  metalc ?   ? A DG  8  O6    ? ? ? 1_555 D K   .  K  ? ? A DG  8  A K   103 1_555 ? ? ? ? ? ? ?           2.821 ? ? 
metalc9  metalc ?   ? A DG  8  O6    ? ? ? 1_555 D K   .  K  ? ? A DG  8  A K   103 4_665 ? ? ? ? ? ? ?           2.821 ? ? 
metalc10 metalc ?   ? A DG  9  O6    ? ? ? 1_555 B K   .  K  ? ? A DG  9  A K   101 1_555 ? ? ? ? ? ? ?           2.898 ? ? 
metalc11 metalc ?   ? A DG  9  O6    ? ? ? 1_555 C K   .  K  ? ? A DG  9  A K   102 1_555 ? ? ? ? ? ? ?           2.811 ? ? 
metalc12 metalc ?   ? A DG  10 O6    ? ? ? 1_555 B K   .  K  ? ? A DG  10 A K   101 1_555 ? ? ? ? ? ? ?           2.751 ? ? 
metalc13 metalc ?   ? A DG  14 O6    ? ? ? 1_555 C K   .  K  ? ? A DG  14 A K   102 1_555 ? ? ? ? ? ? ?           2.831 ? ? 
metalc14 metalc ?   ? A DG  14 O6    ? ? ? 1_555 D K   .  K  ? ? A DG  14 A K   103 1_555 ? ? ? ? ? ? ?           2.822 ? ? 
metalc15 metalc ?   ? A DG  14 O6    ? ? ? 1_555 D K   .  K  ? ? A DG  14 A K   103 4_665 ? ? ? ? ? ? ?           2.822 ? ? 
metalc16 metalc ?   ? A DG  15 O6    ? ? ? 1_555 B K   .  K  ? ? A DG  15 A K   101 1_555 ? ? ? ? ? ? ?           2.968 ? ? 
metalc17 metalc ?   ? A DG  15 O6    ? ? ? 1_555 C K   .  K  ? ? A DG  15 A K   102 1_555 ? ? ? ? ? ? ?           2.682 ? ? 
metalc18 metalc ?   ? A DG  16 O6    ? ? ? 1_555 B K   .  K  ? ? A DG  16 A K   101 1_555 ? ? ? ? ? ? ?           2.700 ? ? 
metalc19 metalc ?   ? A DG  20 O6    ? ? ? 1_555 C K   .  K  ? ? A DG  20 A K   102 1_555 ? ? ? ? ? ? ?           2.797 ? ? 
metalc20 metalc ?   ? A DG  20 O6    ? ? ? 1_555 D K   .  K  ? ? A DG  20 A K   103 1_555 ? ? ? ? ? ? ?           2.767 ? ? 
metalc21 metalc ?   ? A DG  20 O6    ? ? ? 1_555 D K   .  K  ? ? A DG  20 A K   103 4_665 ? ? ? ? ? ? ?           2.767 ? ? 
metalc22 metalc ?   ? A DG  21 O6    ? ? ? 1_555 B K   .  K  ? ? A DG  21 A K   101 1_555 ? ? ? ? ? ? ?           2.885 ? ? 
metalc23 metalc ?   ? A DG  21 O6    ? ? ? 1_555 C K   .  K  ? ? A DG  21 A K   102 1_555 ? ? ? ? ? ? ?           2.770 ? ? 
metalc24 metalc ?   ? A DG  22 O6    ? ? ? 1_555 B K   .  K  ? ? A DG  22 A K   101 1_555 ? ? ? ? ? ? ?           2.711 ? ? 
hydrog1  hydrog ?   ? A DG  2  N1    ? ? ? 1_555 A DG  8  O6 ? ? A DG  2  A DG  8   1_555 ? ? ? ? ? ? TYPE_6_PAIR ?     ? ? 
hydrog2  hydrog ?   ? A DG  2  N2    ? ? ? 1_555 A DG  8  N7 ? ? A DG  2  A DG  8   1_555 ? ? ? ? ? ? TYPE_6_PAIR ?     ? ? 
hydrog3  hydrog ?   ? A DG  2  N7    ? ? ? 1_555 A DG  20 N2 ? ? A DG  2  A DG  20  1_555 ? ? ? ? ? ? TYPE_6_PAIR ?     ? ? 
hydrog4  hydrog ?   ? A DG  2  O6    ? ? ? 1_555 A DG  20 N1 ? ? A DG  2  A DG  20  1_555 ? ? ? ? ? ? TYPE_6_PAIR ?     ? ? 
hydrog5  hydrog ?   ? A DG  3  N1    ? ? ? 1_555 A DG  9  O6 ? ? A DG  3  A DG  9   1_555 ? ? ? ? ? ? TYPE_6_PAIR ?     ? ? 
hydrog6  hydrog ?   ? A DG  3  N2    ? ? ? 1_555 A DG  9  N7 ? ? A DG  3  A DG  9   1_555 ? ? ? ? ? ? TYPE_6_PAIR ?     ? ? 
hydrog7  hydrog ?   ? A DG  3  N7    ? ? ? 1_555 A DG  21 N2 ? ? A DG  3  A DG  21  1_555 ? ? ? ? ? ? TYPE_6_PAIR ?     ? ? 
hydrog8  hydrog ?   ? A DG  3  O6    ? ? ? 1_555 A DG  21 N1 ? ? A DG  3  A DG  21  1_555 ? ? ? ? ? ? TYPE_6_PAIR ?     ? ? 
hydrog9  hydrog ?   ? A DG  4  N1    ? ? ? 1_555 A DG  10 O6 ? ? A DG  4  A DG  10  1_555 ? ? ? ? ? ? TYPE_6_PAIR ?     ? ? 
hydrog10 hydrog ?   ? A DG  4  N2    ? ? ? 1_555 A DG  10 N7 ? ? A DG  4  A DG  10  1_555 ? ? ? ? ? ? TYPE_6_PAIR ?     ? ? 
hydrog11 hydrog ?   ? A DG  4  N7    ? ? ? 1_555 A DG  22 N2 ? ? A DG  4  A DG  22  1_555 ? ? ? ? ? ? TYPE_6_PAIR ?     ? ? 
hydrog12 hydrog ?   ? A DG  4  O6    ? ? ? 1_555 A DG  22 N1 ? ? A DG  4  A DG  22  1_555 ? ? ? ? ? ? TYPE_6_PAIR ?     ? ? 
hydrog13 hydrog ?   ? A DG  8  N1    ? ? ? 1_555 A DG  14 O6 ? ? A DG  8  A DG  14  1_555 ? ? ? ? ? ? TYPE_6_PAIR ?     ? ? 
hydrog14 hydrog ?   ? A DG  8  N2    ? ? ? 1_555 A DG  14 N7 ? ? A DG  8  A DG  14  1_555 ? ? ? ? ? ? TYPE_6_PAIR ?     ? ? 
hydrog15 hydrog ?   ? A DG  9  N1    ? ? ? 1_555 A DG  15 O6 ? ? A DG  9  A DG  15  1_555 ? ? ? ? ? ? TYPE_6_PAIR ?     ? ? 
hydrog16 hydrog ?   ? A DG  9  N2    ? ? ? 1_555 A DG  15 N7 ? ? A DG  9  A DG  15  1_555 ? ? ? ? ? ? TYPE_6_PAIR ?     ? ? 
hydrog17 hydrog ?   ? A DG  10 N1    ? ? ? 1_555 A DG  16 O6 ? ? A DG  10 A DG  16  1_555 ? ? ? ? ? ? TYPE_6_PAIR ?     ? ? 
hydrog18 hydrog ?   ? A DG  10 N2    ? ? ? 1_555 A DG  16 N7 ? ? A DG  10 A DG  16  1_555 ? ? ? ? ? ? TYPE_6_PAIR ?     ? ? 
hydrog19 hydrog ?   ? A DG  14 N1    ? ? ? 1_555 A DG  20 O6 ? ? A DG  14 A DG  20  1_555 ? ? ? ? ? ? TYPE_6_PAIR ?     ? ? 
hydrog20 hydrog ?   ? A DG  14 N2    ? ? ? 1_555 A DG  20 N7 ? ? A DG  14 A DG  20  1_555 ? ? ? ? ? ? TYPE_6_PAIR ?     ? ? 
hydrog21 hydrog ?   ? A DG  15 N1    ? ? ? 1_555 A DG  21 O6 ? ? A DG  15 A DG  21  1_555 ? ? ? ? ? ? TYPE_6_PAIR ?     ? ? 
hydrog22 hydrog ?   ? A DG  15 N2    ? ? ? 1_555 A DG  21 N7 ? ? A DG  15 A DG  21  1_555 ? ? ? ? ? ? TYPE_6_PAIR ?     ? ? 
hydrog23 hydrog ?   ? A DG  16 N1    ? ? ? 1_555 A DG  22 O6 ? ? A DG  16 A DG  22  1_555 ? ? ? ? ? ? TYPE_6_PAIR ?     ? ? 
hydrog24 hydrog ?   ? A DG  16 N2    ? ? ? 1_555 A DG  22 N7 ? ? A DG  16 A DG  22  1_555 ? ? ? ? ? ? TYPE_6_PAIR ?     ? ? 
# 
loop_
_struct_conn_type.id 
_struct_conn_type.criteria 
_struct_conn_type.reference 
covale ? ? 
metalc ? ? 
hydrog ? ? 
# 
loop_
_struct_site.id 
_struct_site.pdbx_evidence_code 
_struct_site.pdbx_auth_asym_id 
_struct_site.pdbx_auth_comp_id 
_struct_site.pdbx_auth_seq_id 
_struct_site.pdbx_auth_ins_code 
_struct_site.pdbx_num_residues 
_struct_site.details 
AC1 Software A K 101 ? 9  'binding site for residue K A 101' 
AC2 Software A K 102 ? 11 'binding site for residue K A 102' 
AC3 Software A K 103 ? 10 'binding site for residue K A 103' 
# 
loop_
_struct_site_gen.id 
_struct_site_gen.site_id 
_struct_site_gen.pdbx_num_res 
_struct_site_gen.label_comp_id 
_struct_site_gen.label_asym_id 
_struct_site_gen.label_seq_id 
_struct_site_gen.pdbx_auth_ins_code 
_struct_site_gen.auth_comp_id 
_struct_site_gen.auth_asym_id 
_struct_site_gen.auth_seq_id 
_struct_site_gen.label_atom_id 
_struct_site_gen.label_alt_id 
_struct_site_gen.symmetry 
_struct_site_gen.details 
1  AC1 9  DG A 3  ? DG A 3   . ? 1_555 ? 
2  AC1 9  DG A 4  ? DG A 4   . ? 1_555 ? 
3  AC1 9  DG A 9  ? DG A 9   . ? 1_555 ? 
4  AC1 9  DG A 10 ? DG A 10  . ? 1_555 ? 
5  AC1 9  DG A 15 ? DG A 15  . ? 1_555 ? 
6  AC1 9  DG A 16 ? DG A 16  . ? 1_555 ? 
7  AC1 9  DG A 21 ? DG A 21  . ? 1_555 ? 
8  AC1 9  DG A 22 ? DG A 22  . ? 1_555 ? 
9  AC1 9  K  C .  ? K  A 102 . ? 1_555 ? 
10 AC2 11 DG A 2  ? DG A 2   . ? 1_555 ? 
11 AC2 11 DG A 3  ? DG A 3   . ? 1_555 ? 
12 AC2 11 DG A 8  ? DG A 8   . ? 1_555 ? 
13 AC2 11 DG A 9  ? DG A 9   . ? 1_555 ? 
14 AC2 11 DG A 14 ? DG A 14  . ? 1_555 ? 
15 AC2 11 DG A 15 ? DG A 15  . ? 1_555 ? 
16 AC2 11 DG A 20 ? DG A 20  . ? 1_555 ? 
17 AC2 11 DG A 21 ? DG A 21  . ? 1_555 ? 
18 AC2 11 K  B .  ? K  A 101 . ? 1_555 ? 
19 AC2 11 K  D .  ? K  A 103 . ? 4_665 ? 
20 AC2 11 K  D .  ? K  A 103 . ? 1_555 ? 
21 AC3 10 DG A 2  ? DG A 2   . ? 4_665 ? 
22 AC3 10 DG A 2  ? DG A 2   . ? 1_555 ? 
23 AC3 10 DG A 8  ? DG A 8   . ? 1_555 ? 
24 AC3 10 DG A 8  ? DG A 8   . ? 4_665 ? 
25 AC3 10 DG A 14 ? DG A 14  . ? 4_665 ? 
26 AC3 10 DG A 14 ? DG A 14  . ? 1_555 ? 
27 AC3 10 DG A 20 ? DG A 20  . ? 1_555 ? 
28 AC3 10 DG A 20 ? DG A 20  . ? 4_665 ? 
29 AC3 10 K  C .  ? K  A 102 . ? 4_665 ? 
30 AC3 10 K  C .  ? K  A 102 . ? 1_555 ? 
# 
_atom_sites.entry_id                    6IP7 
_atom_sites.fract_transf_matrix[1][1]   -0.00509855 
_atom_sites.fract_transf_matrix[1][2]   0.00879898 
_atom_sites.fract_transf_matrix[1][3]   -0.01773425 
_atom_sites.fract_transf_matrix[2][1]   0.01290374 
_atom_sites.fract_transf_matrix[2][2]   0.01303705 
_atom_sites.fract_transf_matrix[2][3]   -0.00902469 
_atom_sites.fract_transf_matrix[3][1]   0.00988844 
_atom_sites.fract_transf_matrix[3][2]   -0.01790482 
_atom_sites.fract_transf_matrix[3][3]   -0.01172651 
_atom_sites.fract_transf_vector[1]      0.431012 
_atom_sites.fract_transf_vector[2]      0.388583 
_atom_sites.fract_transf_vector[3]      -0.087189 
# 
loop_
_atom_type.symbol 
C  
H  
K  
N  
O  
P  
SE 
# 
loop_
_atom_site.group_PDB 
_atom_site.id 
_atom_site.type_symbol 
_atom_site.label_atom_id 
_atom_site.label_alt_id 
_atom_site.label_comp_id 
_atom_site.label_asym_id 
_atom_site.label_entity_id 
_atom_site.label_seq_id 
_atom_site.pdbx_PDB_ins_code 
_atom_site.Cartn_x 
_atom_site.Cartn_y 
_atom_site.Cartn_z 
_atom_site.occupancy 
_atom_site.B_iso_or_equiv 
_atom_site.pdbx_formal_charge 
_atom_site.auth_seq_id 
_atom_site.auth_comp_id 
_atom_site.auth_asym_id 
_atom_site.auth_atom_id 
_atom_site.pdbx_PDB_model_num 
ATOM   1   O  "O5'"  . DA  A 1 1  ? -2.799  4.994   -14.504 1.00 39.19 ? 1   DA  A "O5'"  1 
ATOM   2   C  "C5'"  . DA  A 1 1  ? -3.373  5.205   -13.188 1.00 37.73 ? 1   DA  A "C5'"  1 
ATOM   3   C  "C4'"  . DA  A 1 1  ? -4.785  4.642   -13.130 1.00 37.05 ? 1   DA  A "C4'"  1 
ATOM   4   O  "O4'"  . DA  A 1 1  ? -5.689  5.487   -13.915 1.00 38.07 ? 1   DA  A "O4'"  1 
ATOM   5   C  "C3'"  . DA  A 1 1  ? -4.911  3.238   -13.706 1.00 35.87 ? 1   DA  A "C3'"  1 
ATOM   6   O  "O3'"  . DA  A 1 1  ? -4.798  2.251   -12.676 1.00 40.13 ? 1   DA  A "O3'"  1 
ATOM   7   C  "C2'"  . DA  A 1 1  ? -6.289  3.231   -14.375 1.00 34.60 ? 1   DA  A "C2'"  1 
ATOM   8   C  "C1'"  . DA  A 1 1  ? -6.480  4.678   -14.815 1.00 33.45 ? 1   DA  A "C1'"  1 
ATOM   9   N  N9     . DA  A 1 1  ? -6.035  4.962   -16.171 1.00 27.64 ? 1   DA  A N9     1 
ATOM   10  C  C8     . DA  A 1 1  ? -5.363  4.149   -17.044 1.00 34.99 ? 1   DA  A C8     1 
ATOM   11  N  N7     . DA  A 1 1  ? -5.067  4.741   -18.180 1.00 34.06 ? 1   DA  A N7     1 
ATOM   12  C  C5     . DA  A 1 1  ? -5.562  6.020   -18.012 1.00 27.71 ? 1   DA  A C5     1 
ATOM   13  C  C6     . DA  A 1 1  ? -5.553  7.172   -18.831 1.00 28.10 ? 1   DA  A C6     1 
ATOM   14  N  N6     . DA  A 1 1  ? -5.020  7.213   -20.051 1.00 38.40 ? 1   DA  A N6     1 
ATOM   15  N  N1     . DA  A 1 1  ? -6.116  8.282   -18.343 1.00 30.90 ? 1   DA  A N1     1 
ATOM   16  C  C2     . DA  A 1 1  ? -6.645  8.261   -17.126 1.00 30.12 ? 1   DA  A C2     1 
ATOM   17  N  N3     . DA  A 1 1  ? -6.713  7.250   -16.268 1.00 28.76 ? 1   DA  A N3     1 
ATOM   18  C  C4     . DA  A 1 1  ? -6.139  6.161   -16.777 1.00 32.22 ? 1   DA  A C4     1 
ATOM   19  H  "H5'"  . DA  A 1 1  ? -3.400  6.156   -12.998 1.00 45.28 ? 1   DA  A "H5'"  1 
ATOM   20  H  "H5''" . DA  A 1 1  ? -2.824  4.761   -12.523 1.00 45.28 ? 1   DA  A "H5''" 1 
ATOM   21  H  "H4'"  . DA  A 1 1  ? -5.084  4.632   -12.207 1.00 44.47 ? 1   DA  A "H4'"  1 
ATOM   22  H  "H3'"  . DA  A 1 1  ? -4.222  3.096   -14.373 1.00 43.04 ? 1   DA  A "H3'"  1 
ATOM   23  H  "H2'"  . DA  A 1 1  ? -6.292  2.638   -15.143 1.00 41.51 ? 1   DA  A "H2'"  1 
ATOM   24  H  "H2''" . DA  A 1 1  ? -6.974  2.974   -13.740 1.00 41.51 ? 1   DA  A "H2''" 1 
ATOM   25  H  "H1'"  . DA  A 1 1  ? -7.415  4.920   -14.725 1.00 40.15 ? 1   DA  A "H1'"  1 
ATOM   26  H  H8     . DA  A 1 1  ? -5.163  3.258   -16.864 1.00 41.99 ? 1   DA  A H8     1 
ATOM   27  H  H61    . DA  A 1 1  ? -5.042  7.942   -20.506 1.00 46.08 ? 1   DA  A H61    1 
ATOM   28  H  H62    . DA  A 1 1  ? -4.653  6.510   -20.383 1.00 46.08 ? 1   DA  A H62    1 
ATOM   29  H  H2     . DA  A 1 1  ? -7.029  9.059   -16.839 1.00 36.14 ? 1   DA  A H2     1 
ATOM   30  H  "HO5'" . DA  A 1 1  ? -2.056  5.336   -14.697 1.00 47.02 ? 1   DA  A "HO5'" 1 
ATOM   31  P  P      . DG  A 1 2  ? -4.310  0.774   -13.079 1.00 52.13 ? 2   DG  A P      1 
ATOM   32  O  OP1    . DG  A 1 2  ? -3.562  0.868   -14.363 1.00 50.47 ? 2   DG  A OP1    1 
ATOM   33  O  OP2    . DG  A 1 2  ? -5.488  -0.110  -12.957 1.00 55.88 ? 2   DG  A OP2    1 
ATOM   34  O  "O5'"  . DG  A 1 2  ? -3.222  0.389   -11.977 1.00 49.00 ? 2   DG  A "O5'"  1 
ATOM   35  C  "C5'"  . DG  A 1 2  ? -1.965  1.023   -12.005 1.00 36.54 ? 2   DG  A "C5'"  1 
ATOM   36  C  "C4'"  . DG  A 1 2  ? -0.840  0.034   -11.843 1.00 32.68 ? 2   DG  A "C4'"  1 
ATOM   37  O  "O4'"  . DG  A 1 2  ? 0.237   0.721   -11.181 1.00 27.28 ? 2   DG  A "O4'"  1 
ATOM   38  C  "C3'"  . DG  A 1 2  ? -1.152  -1.178  -10.974 1.00 37.88 ? 2   DG  A "C3'"  1 
ATOM   39  O  "O3'"  . DG  A 1 2  ? -1.471  -2.275  -11.745 1.00 42.08 ? 2   DG  A "O3'"  1 
ATOM   40  C  "C2'"  . DG  A 1 2  ? 0.124   -1.428  -10.219 1.00 32.37 ? 2   DG  A "C2'"  1 
ATOM   41  C  "C1'"  . DG  A 1 2  ? 0.776   -0.081  -10.171 1.00 30.36 ? 2   DG  A "C1'"  1 
ATOM   42  N  N9     . DG  A 1 2  ? 0.597   0.605   -8.898  1.00 22.71 ? 2   DG  A N9     1 
ATOM   43  C  C8     . DG  A 1 2  ? -0.225  1.673   -8.626  1.00 22.07 ? 2   DG  A C8     1 
ATOM   44  N  N7     . DG  A 1 2  ? -0.105  2.106   -7.399  1.00 21.12 ? 2   DG  A N7     1 
ATOM   45  C  C5     . DG  A 1 2  ? 0.834   1.264   -6.838  1.00 17.53 ? 2   DG  A C5     1 
ATOM   46  C  C6     . DG  A 1 2  ? 1.403   1.244   -5.554  1.00 16.99 ? 2   DG  A C6     1 
ATOM   47  O  O6     . DG  A 1 2  ? 1.156   1.960   -4.620  1.00 17.05 ? 2   DG  A O6     1 
ATOM   48  N  N1     . DG  A 1 2  ? 2.348   0.268   -5.407  1.00 18.63 ? 2   DG  A N1     1 
ATOM   49  C  C2     . DG  A 1 2  ? 2.712   -0.627  -6.397  1.00 20.73 ? 2   DG  A C2     1 
ATOM   50  N  N2     . DG  A 1 2  ? 3.615   -1.521  -6.095  1.00 22.24 ? 2   DG  A N2     1 
ATOM   51  N  N3     . DG  A 1 2  ? 2.201   -0.628  -7.596  1.00 21.78 ? 2   DG  A N3     1 
ATOM   52  C  C4     . DG  A 1 2  ? 1.290   0.353   -7.759  1.00 19.56 ? 2   DG  A C4     1 
ATOM   53  H  "H5'"  . DG  A 1 2  ? -1.922  1.672   -11.285 1.00 43.85 ? 2   DG  A "H5'"  1 
ATOM   54  H  "H5''" . DG  A 1 2  ? -1.862  1.484   -12.852 1.00 43.85 ? 2   DG  A "H5''" 1 
ATOM   55  H  "H4'"  . DG  A 1 2  ? -0.543  -0.263  -12.717 1.00 39.22 ? 2   DG  A "H4'"  1 
ATOM   56  H  "H3'"  . DG  A 1 2  ? -1.874  -0.975  -10.358 1.00 45.45 ? 2   DG  A "H3'"  1 
ATOM   57  H  "H2'"  . DG  A 1 2  ? -0.067  -1.748  -9.323  1.00 38.84 ? 2   DG  A "H2'"  1 
ATOM   58  H  "H2''" . DG  A 1 2  ? 0.683   -2.061  -10.697 1.00 38.84 ? 2   DG  A "H2''" 1 
ATOM   59  H  "H1'"  . DG  A 1 2  ? 1.725   -0.191  -10.335 1.00 36.43 ? 2   DG  A "H1'"  1 
ATOM   60  H  H8     . DG  A 1 2  ? -0.800  2.052   -9.251  1.00 26.48 ? 2   DG  A H8     1 
ATOM   61  H  H1     . DG  A 1 2  ? 2.710   0.175   -4.633  1.00 22.35 ? 2   DG  A H1     1 
ATOM   62  H  H21    . DG  A 1 2  ? 3.863   -2.098  -6.685  1.00 26.69 ? 2   DG  A H21    1 
ATOM   63  H  H22    . DG  A 1 2  ? 3.962   -1.533  -5.309  1.00 26.69 ? 2   DG  A H22    1 
ATOM   64  P  P      . DG  A 1 3  ? -2.164  -3.544  -11.054 1.00 40.80 ? 3   DG  A P      1 
ATOM   65  O  OP1    . DG  A 1 3  ? -2.509  -4.461  -12.156 1.00 42.45 ? 3   DG  A OP1    1 
ATOM   66  O  OP2    . DG  A 1 3  ? -3.173  -3.064  -10.072 1.00 38.84 ? 3   DG  A OP2    1 
ATOM   67  O  "O5'"  . DG  A 1 3  ? -1.015  -4.199  -10.155 1.00 41.89 ? 3   DG  A "O5'"  1 
ATOM   68  C  "C5'"  . DG  A 1 3  ? 0.123   -4.821  -10.716 1.00 35.64 ? 3   DG  A "C5'"  1 
ATOM   69  C  "C4'"  . DG  A 1 3  ? 0.812   -5.623  -9.633  1.00 33.13 ? 3   DG  A "C4'"  1 
ATOM   70  O  "O4'"  . DG  A 1 3  ? 1.316   -4.706  -8.594  1.00 31.84 ? 3   DG  A "O4'"  1 
ATOM   71  C  "C3'"  . DG  A 1 3  ? -0.149  -6.589  -8.942  1.00 36.45 ? 3   DG  A "C3'"  1 
ATOM   72  O  "O3'"  . DG  A 1 3  ? 0.397   -7.839  -8.750  1.00 32.69 ? 3   DG  A "O3'"  1 
ATOM   73  C  "C2'"  . DG  A 1 3  ? -0.451  -5.934  -7.627  1.00 35.00 ? 3   DG  A "C2'"  1 
ATOM   74  C  "C1'"  . DG  A 1 3  ? 0.784   -5.107  -7.340  1.00 33.94 ? 3   DG  A "C1'"  1 
ATOM   75  N  N9     . DG  A 1 3  ? 0.422   -3.939  -6.568  1.00 25.88 ? 3   DG  A N9     1 
ATOM   76  C  C8     . DG  A 1 3  ? -0.497  -2.989  -6.941  1.00 25.95 ? 3   DG  A C8     1 
ATOM   77  N  N7     . DG  A 1 3  ? -0.692  -2.086  -6.052  1.00 21.75 ? 3   DG  A N7     1 
ATOM   78  C  C5     . DG  A 1 3  ? 0.111   -2.465  -4.988  1.00 18.82 ? 3   DG  A C5     1 
ATOM   79  C  C6     . DG  A 1 3  ? 0.302   -1.830  -3.735  1.00 18.86 ? 3   DG  A C6     1 
ATOM   80  O  O6     . DG  A 1 3  ? -0.233  -0.791  -3.304  1.00 18.44 ? 3   DG  A O6     1 
ATOM   81  N  N1     . DG  A 1 3  ? 1.236   -2.518  -2.951  1.00 20.09 ? 3   DG  A N1     1 
ATOM   82  C  C2     . DG  A 1 3  ? 1.865   -3.672  -3.322  1.00 20.56 ? 3   DG  A C2     1 
ATOM   83  N  N2     . DG  A 1 3  ? 2.688   -4.189  -2.406  1.00 21.07 ? 3   DG  A N2     1 
ATOM   84  N  N3     . DG  A 1 3  ? 1.703   -4.275  -4.524  1.00 22.73 ? 3   DG  A N3     1 
ATOM   85  C  C4     . DG  A 1 3  ? 0.805   -3.617  -5.285  1.00 22.69 ? 3   DG  A C4     1 
ATOM   86  H  "H5'"  . DG  A 1 3  ? 0.729   -4.145  -11.057 1.00 42.76 ? 3   DG  A "H5'"  1 
ATOM   87  H  "H5''" . DG  A 1 3  ? -0.149  -5.411  -11.437 1.00 42.76 ? 3   DG  A "H5''" 1 
ATOM   88  H  "H4'"  . DG  A 1 3  ? 1.552   -6.119  -10.016 1.00 39.76 ? 3   DG  A "H4'"  1 
ATOM   89  H  "H3'"  . DG  A 1 3  ? -0.964  -6.664  -9.463  1.00 43.74 ? 3   DG  A "H3'"  1 
ATOM   90  H  "H2'"  . DG  A 1 3  ? -1.232  -5.365  -7.702  1.00 42.00 ? 3   DG  A "H2'"  1 
ATOM   91  H  "H2''" . DG  A 1 3  ? -0.579  -6.603  -6.937  1.00 42.00 ? 3   DG  A "H2''" 1 
ATOM   92  H  "H1'"  . DG  A 1 3  ? 1.436   -5.636  -6.856  1.00 40.73 ? 3   DG  A "H1'"  1 
ATOM   93  H  H8     . DG  A 1 3  ? -0.925  -2.992  -7.767  1.00 31.13 ? 3   DG  A H8     1 
ATOM   94  H  H1     . DG  A 1 3  ? 1.398   -2.211  -2.164  1.00 24.11 ? 3   DG  A H1     1 
ATOM   95  H  H21    . DG  A 1 3  ? 3.122   -4.912  -2.577  1.00 25.28 ? 3   DG  A H21    1 
ATOM   96  H  H22    . DG  A 1 3  ? 2.784   -3.800  -1.646  1.00 25.28 ? 3   DG  A H22    1 
ATOM   97  P  P      . DG  A 1 4  ? -0.537  -9.014  -8.183  1.00 37.86 ? 4   DG  A P      1 
ATOM   98  O  OP1    . DG  A 1 4  ? -0.082  -10.238 -8.877  1.00 43.30 ? 4   DG  A OP1    1 
ATOM   99  O  OP2    . DG  A 1 4  ? -1.936  -8.581  -8.144  1.00 41.90 ? 4   DG  A OP2    1 
ATOM   100 O  "O5'"  . DG  A 1 4  ? -0.065  -9.174  -6.676  1.00 34.71 ? 4   DG  A "O5'"  1 
ATOM   101 C  "C5'"  . DG  A 1 4  ? 1.281   -9.506  -6.432  1.00 38.54 ? 4   DG  A "C5'"  1 
ATOM   102 C  "C4'"  . DG  A 1 4  ? 1.500   -9.809  -4.975  1.00 35.17 ? 4   DG  A "C4'"  1 
ATOM   103 O  "O4'"  . DG  A 1 4  ? 1.427   -8.569  -4.216  1.00 29.18 ? 4   DG  A "O4'"  1 
ATOM   104 C  "C3'"  . DG  A 1 4  ? 0.465   -10.734 -4.354  1.00 34.58 ? 4   DG  A "C3'"  1 
ATOM   105 O  "O3'"  . DG  A 1 4  ? 1.073   -11.540 -3.378  1.00 36.15 ? 4   DG  A "O3'"  1 
ATOM   106 C  "C2'"  . DG  A 1 4  ? -0.534  -9.756  -3.753  1.00 33.80 ? 4   DG  A "C2'"  1 
ATOM   107 C  "C1'"  . DG  A 1 4  ? 0.382   -8.638  -3.279  1.00 31.39 ? 4   DG  A "C1'"  1 
ATOM   108 N  N9     . DG  A 1 4  ? -0.266  -7.344  -3.208  1.00 25.40 ? 4   DG  A N9     1 
ATOM   109 C  C8     . DG  A 1 4  ? -1.029  -6.746  -4.167  1.00 23.65 ? 4   DG  A C8     1 
ATOM   110 N  N7     . DG  A 1 4  ? -1.483  -5.565  -3.814  1.00 23.55 ? 4   DG  A N7     1 
ATOM   111 C  C5     . DG  A 1 4  ? -0.981  -5.389  -2.529  1.00 22.99 ? 4   DG  A C5     1 
ATOM   112 C  C6     . DG  A 1 4  ? -1.131  -4.310  -1.643  1.00 21.64 ? 4   DG  A C6     1 
ATOM   113 O  O6     . DG  A 1 4  ? -1.767  -3.269  -1.824  1.00 19.39 ? 4   DG  A O6     1 
ATOM   114 N  N1     . DG  A 1 4  ? -0.451  -4.527  -0.452  1.00 22.89 ? 4   DG  A N1     1 
ATOM   115 C  C2     . DG  A 1 4  ? 0.281   -5.661  -0.158  1.00 20.14 ? 4   DG  A C2     1 
ATOM   116 N  N2     . DG  A 1 4  ? 0.857   -5.727  1.060   1.00 23.11 ? 4   DG  A N2     1 
ATOM   117 N  N3     . DG  A 1 4  ? 0.431   -6.681  -0.998  1.00 21.27 ? 4   DG  A N3     1 
ATOM   118 C  C4     . DG  A 1 4  ? -0.217  -6.469  -2.153  1.00 20.64 ? 4   DG  A C4     1 
ATOM   119 H  "H5'"  . DG  A 1 4  ? 1.846   -8.763  -6.693  1.00 46.24 ? 4   DG  A "H5'"  1 
ATOM   120 H  "H5''" . DG  A 1 4  ? 1.518   -10.286 -6.961  1.00 46.24 ? 4   DG  A "H5''" 1 
ATOM   121 H  "H4'"  . DG  A 1 4  ? 2.382   -10.198 -4.862  1.00 42.20 ? 4   DG  A "H4'"  1 
ATOM   122 H  "H3'"  . DG  A 1 4  ? 0.042   -11.280 -5.035  1.00 41.49 ? 4   DG  A "H3'"  1 
ATOM   123 H  "H2'"  . DG  A 1 4  ? -1.153  -9.435  -4.426  1.00 40.56 ? 4   DG  A "H2'"  1 
ATOM   124 H  "H2''" . DG  A 1 4  ? -1.006  -10.158 -3.005  1.00 40.56 ? 4   DG  A "H2''" 1 
ATOM   125 H  "H1'"  . DG  A 1 4  ? 0.746   -8.866  -2.408  1.00 37.67 ? 4   DG  A "H1'"  1 
ATOM   126 H  H8     . DG  A 1 4  ? -1.206  -7.134  -4.994  1.00 28.38 ? 4   DG  A H8     1 
ATOM   127 H  H1     . DG  A 1 4  ? -0.501  -3.917  0.152   1.00 27.47 ? 4   DG  A H1     1 
ATOM   128 H  H21    . DG  A 1 4  ? 1.313   -6.422  1.282   1.00 27.73 ? 4   DG  A H21    1 
ATOM   129 H  H22    . DG  A 1 4  ? 0.769   -5.076  1.613   1.00 27.73 ? 4   DG  A H22    1 
ATOM   130 P  P      . DT  A 1 5  ? 0.767   -13.123 -3.300  1.00 41.86 ? 5   DT  A P      1 
ATOM   131 O  OP1    . DT  A 1 5  ? -0.686  -13.372 -3.377  1.00 42.59 ? 5   DT  A OP1    1 
ATOM   132 O  OP2    . DT  A 1 5  ? 1.621   -13.592 -2.198  1.00 44.30 ? 5   DT  A OP2    1 
ATOM   133 O  "O5'"  . DT  A 1 5  ? 1.327   -13.695 -4.668  1.00 43.12 ? 5   DT  A "O5'"  1 
ATOM   134 C  "C5'"  . DT  A 1 5  ? 2.693   -13.594 -4.988  1.00 41.99 ? 5   DT  A "C5'"  1 
ATOM   135 C  "C4'"  . DT  A 1 5  ? 2.897   -14.020 -6.428  1.00 42.75 ? 5   DT  A "C4'"  1 
ATOM   136 O  "O4'"  . DT  A 1 5  ? 2.550   -12.926 -7.313  1.00 43.01 ? 5   DT  A "O4'"  1 
ATOM   137 C  "C3'"  . DT  A 1 5  ? 4.312   -14.433 -6.801  1.00 46.00 ? 5   DT  A "C3'"  1 
ATOM   138 O  "O3'"  . DT  A 1 5  ? 4.265   -15.679 -7.478  1.00 51.13 ? 5   DT  A "O3'"  1 
ATOM   139 C  "C2'"  . DT  A 1 5  ? 4.805   -13.296 -7.698  1.00 43.83 ? 5   DT  A "C2'"  1 
ATOM   140 C  "C1'"  . DT  A 1 5  ? 3.512   -12.834 -8.335  1.00 46.91 ? 5   DT  A "C1'"  1 
ATOM   141 N  N1     . DT  A 1 5  ? 3.505   -11.428 -8.860  1.00 41.43 ? 5   DT  A N1     1 
ATOM   142 C  C2     . DT  A 1 5  ? 2.923   -11.189 -10.081 1.00 44.70 ? 5   DT  A C2     1 
ATOM   143 O  O2     . DT  A 1 5  ? 2.445   -12.068 -10.773 1.00 46.65 ? 5   DT  A O2     1 
ATOM   144 N  N3     . DT  A 1 5  ? 2.928   -9.886  -10.475 1.00 42.89 ? 5   DT  A N3     1 
ATOM   145 C  C4     . DT  A 1 5  ? 3.430   -8.806  -9.779  1.00 42.55 ? 5   DT  A C4     1 
ATOM   146 O  O4     . DT  A 1 5  ? 3.387   -7.665  -10.229 1.00 46.57 ? 5   DT  A O4     1 
ATOM   147 C  C5     . DT  A 1 5  ? 4.016   -9.112  -8.494  1.00 40.91 ? 5   DT  A C5     1 
ATOM   148 C  C7     . DT  A 1 5  ? 4.596   -8.010  -7.643  1.00 41.67 ? 5   DT  A C7     1 
ATOM   149 C  C6     . DT  A 1 5  ? 4.013   -10.394 -8.090  1.00 43.99 ? 5   DT  A C6     1 
ATOM   150 H  "H5'"  . DT  A 1 5  ? 3.207   -14.171 -4.403  1.00 50.39 ? 5   DT  A "H5'"  1 
ATOM   151 H  "H5''" . DT  A 1 5  ? 2.986   -12.676 -4.878  1.00 50.39 ? 5   DT  A "H5''" 1 
ATOM   152 H  "H4'"  . DT  A 1 5  ? 2.303   -14.764 -6.613  1.00 51.29 ? 5   DT  A "H4'"  1 
ATOM   153 H  "H3'"  . DT  A 1 5  ? 4.864   -14.500 -6.006  1.00 55.20 ? 5   DT  A "H3'"  1 
ATOM   154 H  "H2'"  . DT  A 1 5  ? 5.205   -12.586 -7.170  1.00 52.60 ? 5   DT  A "H2'"  1 
ATOM   155 H  "H2''" . DT  A 1 5  ? 5.424   -13.626 -8.367  1.00 52.60 ? 5   DT  A "H2''" 1 
ATOM   156 H  "H1'"  . DT  A 1 5  ? 3.275   -13.442 -9.052  1.00 56.29 ? 5   DT  A "H1'"  1 
ATOM   157 H  H3     . DT  A 1 5  ? 2.579   -9.717  -11.243 1.00 51.46 ? 5   DT  A H3     1 
ATOM   158 H  H71    . DT  A 1 5  ? 4.128   -7.977  -6.794  1.00 50.00 ? 5   DT  A H71    1 
ATOM   159 H  H72    . DT  A 1 5  ? 5.537   -8.183  -7.486  1.00 50.00 ? 5   DT  A H72    1 
ATOM   160 H  H73    . DT  A 1 5  ? 4.496   -7.161  -8.101  1.00 50.00 ? 5   DT  A H73    1 
ATOM   161 H  H6     . DT  A 1 5  ? 4.389   -10.598 -7.264  1.00 52.79 ? 5   DT  A H6     1 
ATOM   162 P  P      . DT  A 1 6  ? 5.151   -16.907 -6.947  1.00 50.04 ? 6   DT  A P      1 
ATOM   163 O  OP1    . DT  A 1 6  ? 4.733   -18.074 -7.764  1.00 53.62 ? 6   DT  A OP1    1 
ATOM   164 O  OP2    . DT  A 1 6  ? 5.063   -16.969 -5.470  1.00 48.41 ? 6   DT  A OP2    1 
ATOM   165 O  "O5'"  . DT  A 1 6  ? 6.629   -16.478 -7.355  1.00 47.18 ? 6   DT  A "O5'"  1 
ATOM   166 C  "C5'"  . DT  A 1 6  ? 7.728   -16.808 -6.536  1.00 47.81 ? 6   DT  A "C5'"  1 
ATOM   167 C  "C4'"  . DT  A 1 6  ? 8.981   -16.125 -7.047  1.00 48.04 ? 6   DT  A "C4'"  1 
ATOM   168 O  "O4'"  . DT  A 1 6  ? 9.155   -16.396 -8.464  1.00 50.16 ? 6   DT  A "O4'"  1 
ATOM   169 C  "C3'"  . DT  A 1 6  ? 8.948   -14.619 -6.952  1.00 44.83 ? 6   DT  A "C3'"  1 
ATOM   170 O  "O3'"  . DT  A 1 6  ? 9.353   -14.207 -5.690  1.00 50.02 ? 6   DT  A "O3'"  1 
ATOM   171 C  "C2'"  . DT  A 1 6  ? 9.916   -14.196 -8.040  1.00 45.43 ? 6   DT  A "C2'"  1 
ATOM   172 C  "C1'"  . DT  A 1 6  ? 9.684   -15.247 -9.115  1.00 44.63 ? 6   DT  A "C1'"  1 
ATOM   173 N  N1     . DT  A 1 6  ? 8.730   -14.812 -10.161 1.00 36.63 ? 6   DT  A N1     1 
ATOM   174 C  C2     . DT  A 1 6  ? 9.159   -13.947 -11.130 1.00 37.07 ? 6   DT  A C2     1 
ATOM   175 O  O2     . DT  A 1 6  ? 10.290  -13.499 -11.167 1.00 40.79 ? 6   DT  A O2     1 
ATOM   176 N  N3     . DT  A 1 6  ? 8.218   -13.619 -12.059 1.00 37.13 ? 6   DT  A N3     1 
ATOM   177 C  C4     . DT  A 1 6  ? 6.913   -14.064 -12.114 1.00 38.02 ? 6   DT  A C4     1 
ATOM   178 O  O4     . DT  A 1 6  ? 6.136   -13.702 -12.993 1.00 45.00 ? 6   DT  A O4     1 
ATOM   179 C  C5     . DT  A 1 6  ? 6.530   -14.984 -11.070 1.00 37.71 ? 6   DT  A C5     1 
ATOM   180 C  C7     . DT  A 1 6  ? 5.138   -15.538 -11.022 1.00 44.19 ? 6   DT  A C7     1 
ATOM   181 C  C6     . DT  A 1 6  ? 7.447   -15.312 -10.155 1.00 37.04 ? 6   DT  A C6     1 
ATOM   182 H  "H5'"  . DT  A 1 6  ? 7.859   -17.769 -6.544  1.00 57.37 ? 6   DT  A "H5'"  1 
ATOM   183 H  "H5''" . DT  A 1 6  ? 7.551   -16.516 -5.628  1.00 57.37 ? 6   DT  A "H5''" 1 
ATOM   184 H  "H4'"  . DT  A 1 6  ? 9.749   -16.461 -6.560  1.00 57.65 ? 6   DT  A "H4'"  1 
ATOM   185 H  "H3'"  . DT  A 1 6  ? 8.057   -14.289 -7.147  1.00 53.79 ? 6   DT  A "H3'"  1 
ATOM   186 H  "H2'"  . DT  A 1 6  ? 9.696   -13.310 -8.371  1.00 54.52 ? 6   DT  A "H2'"  1 
ATOM   187 H  "H2''" . DT  A 1 6  ? 10.830  -14.228 -7.718  1.00 54.52 ? 6   DT  A "H2''" 1 
ATOM   188 H  "H1'"  . DT  A 1 6  ? 10.531  -15.475 -9.529  1.00 53.55 ? 6   DT  A "H1'"  1 
ATOM   189 H  H3     . DT  A 1 6  ? 8.462   -13.069 -12.673 1.00 44.55 ? 6   DT  A H3     1 
ATOM   190 H  H71    . DT  A 1 6  ? 4.621   -15.180 -11.760 1.00 53.02 ? 6   DT  A H71    1 
ATOM   191 H  H72    . DT  A 1 6  ? 5.172   -16.505 -11.090 1.00 53.02 ? 6   DT  A H72    1 
ATOM   192 H  H73    . DT  A 1 6  ? 4.720   -15.288 -10.183 1.00 53.02 ? 6   DT  A H73    1 
ATOM   193 H  H6     . DT  A 1 6  ? 7.205   -15.903 -9.478  1.00 44.45 ? 6   DT  A H6     1 
ATOM   194 P  P      . DA  A 1 7  ? 8.553   -13.031 -4.948  1.00 48.99 ? 7   DA  A P      1 
ATOM   195 O  OP1    . DA  A 1 7  ? 9.193   -12.922 -3.615  1.00 51.51 ? 7   DA  A OP1    1 
ATOM   196 O  OP2    . DA  A 1 7  ? 7.103   -13.294 -5.083  1.00 48.68 ? 7   DA  A OP2    1 
ATOM   197 O  "O5'"  . DA  A 1 7  ? 8.851   -11.748 -5.843  1.00 46.26 ? 7   DA  A "O5'"  1 
ATOM   198 C  "C5'"  . DA  A 1 7  ? 10.159  -11.261 -5.959  1.00 43.24 ? 7   DA  A "C5'"  1 
ATOM   199 C  "C4'"  . DA  A 1 7  ? 10.144  -9.843  -6.475  1.00 43.25 ? 7   DA  A "C4'"  1 
ATOM   200 O  "O4'"  . DA  A 1 7  ? 9.705   -9.833  -7.850  1.00 44.44 ? 7   DA  A "O4'"  1 
ATOM   201 C  "C3'"  . DA  A 1 7  ? 9.187   -8.926  -5.734  1.00 41.34 ? 7   DA  A "C3'"  1 
ATOM   202 O  "O3'"  . DA  A 1 7  ? 9.763   -7.643  -5.591  1.00 39.92 ? 7   DA  A "O3'"  1 
ATOM   203 C  "C2'"  . DA  A 1 7  ? 7.946   -8.934  -6.608  1.00 44.78 ? 7   DA  A "C2'"  1 
ATOM   204 C  "C1'"  . DA  A 1 7  ? 8.539   -9.050  -7.991  1.00 39.71 ? 7   DA  A "C1'"  1 
ATOM   205 N  N9     . DA  A 1 7  ? 7.691   -9.696  -8.965  1.00 35.83 ? 7   DA  A N9     1 
ATOM   206 C  C8     . DA  A 1 7  ? 7.359   -11.021 -9.012  1.00 43.18 ? 7   DA  A C8     1 
ATOM   207 N  N7     . DA  A 1 7  ? 6.612   -11.338 -10.038 1.00 38.23 ? 7   DA  A N7     1 
ATOM   208 C  C5     . DA  A 1 7  ? 6.472   -10.148 -10.731 1.00 41.82 ? 7   DA  A C5     1 
ATOM   209 C  C6     . DA  A 1 7  ? 5.801   -9.817  -11.918 1.00 40.53 ? 7   DA  A C6     1 
ATOM   210 N  N6     . DA  A 1 7  ? 5.114   -10.701 -12.638 1.00 46.10 ? 7   DA  A N6     1 
ATOM   211 N  N1     . DA  A 1 7  ? 5.850   -8.533  -12.334 1.00 42.21 ? 7   DA  A N1     1 
ATOM   212 C  C2     . DA  A 1 7  ? 6.538   -7.648  -11.604 1.00 40.11 ? 7   DA  A C2     1 
ATOM   213 N  N3     . DA  A 1 7  ? 7.208   -7.840  -10.467 1.00 38.96 ? 7   DA  A N3     1 
ATOM   214 C  C4     . DA  A 1 7  ? 7.136   -9.126  -10.083 1.00 39.63 ? 7   DA  A C4     1 
ATOM   215 H  "H5'"  . DA  A 1 7  ? 10.657  -11.821 -6.575  1.00 51.89 ? 7   DA  A "H5'"  1 
ATOM   216 H  "H5''" . DA  A 1 7  ? 10.588  -11.280 -5.089  1.00 51.89 ? 7   DA  A "H5''" 1 
ATOM   217 H  "H4'"  . DA  A 1 7  ? 11.040  -9.477  -6.424  1.00 51.90 ? 7   DA  A "H4'"  1 
ATOM   218 H  "H3'"  . DA  A 1 7  ? 8.982   -9.297  -4.862  1.00 49.60 ? 7   DA  A "H3'"  1 
ATOM   219 H  "H2'"  . DA  A 1 7  ? 7.386   -9.701  -6.407  1.00 53.73 ? 7   DA  A "H2'"  1 
ATOM   220 H  "H2''" . DA  A 1 7  ? 7.450   -8.105  -6.513  1.00 53.73 ? 7   DA  A "H2''" 1 
ATOM   221 H  "H1'"  . DA  A 1 7  ? 8.782   -8.168  -8.312  1.00 47.66 ? 7   DA  A "H1'"  1 
ATOM   222 H  H8     . DA  A 1 7  ? 7.620   -11.635 -8.363  1.00 51.81 ? 7   DA  A H8     1 
ATOM   223 H  H61    . DA  A 1 7  ? 4.711   -10.451 -13.355 1.00 55.32 ? 7   DA  A H61    1 
ATOM   224 H  H62    . DA  A 1 7  ? 5.073   -11.522 -12.385 1.00 55.32 ? 7   DA  A H62    1 
ATOM   225 H  H2     . DA  A 1 7  ? 6.545   -6.778  -11.932 1.00 48.13 ? 7   DA  A H2     1 
ATOM   226 P  P      . DG  A 1 8  ? 10.690  -7.373  -4.314  1.00 40.94 ? 8   DG  A P      1 
ATOM   227 O  OP1    . DG  A 1 8  ? 11.560  -6.199  -4.566  1.00 40.14 ? 8   DG  A OP1    1 
ATOM   228 O  OP2    . DG  A 1 8  ? 11.282  -8.654  -3.848  1.00 46.78 ? 8   DG  A OP2    1 
ATOM   229 O  "O5'"  . DG  A 1 8  ? 9.637   -7.011  -3.211  1.00 41.28 ? 8   DG  A "O5'"  1 
ATOM   230 C  "C5'"  . DG  A 1 8  ? 8.966   -5.812  -3.305  1.00 39.36 ? 8   DG  A "C5'"  1 
ATOM   231 C  "C4'"  . DG  A 1 8  ? 8.674   -5.320  -1.929  1.00 27.37 ? 8   DG  A "C4'"  1 
ATOM   232 O  "O4'"  . DG  A 1 8  ? 8.204   -3.929  -2.023  1.00 30.29 ? 8   DG  A "O4'"  1 
ATOM   233 C  "C3'"  . DG  A 1 8  ? 7.591   -6.124  -1.228  1.00 35.43 ? 8   DG  A "C3'"  1 
ATOM   234 O  "O3'"  . DG  A 1 8  ? 7.941   -6.416  0.120   1.00 44.79 ? 8   DG  A "O3'"  1 
ATOM   235 C  "C2'"  . DG  A 1 8  ? 6.388   -5.210  -1.326  1.00 34.31 ? 8   DG  A "C2'"  1 
ATOM   236 C  "C1'"  . DG  A 1 8  ? 7.017   -3.827  -1.303  1.00 30.46 ? 8   DG  A "C1'"  1 
ATOM   237 N  N9     . DG  A 1 8  ? 6.156   -2.838  -1.930  1.00 24.18 ? 8   DG  A N9     1 
ATOM   238 C  C8     . DG  A 1 8  ? 5.631   -2.889  -3.196  1.00 25.92 ? 8   DG  A C8     1 
ATOM   239 N  N7     . DG  A 1 8  ? 4.820   -1.886  -3.462  1.00 20.17 ? 8   DG  A N7     1 
ATOM   240 C  C5     . DG  A 1 8  ? 4.825   -1.149  -2.296  1.00 18.92 ? 8   DG  A C5     1 
ATOM   241 C  C6     . DG  A 1 8  ? 4.125   0.025   -1.974  1.00 17.17 ? 8   DG  A C6     1 
ATOM   242 O  O6     . DG  A 1 8  ? 3.348   0.653   -2.686  1.00 18.04 ? 8   DG  A O6     1 
ATOM   243 N  N1     . DG  A 1 8  ? 4.357   0.439   -0.679  1.00 17.89 ? 8   DG  A N1     1 
ATOM   244 C  C2     . DG  A 1 8  ? 5.183   -0.188  0.215   1.00 18.63 ? 8   DG  A C2     1 
ATOM   245 N  N2     . DG  A 1 8  ? 5.296   0.379   1.417   1.00 21.41 ? 8   DG  A N2     1 
ATOM   246 N  N3     . DG  A 1 8  ? 5.858   -1.284  -0.064  1.00 22.34 ? 8   DG  A N3     1 
ATOM   247 C  C4     . DG  A 1 8  ? 5.602   -1.726  -1.332  1.00 20.70 ? 8   DG  A C4     1 
ATOM   248 H  "H5'"  . DG  A 1 8  ? 8.136   -5.940  -3.789  1.00 47.23 ? 8   DG  A "H5'"  1 
ATOM   249 H  "H5''" . DG  A 1 8  ? 9.519   -5.166  -3.771  1.00 47.23 ? 8   DG  A "H5''" 1 
ATOM   250 H  "H4'"  . DG  A 1 8  ? 9.486   -5.347  -1.400  1.00 32.84 ? 8   DG  A "H4'"  1 
ATOM   251 H  "H3'"  . DG  A 1 8  ? 7.423   -6.946  -1.713  1.00 42.52 ? 8   DG  A "H3'"  1 
ATOM   252 H  "H2'"  . DG  A 1 8  ? 5.912   -5.358  -2.158  1.00 41.18 ? 8   DG  A "H2'"  1 
ATOM   253 H  "H2''" . DG  A 1 8  ? 5.799   -5.333  -0.565  1.00 41.18 ? 8   DG  A "H2''" 1 
ATOM   254 H  "H1'"  . DG  A 1 8  ? 7.208   -3.567  -0.389  1.00 36.55 ? 8   DG  A "H1'"  1 
ATOM   255 H  H8     . DG  A 1 8  ? 5.834   -3.559  -3.808  1.00 31.10 ? 8   DG  A H8     1 
ATOM   256 H  H1     . DG  A 1 8  ? 3.976   1.166   -0.422  1.00 21.47 ? 8   DG  A H1     1 
ATOM   257 H  H21    . DG  A 1 8  ? 5.809   0.029   2.012   1.00 25.70 ? 8   DG  A H21    1 
ATOM   258 H  H22    . DG  A 1 8  ? 4.854   1.095   1.598   1.00 25.70 ? 8   DG  A H22    1 
ATOM   259 P  P      . DG  A 1 9  ? 7.373   -7.730  0.858   1.00 46.11 ? 9   DG  A P      1 
ATOM   260 O  OP1    . DG  A 1 9  ? 8.555   -8.342  1.498   1.00 51.87 ? 9   DG  A OP1    1 
ATOM   261 O  OP2    . DG  A 1 9  ? 6.493   -8.505  -0.038  1.00 43.33 ? 9   DG  A OP2    1 
ATOM   262 O  "O5'"  . DG  A 1 9  ? 6.369   -7.133  1.965   1.00 45.32 ? 9   DG  A "O5'"  1 
ATOM   263 C  "C5'"  . DG  A 1 9  ? 6.887   -6.794  3.196   1.00 43.97 ? 9   DG  A "C5'"  1 
ATOM   264 C  "C4'"  . DG  A 1 9  ? 6.148   -5.644  3.844   1.00 32.39 ? 9   DG  A "C4'"  1 
ATOM   265 O  "O4'"  . DG  A 1 9  ? 5.961   -4.544  2.929   1.00 31.30 ? 9   DG  A "O4'"  1 
ATOM   266 C  "C3'"  . DG  A 1 9  ? 4.766   -5.937  4.359   1.00 31.79 ? 9   DG  A "C3'"  1 
ATOM   267 O  "O3'"  . DG  A 1 9  ? 4.829   -6.625  5.596   1.00 32.44 ? 9   DG  A "O3'"  1 
ATOM   268 C  "C2'"  . DG  A 1 9  ? 4.208   -4.539  4.509   1.00 33.14 ? 9   DG  A "C2'"  1 
ATOM   269 C  "C1'"  . DG  A 1 9  ? 4.903   -3.746  3.414   1.00 27.49 ? 9   DG  A "C1'"  1 
ATOM   270 N  N9     . DG  A 1 9  ? 4.047   -3.365  2.287   1.00 24.68 ? 9   DG  A N9     1 
ATOM   271 C  C8     . DG  A 1 9  ? 3.976   -3.951  1.048   1.00 23.03 ? 9   DG  A C8     1 
ATOM   272 N  N7     . DG  A 1 9  ? 3.165   -3.345  0.222   1.00 19.76 ? 9   DG  A N7     1 
ATOM   273 C  C5     . DG  A 1 9  ? 2.669   -2.280  0.974   1.00 17.23 ? 9   DG  A C5     1 
ATOM   274 C  C6     . DG  A 1 9  ? 1.762   -1.255  0.615   1.00 16.37 ? 9   DG  A C6     1 
ATOM   275 O  O6     . DG  A 1 9  ? 1.205   -1.092  -0.484  1.00 18.23 ? 9   DG  A O6     1 
ATOM   276 N  N1     . DG  A 1 9  ? 1.558   -0.365  1.651   1.00 19.27 ? 9   DG  A N1     1 
ATOM   277 C  C2     . DG  A 1 9  ? 2.159   -0.464  2.911   1.00 19.93 ? 9   DG  A C2     1 
ATOM   278 N  N2     . DG  A 1 9  ? 1.822   0.442   3.841   1.00 21.15 ? 9   DG  A N2     1 
ATOM   279 N  N3     . DG  A 1 9  ? 2.996   -1.409  3.242   1.00 21.19 ? 9   DG  A N3     1 
ATOM   280 C  C4     . DG  A 1 9  ? 3.217   -2.271  2.236   1.00 20.67 ? 9   DG  A C4     1 
ATOM   281 H  "H5'"  . DG  A 1 9  ? 7.819   -6.544  3.086   1.00 52.77 ? 9   DG  A "H5'"  1 
ATOM   282 H  "H5''" . DG  A 1 9  ? 6.838   -7.567  3.781   1.00 52.77 ? 9   DG  A "H5''" 1 
ATOM   283 H  "H4'"  . DG  A 1 9  ? 6.683   -5.328  4.589   1.00 38.87 ? 9   DG  A "H4'"  1 
ATOM   284 H  "H3'"  . DG  A 1 9  ? 4.258   -6.443  3.706   1.00 38.15 ? 9   DG  A "H3'"  1 
ATOM   285 H  "H2'"  . DG  A 1 9  ? 3.247   -4.540  4.371   1.00 39.77 ? 9   DG  A "H2'"  1 
ATOM   286 H  "H2''" . DG  A 1 9  ? 4.426   -4.178  5.382   1.00 39.77 ? 9   DG  A "H2''" 1 
ATOM   287 H  "H1'"  . DG  A 1 9  ? 5.277   -2.940  3.806   1.00 32.98 ? 9   DG  A "H1'"  1 
ATOM   288 H  H8     . DG  A 1 9  ? 4.465   -4.708  0.816   1.00 27.63 ? 9   DG  A H8     1 
ATOM   289 H  H1     . DG  A 1 9  ? 0.995   0.273   1.524   1.00 23.12 ? 9   DG  A H1     1 
ATOM   290 H  H21    . DG  A 1 9  ? 2.157   0.392   4.631   1.00 25.38 ? 9   DG  A H21    1 
ATOM   291 H  H22    . DG  A 1 9  ? 1.273   1.075   3.647   1.00 25.38 ? 9   DG  A H22    1 
ATOM   292 P  P      . DG  A 1 10 ? 3.535   -7.345  6.209   1.00 33.74 ? 10  DG  A P      1 
ATOM   293 O  OP1    . DG  A 1 10 ? 4.052   -8.261  7.256   1.00 43.74 ? 10  DG  A OP1    1 
ATOM   294 O  OP2    . DG  A 1 10 ? 2.649   -7.859  5.141   1.00 33.37 ? 10  DG  A OP2    1 
ATOM   295 O  "O5'"  . DG  A 1 10 ? 2.728   -6.145  6.906   1.00 31.69 ? 10  DG  A "O5'"  1 
ATOM   296 C  "C5'"  . DG  A 1 10 ? 3.354   -5.288  7.857   1.00 30.37 ? 10  DG  A "C5'"  1 
ATOM   297 C  "C4'"  . DG  A 1 10 ? 2.355   -4.269  8.369   1.00 32.23 ? 10  DG  A "C4'"  1 
ATOM   298 O  "O4'"  . DG  A 1 10 ? 1.946   -3.404  7.254   1.00 32.78 ? 10  DG  A "O4'"  1 
ATOM   299 C  "C3'"  . DG  A 1 10 ? 1.080   -4.873  8.925   1.00 30.01 ? 10  DG  A "C3'"  1 
ATOM   300 O  "O3'"  . DG  A 1 10 ? 0.565   -4.092  9.995   1.00 32.40 ? 10  DG  A "O3'"  1 
ATOM   301 C  "C2'"  . DG  A 1 10 ? 0.167   -4.852  7.718   1.00 27.82 ? 10  DG  A "C2'"  1 
ATOM   302 C  "C1'"  . DG  A 1 10 ? 0.571   -3.537  7.049   1.00 28.33 ? 10  DG  A "C1'"  1 
ATOM   303 N  N9     . DG  A 1 10 ? 0.326   -3.495  5.618   1.00 23.10 ? 10  DG  A N9     1 
ATOM   304 C  C8     . DG  A 1 10 ? 0.830   -4.340  4.680   1.00 24.38 ? 10  DG  A C8     1 
ATOM   305 N  N7     . DG  A 1 10 ? 0.431   -4.056  3.460   1.00 20.76 ? 10  DG  A N7     1 
ATOM   306 C  C5     . DG  A 1 10 ? -0.337  -2.929  3.614   1.00 20.18 ? 10  DG  A C5     1 
ATOM   307 C  C6     . DG  A 1 10 ? -1.019  -2.166  2.653   1.00 19.53 ? 10  DG  A C6     1 
ATOM   308 O  O6     . DG  A 1 10 ? -1.062  -2.402  1.433   1.00 19.96 ? 10  DG  A O6     1 
ATOM   309 N  N1     . DG  A 1 10 ? -1.710  -1.088  3.231   1.00 20.61 ? 10  DG  A N1     1 
ATOM   310 C  C2     . DG  A 1 10 ? -1.718  -0.810  4.576   1.00 20.22 ? 10  DG  A C2     1 
ATOM   311 N  N2     . DG  A 1 10 ? -2.433  0.246   4.973   1.00 22.45 ? 10  DG  A N2     1 
ATOM   312 N  N3     . DG  A 1 10 ? -1.063  -1.519  5.465   1.00 21.19 ? 10  DG  A N3     1 
ATOM   313 C  C4     . DG  A 1 10 ? -0.397  -2.542  4.929   1.00 19.28 ? 10  DG  A C4     1 
ATOM   314 H  "H5'"  . DG  A 1 10 ? 4.096   -4.828  7.436   1.00 36.45 ? 10  DG  A "H5'"  1 
ATOM   315 H  "H5''" . DG  A 1 10 ? 3.683   -5.818  8.600   1.00 36.45 ? 10  DG  A "H5''" 1 
ATOM   316 H  "H4'"  . DG  A 1 10 ? 2.777   -3.727  9.054   1.00 38.68 ? 10  DG  A "H4'"  1 
ATOM   317 H  "H3'"  . DG  A 1 10 ? 1.237   -5.786  9.214   1.00 36.01 ? 10  DG  A "H3'"  1 
ATOM   318 H  "H2'"  . DG  A 1 10 ? 0.345   -5.606  7.135   1.00 33.39 ? 10  DG  A "H2'"  1 
ATOM   319 H  "H2''" . DG  A 1 10 ? -0.764  -4.830  7.989   1.00 33.39 ? 10  DG  A "H2''" 1 
ATOM   320 H  "H1'"  . DG  A 1 10 ? 0.108   -2.801  7.478   1.00 33.99 ? 10  DG  A "H1'"  1 
ATOM   321 H  H8     . DG  A 1 10 ? 1.368   -5.070  4.885   1.00 29.25 ? 10  DG  A H8     1 
ATOM   322 H  H1     . DG  A 1 10 ? -2.159  -0.572  2.710   1.00 24.74 ? 10  DG  A H1     1 
ATOM   323 H  H21    . DG  A 1 10 ? -2.462  0.458   5.806   1.00 26.94 ? 10  DG  A H21    1 
ATOM   324 H  H22    . DG  A 1 10 ? -2.865  0.715   4.396   1.00 26.94 ? 10  DG  A H22    1 
HETATM 325 P  P      d AWC A 1 11 ? 0.027   -4.806  11.313  1.00 32.36 ? 11  AWC A P      1 
HETATM 326 C  "C5'"  d AWC A 1 11 ? 2.215   -3.971  12.519  1.00 35.32 ? 11  AWC A "C5'"  1 
HETATM 327 O  "O5'"  d AWC A 1 11 ? 1.380   -5.062  12.156  1.00 33.34 ? 11  AWC A "O5'"  1 
HETATM 328 C  "C4'"  d AWC A 1 11 ? 3.327   -4.734  13.236  1.00 39.61 ? 11  AWC A "C4'"  1 
HETATM 329 O  "O4'"  d AWC A 1 11 ? 4.004   -5.561  12.283  1.00 39.97 ? 11  AWC A "O4'"  1 
HETATM 330 C  "C3'"  d AWC A 1 11 ? 4.361   -3.817  13.831  1.00 43.92 ? 11  AWC A "C3'"  1 
HETATM 331 O  "O3'"  d AWC A 1 11 ? 4.615   -4.361  15.134  1.00 45.49 ? 11  AWC A "O3'"  1 
HETATM 332 C  "C2'"  d AWC A 1 11 ? 5.575   -3.933  12.942  1.00 40.44 ? 11  AWC A "C2'"  1 
HETATM 333 C  "C1'"  d AWC A 1 11 ? 5.428   -5.386  12.507  1.00 38.89 ? 11  AWC A "C1'"  1 
HETATM 334 N  N1     d AWC A 1 11 ? 6.155   -5.775  11.269  1.00 44.19 ? 11  AWC A N1     1 
HETATM 335 C  C2     d AWC A 1 11 ? 6.627   -7.042  11.181  1.00 50.20 ? 11  AWC A C2     1 
HETATM 336 O  O2     d AWC A 1 11 ? 6.477   -7.852  12.107  1.00 53.14 ? 11  AWC A O2     1 
HETATM 337 N  N3     d AWC A 1 11 ? 7.314   -7.460  10.028  1.00 49.11 ? 11  AWC A N3     1 
HETATM 338 C  C4     d AWC A 1 11 ? 7.513   -6.580  8.948   1.00 44.53 ? 11  AWC A C4     1 
HETATM 339 O  O4     d AWC A 1 11 ? 8.119   -7.044  7.980   1.00 42.94 ? 11  AWC A O4     1 
HETATM 340 C  C5     d AWC A 1 11 ? 7.017   -5.261  9.021   1.00 38.72 ? 11  AWC A C5     1 
HETATM 341 C  C6     d AWC A 1 11 ? 6.335   -4.863  10.183  1.00 39.52 ? 11  AWC A C6     1 
HETATM 342 O  OP1    d AWC A 1 11 ? -0.715  -6.067  11.051  1.00 34.39 ? 11  AWC A OP1    1 
HETATM 343 O  OP2    d AWC A 1 11 ? -0.760  -3.766  11.998  1.00 41.29 ? 11  AWC A OP2    1 
HETATM 344 C  C7     d AWC A 1 11 ? 7.179   -4.386  8.013   1.00 35.68 ? 11  AWC A C7     1 
HETATM 345 C  C8     d AWC A 1 11 ? 6.664   -3.145  7.920   1.00 35.38 ? 11  AWC A C8     1 
HETATM 346 C  C9     d AWC A 1 11 ? 6.961   -2.406  6.799   1.00 33.72 ? 11  AWC A C9     1 
HETATM 347 C  C10    d AWC A 1 11 ? 7.740   -2.968  5.851   1.00 31.80 ? 11  AWC A C10    1 
HETATM 348 SE SE     d AWC A 1 11 ? 8.204   -4.728  6.449   1.00 35.08 ? 11  AWC A SE     1 
HETATM 349 H  H5S    d AWC A 1 11 ? 1.756   -3.371  13.127  1.00 42.39 ? 11  AWC A H5S    1 
HETATM 350 H  "H5'"  d AWC A 1 11 ? 2.543   -3.499  11.739  1.00 42.39 ? 11  AWC A "H5'"  1 
HETATM 351 H  "H4'"  d AWC A 1 11 ? 2.947   -5.284  13.938  1.00 47.53 ? 11  AWC A "H4'"  1 
HETATM 352 H  "H3'"  d AWC A 1 11 ? 4.041   -2.901  13.867  1.00 52.71 ? 11  AWC A "H3'"  1 
HETATM 353 H  H5T    d AWC A 1 11 ? 6.393   -3.777  13.440  1.00 48.53 ? 11  AWC A H5T    1 
HETATM 354 H  "H2'"  d AWC A 1 11 ? 5.510   -3.334  12.182  1.00 48.53 ? 11  AWC A "H2'"  1 
HETATM 355 H  "H1'"  d AWC A 1 11 ? 5.658   -5.953  13.259  1.00 46.67 ? 11  AWC A "H1'"  1 
HETATM 356 H  H3     d AWC A 1 11 ? 7.613   -8.264  9.981   1.00 58.93 ? 11  AWC A H3     1 
HETATM 357 H  H6     d AWC A 1 11 ? 6.003   -3.996  10.247  1.00 47.42 ? 11  AWC A H6     1 
HETATM 358 H  H8     d AWC A 1 11 ? 6.133   -2.794  8.597   1.00 42.46 ? 11  AWC A H8     1 
HETATM 359 H  H9     d AWC A 1 11 ? 6.626   -1.544  6.693   1.00 40.46 ? 11  AWC A H9     1 
HETATM 360 H  H10    d AWC A 1 11 ? 8.005   -2.572  5.052   1.00 38.15 ? 11  AWC A H10    1 
ATOM   361 P  P      . DT  A 1 12 ? 4.294   -3.517  16.337  1.00 41.60 ? 12  DT  A P      1 
ATOM   362 O  OP1    . DT  A 1 12 ? 4.766   -4.271  17.533  1.00 46.03 ? 12  DT  A OP1    1 
ATOM   363 O  OP2    . DT  A 1 12 ? 2.908   -2.987  16.290  1.00 42.29 ? 12  DT  A OP2    1 
ATOM   364 O  "O5'"  . DT  A 1 12 ? 5.229   -2.261  16.115  1.00 44.79 ? 12  DT  A "O5'"  1 
ATOM   365 C  "C5'"  . DT  A 1 12 ? 4.851   -1.014  16.606  1.00 41.17 ? 12  DT  A "C5'"  1 
ATOM   366 C  "C4'"  . DT  A 1 12 ? 5.933   -0.007  16.309  1.00 39.30 ? 12  DT  A "C4'"  1 
ATOM   367 O  "O4'"  . DT  A 1 12 ? 7.217   -0.488  16.822  1.00 45.21 ? 12  DT  A "O4'"  1 
ATOM   368 C  "C3'"  . DT  A 1 12 ? 6.192   0.209   14.829  1.00 39.16 ? 12  DT  A "C3'"  1 
ATOM   369 O  "O3'"  . DT  A 1 12 ? 5.208   1.078   14.238  1.00 39.66 ? 12  DT  A "O3'"  1 
ATOM   370 C  "C2'"  . DT  A 1 12 ? 7.591   0.807   14.868  1.00 38.96 ? 12  DT  A "C2'"  1 
ATOM   371 C  "C1'"  . DT  A 1 12 ? 8.266   -0.013  15.984  1.00 29.83 ? 12  DT  A "C1'"  1 
ATOM   372 N  N1     . DT  A 1 12 ? 9.032   -1.177  15.463  1.00 36.76 ? 12  DT  A N1     1 
ATOM   373 C  C2     . DT  A 1 12 ? 10.129  -0.950  14.675  1.00 25.92 ? 12  DT  A C2     1 
ATOM   374 O  O2     . DT  A 1 12 ? 10.528  0.165   14.386  1.00 35.25 ? 12  DT  A O2     1 
ATOM   375 N  N3     . DT  A 1 12 ? 10.737  -2.071  14.200  1.00 34.19 ? 12  DT  A N3     1 
ATOM   376 C  C4     . DT  A 1 12 ? 10.382  -3.376  14.444  1.00 31.26 ? 12  DT  A C4     1 
ATOM   377 O  O4     . DT  A 1 12 ? 11.001  -4.337  13.960  1.00 40.65 ? 12  DT  A O4     1 
ATOM   378 C  C5     . DT  A 1 12 ? 9.221   -3.550  15.269  1.00 36.02 ? 12  DT  A C5     1 
ATOM   379 C  C7     . DT  A 1 12 ? 8.754   -4.931  15.587  1.00 37.99 ? 12  DT  A C7     1 
ATOM   380 C  C6     . DT  A 1 12 ? 8.606   -2.453  15.743  1.00 30.45 ? 12  DT  A C6     1 
ATOM   381 H  "H5'"  . DT  A 1 12 ? 4.718   -1.071  17.564  1.00 49.41 ? 12  DT  A "H5'"  1 
ATOM   382 H  "H5''" . DT  A 1 12 ? 4.025   -0.735  16.180  1.00 49.41 ? 12  DT  A "H5''" 1 
ATOM   383 H  "H4'"  . DT  A 1 12 ? 5.714   0.840   16.727  1.00 47.16 ? 12  DT  A "H4'"  1 
ATOM   384 H  "H3'"  . DT  A 1 12 ? 6.207   -0.644  14.366  1.00 47.00 ? 12  DT  A "H3'"  1 
ATOM   385 H  "H2'"  . DT  A 1 12 ? 8.045   0.676   14.022  1.00 46.75 ? 12  DT  A "H2'"  1 
ATOM   386 H  "H2''" . DT  A 1 12 ? 7.557   1.747   15.104  1.00 46.75 ? 12  DT  A "H2''" 1 
ATOM   387 H  "H1'"  . DT  A 1 12 ? 8.856   0.561   16.497  1.00 35.80 ? 12  DT  A "H1'"  1 
ATOM   388 H  H3     . DT  A 1 12 ? 11.430  -1.949  13.706  1.00 41.03 ? 12  DT  A H3     1 
ATOM   389 H  H71    . DT  A 1 12 ? 9.342   -5.577  15.162  1.00 45.59 ? 12  DT  A H71    1 
ATOM   390 H  H72    . DT  A 1 12 ? 8.769   -5.064  16.548  1.00 45.59 ? 12  DT  A H72    1 
ATOM   391 H  H73    . DT  A 1 12 ? 7.850   -5.051  15.257  1.00 45.59 ? 12  DT  A H73    1 
ATOM   392 H  H6     . DT  A 1 12 ? 7.849   -2.563  16.274  1.00 36.53 ? 12  DT  A H6     1 
ATOM   393 P  P      . DA  A 1 13 ? 4.540   0.711   12.812  1.00 37.76 ? 13  DA  A P      1 
ATOM   394 O  OP1    . DA  A 1 13 ? 3.511   1.734   12.540  1.00 39.42 ? 13  DA  A OP1    1 
ATOM   395 O  OP2    . DA  A 1 13 ? 4.144   -0.717  12.815  1.00 39.43 ? 13  DA  A OP2    1 
ATOM   396 O  "O5'"  . DA  A 1 13 ? 5.766   0.847   11.774  1.00 37.08 ? 13  DA  A "O5'"  1 
ATOM   397 C  "C5'"  . DA  A 1 13 ? 6.437   2.103   11.596  1.00 41.30 ? 13  DA  A "C5'"  1 
ATOM   398 C  "C4'"  . DA  A 1 13 ? 7.496   2.027   10.491  1.00 35.18 ? 13  DA  A "C4'"  1 
ATOM   399 O  "O4'"  . DA  A 1 13 ? 8.524   1.062   10.859  1.00 35.58 ? 13  DA  A "O4'"  1 
ATOM   400 C  "C3'"  . DA  A 1 13 ? 6.989   1.576   9.113   1.00 34.18 ? 13  DA  A "C3'"  1 
ATOM   401 O  "O3'"  . DA  A 1 13 ? 7.692   2.250   8.090   1.00 38.23 ? 13  DA  A "O3'"  1 
ATOM   402 C  "C2'"  . DA  A 1 13 ? 7.300   0.100   9.099   1.00 32.93 ? 13  DA  A "C2'"  1 
ATOM   403 C  "C1'"  . DA  A 1 13 ? 8.632   0.062   9.859   1.00 32.43 ? 13  DA  A "C1'"  1 
ATOM   404 N  N9     . DA  A 1 13 ? 8.841   -1.228  10.470  1.00 31.39 ? 13  DA  A N9     1 
ATOM   405 C  C8     . DA  A 1 13 ? 8.307   -1.645  11.651  1.00 32.81 ? 13  DA  A C8     1 
ATOM   406 N  N7     . DA  A 1 13 ? 8.576   -2.882  11.938  1.00 36.18 ? 13  DA  A N7     1 
ATOM   407 C  C5     . DA  A 1 13 ? 9.322   -3.319  10.863  1.00 35.26 ? 13  DA  A C5     1 
ATOM   408 C  C6     . DA  A 1 13 ? 9.917   -4.549  10.578  1.00 37.11 ? 13  DA  A C6     1 
ATOM   409 N  N6     . DA  A 1 13 ? 9.835   -5.608  11.405  1.00 43.77 ? 13  DA  A N6     1 
ATOM   410 N  N1     . DA  A 1 13 ? 10.587  -4.676  9.408   1.00 37.36 ? 13  DA  A N1     1 
ATOM   411 C  C2     . DA  A 1 13 ? 10.657  -3.621  8.592   1.00 31.00 ? 13  DA  A C2     1 
ATOM   412 N  N3     . DA  A 1 13 ? 10.155  -2.410  8.759   1.00 30.44 ? 13  DA  A N3     1 
ATOM   413 C  C4     . DA  A 1 13 ? 9.483   -2.319  9.933   1.00 29.14 ? 13  DA  A C4     1 
ATOM   414 H  "H5'"  . DA  A 1 13 ? 6.866   2.353   12.430  1.00 49.56 ? 13  DA  A "H5'"  1 
ATOM   415 H  "H5''" . DA  A 1 13 ? 5.783   2.780   11.362  1.00 49.56 ? 13  DA  A "H5''" 1 
ATOM   416 H  "H4'"  . DA  A 1 13 ? 7.909   2.900   10.399  1.00 42.22 ? 13  DA  A "H4'"  1 
ATOM   417 H  "H3'"  . DA  A 1 13 ? 6.034   1.725   9.032   1.00 41.02 ? 13  DA  A "H3'"  1 
ATOM   418 H  "H2'"  . DA  A 1 13 ? 6.619   -0.403  9.570   1.00 39.52 ? 13  DA  A "H2'"  1 
ATOM   419 H  "H2''" . DA  A 1 13 ? 7.410   -0.223  8.191   1.00 39.52 ? 13  DA  A "H2''" 1 
ATOM   420 H  "H1'"  . DA  A 1 13 ? 9.365   0.270   9.257   1.00 38.92 ? 13  DA  A "H1'"  1 
ATOM   421 H  H8     . DA  A 1 13 ? 7.806   -1.092  12.206  1.00 39.38 ? 13  DA  A H8     1 
ATOM   422 H  H61    . DA  A 1 13 ? 10.205  -6.353  11.188  1.00 52.52 ? 13  DA  A H61    1 
ATOM   423 H  H62    . DA  A 1 13 ? 9.412   -5.538  12.151  1.00 52.52 ? 13  DA  A H62    1 
ATOM   424 H  H2     . DA  A 1 13 ? 11.136  -3.751  7.806   1.00 37.21 ? 13  DA  A H2     1 
ATOM   425 P  P      . DG  A 1 14 ? 7.083   2.407   6.598   1.00 30.40 ? 14  DG  A P      1 
ATOM   426 O  OP1    . DG  A 1 14 ? 6.560   1.106   6.111   1.00 31.65 ? 14  DG  A OP1    1 
ATOM   427 O  OP2    . DG  A 1 14 ? 8.203   3.089   5.908   1.00 28.56 ? 14  DG  A OP2    1 
ATOM   428 O  "O5'"  . DG  A 1 14 ? 5.835   3.331   6.788   1.00 28.58 ? 14  DG  A "O5'"  1 
ATOM   429 C  "C5'"  . DG  A 1 14 ? 5.970   4.648   7.256   1.00 30.20 ? 14  DG  A "C5'"  1 
ATOM   430 C  "C4'"  . DG  A 1 14 ? 4.730   5.422   6.925   1.00 27.49 ? 14  DG  A "C4'"  1 
ATOM   431 O  "O4'"  . DG  A 1 14 ? 4.542   5.452   5.471   1.00 26.58 ? 14  DG  A "O4'"  1 
ATOM   432 C  "C3'"  . DG  A 1 14 ? 3.449   4.826   7.494   1.00 27.62 ? 14  DG  A "C3'"  1 
ATOM   433 O  "O3'"  . DG  A 1 14 ? 2.633   5.850   7.978   1.00 30.05 ? 14  DG  A "O3'"  1 
ATOM   434 C  "C2'"  . DG  A 1 14 ? 2.829   4.095   6.300   1.00 25.80 ? 14  DG  A "C2'"  1 
ATOM   435 C  "C1'"  . DG  A 1 14 ? 3.252   4.970   5.143   1.00 27.13 ? 14  DG  A "C1'"  1 
ATOM   436 N  N9     . DG  A 1 14 ? 3.342   4.238   3.886   1.00 19.70 ? 14  DG  A N9     1 
ATOM   437 C  C8     . DG  A 1 14 ? 4.168   3.189   3.601   1.00 22.28 ? 14  DG  A C8     1 
ATOM   438 N  N7     . DG  A 1 14 ? 3.990   2.703   2.402   1.00 21.54 ? 14  DG  A N7     1 
ATOM   439 C  C5     . DG  A 1 14 ? 3.019   3.515   1.859   1.00 17.86 ? 14  DG  A C5     1 
ATOM   440 C  C6     . DG  A 1 14 ? 2.431   3.485   0.582   1.00 18.44 ? 14  DG  A C6     1 
ATOM   441 O  O6     . DG  A 1 14 ? 2.670   2.724   -0.350  1.00 17.41 ? 14  DG  A O6     1 
ATOM   442 N  N1     . DG  A 1 14 ? 1.477   4.469   0.426   1.00 17.76 ? 14  DG  A N1     1 
ATOM   443 C  C2     . DG  A 1 14 ? 1.127   5.359   1.382   1.00 19.38 ? 14  DG  A C2     1 
ATOM   444 N  N2     . DG  A 1 14 ? 0.190   6.229   1.047   1.00 21.04 ? 14  DG  A N2     1 
ATOM   445 N  N3     . DG  A 1 14 ? 1.675   5.405   2.585   1.00 20.03 ? 14  DG  A N3     1 
ATOM   446 C  C4     . DG  A 1 14 ? 2.601   4.460   2.750   1.00 18.23 ? 14  DG  A C4     1 
ATOM   447 H  "H5'"  . DG  A 1 14 ? 6.735   5.066   6.833   1.00 36.24 ? 14  DG  A "H5'"  1 
ATOM   448 H  "H5''" . DG  A 1 14 ? 6.098   4.638   8.218   1.00 36.24 ? 14  DG  A "H5''" 1 
ATOM   449 H  "H4'"  . DG  A 1 14 ? 4.827   6.331   7.250   1.00 32.99 ? 14  DG  A "H4'"  1 
ATOM   450 H  "H3'"  . DG  A 1 14 ? 3.657   4.198   8.203   1.00 33.14 ? 14  DG  A "H3'"  1 
ATOM   451 H  "H2'"  . DG  A 1 14 ? 3.198   3.202   6.212   1.00 30.96 ? 14  DG  A "H2'"  1 
ATOM   452 H  "H2''" . DG  A 1 14 ? 1.862   4.067   6.377   1.00 30.96 ? 14  DG  A "H2''" 1 
ATOM   453 H  "H1'"  . DG  A 1 14 ? 2.637   5.714   5.049   1.00 32.56 ? 14  DG  A "H1'"  1 
ATOM   454 H  H8     . DG  A 1 14 ? 4.763   2.826   4.217   1.00 26.74 ? 14  DG  A H8     1 
ATOM   455 H  H1     . DG  A 1 14 ? 1.072   4.516   -0.331  1.00 21.31 ? 14  DG  A H1     1 
ATOM   456 H  H21    . DG  A 1 14 ? -0.065  6.826   1.611   1.00 25.25 ? 14  DG  A H21    1 
ATOM   457 H  H22    . DG  A 1 14 ? -0.166  6.198   0.265   1.00 25.25 ? 14  DG  A H22    1 
ATOM   458 P  P      . DG  A 1 15 ? 1.323   5.518   8.844   1.00 31.84 ? 15  DG  A P      1 
ATOM   459 O  OP1    . DG  A 1 15 ? 1.200   6.677   9.766   1.00 41.37 ? 15  DG  A OP1    1 
ATOM   460 O  OP2    . DG  A 1 15 ? 1.278   4.149   9.400   1.00 36.56 ? 15  DG  A OP2    1 
ATOM   461 O  "O5'"  . DG  A 1 15 ? 0.140   5.594   7.792   1.00 30.01 ? 15  DG  A "O5'"  1 
ATOM   462 C  "C5'"  . DG  A 1 15 ? -0.366  6.837   7.363   1.00 30.54 ? 15  DG  A "C5'"  1 
ATOM   463 C  "C4'"  . DG  A 1 15 ? -1.639  6.648   6.570   1.00 28.28 ? 15  DG  A "C4'"  1 
ATOM   464 O  "O4'"  . DG  A 1 15 ? -1.320  6.046   5.271   1.00 27.62 ? 15  DG  A "O4'"  1 
ATOM   465 C  "C3'"  . DG  A 1 15 ? -2.686  5.734   7.214   1.00 27.94 ? 15  DG  A "C3'"  1 
ATOM   466 O  "O3'"  . DG  A 1 15 ? -3.934  6.394   7.217   1.00 32.02 ? 15  DG  A "O3'"  1 
ATOM   467 C  "C2'"  . DG  A 1 15 ? -2.676  4.477   6.335   1.00 27.76 ? 15  DG  A "C2'"  1 
ATOM   468 C  "C1'"  . DG  A 1 15 ? -2.250  5.023   4.998   1.00 24.68 ? 15  DG  A "C1'"  1 
ATOM   469 N  N9     . DG  A 1 15 ? -1.594  4.046   4.153   1.00 20.12 ? 15  DG  A N9     1 
ATOM   470 C  C8     . DG  A 1 15 ? -0.580  3.218   4.491   1.00 22.53 ? 15  DG  A C8     1 
ATOM   471 N  N7     . DG  A 1 15 ? -0.180  2.475   3.501   1.00 20.46 ? 15  DG  A N7     1 
ATOM   472 C  C5     . DG  A 1 15 ? -0.995  2.839   2.446   1.00 21.69 ? 15  DG  A C5     1 
ATOM   473 C  C6     . DG  A 1 15 ? -1.031  2.357   1.093   1.00 18.29 ? 15  DG  A C6     1 
ATOM   474 O  O6     . DG  A 1 15 ? -0.334  1.486   0.568   1.00 19.11 ? 15  DG  A O6     1 
ATOM   475 N  N1     . DG  A 1 15 ? -2.014  2.997   0.352   1.00 18.70 ? 15  DG  A N1     1 
ATOM   476 C  C2     . DG  A 1 15 ? -2.836  3.990   0.847   1.00 20.27 ? 15  DG  A C2     1 
ATOM   477 N  N2     . DG  A 1 15 ? -3.715  4.491   -0.004  1.00 21.92 ? 15  DG  A N2     1 
ATOM   478 N  N3     . DG  A 1 15 ? -2.790  4.453   2.096   1.00 22.36 ? 15  DG  A N3     1 
ATOM   479 C  C4     . DG  A 1 15 ? -1.873  3.805   2.833   1.00 23.58 ? 15  DG  A C4     1 
ATOM   480 H  "H5'"  . DG  A 1 15 ? 0.295   7.277   6.806   1.00 36.64 ? 15  DG  A "H5'"  1 
ATOM   481 H  "H5''" . DG  A 1 15 ? -0.551  7.392   8.137   1.00 36.64 ? 15  DG  A "H5''" 1 
ATOM   482 H  "H4'"  . DG  A 1 15 ? -2.041  7.518   6.417   1.00 33.94 ? 15  DG  A "H4'"  1 
ATOM   483 H  "H3'"  . DG  A 1 15 ? -2.421  5.512   8.120   1.00 33.53 ? 15  DG  A "H3'"  1 
ATOM   484 H  "H2'"  . DG  A 1 15 ? -2.031  3.831   6.664   1.00 33.31 ? 15  DG  A "H2'"  1 
ATOM   485 H  "H2''" . DG  A 1 15 ? -3.562  4.087   6.281   1.00 33.31 ? 15  DG  A "H2''" 1 
ATOM   486 H  "H1'"  . DG  A 1 15 ? -3.018  5.394   4.535   1.00 29.62 ? 15  DG  A "H1'"  1 
ATOM   487 H  H8     . DG  A 1 15 ? -0.202  3.189   5.341   1.00 27.04 ? 15  DG  A H8     1 
ATOM   488 H  H1     . DG  A 1 15 ? -2.102  2.776   -0.474  1.00 22.44 ? 15  DG  A H1     1 
ATOM   489 H  H21    . DG  A 1 15 ? -4.252  5.113   0.249   1.00 26.30 ? 15  DG  A H21    1 
ATOM   490 H  H22    . DG  A 1 15 ? -3.749  4.196   -0.812  1.00 26.30 ? 15  DG  A H22    1 
ATOM   491 P  P      . DG  A 1 16 ? -5.257  5.712   7.809   1.00 31.66 ? 16  DG  A P      1 
ATOM   492 O  OP1    . DG  A 1 16 ? -5.936  6.846   8.506   1.00 37.32 ? 16  DG  A OP1    1 
ATOM   493 O  OP2    . DG  A 1 16 ? -4.933  4.475   8.547   1.00 34.64 ? 16  DG  A OP2    1 
ATOM   494 O  "O5'"  . DG  A 1 16 ? -6.128  5.370   6.519   1.00 31.34 ? 16  DG  A "O5'"  1 
ATOM   495 C  "C5'"  . DG  A 1 16 ? -6.518  6.436   5.664   1.00 35.00 ? 16  DG  A "C5'"  1 
ATOM   496 C  "C4'"  . DG  A 1 16 ? -7.440  5.964   4.572   1.00 34.46 ? 16  DG  A "C4'"  1 
ATOM   497 O  "O4'"  . DG  A 1 16 ? -6.674  5.191   3.599   1.00 28.66 ? 16  DG  A "O4'"  1 
ATOM   498 C  "C3'"  . DG  A 1 16 ? -8.562  5.047   5.032   1.00 32.25 ? 16  DG  A "C3'"  1 
ATOM   499 O  "O3'"  . DG  A 1 16 ? -9.728  5.318   4.320   1.00 38.97 ? 16  DG  A "O3'"  1 
ATOM   500 C  "C2'"  . DG  A 1 16 ? -8.023  3.661   4.726   1.00 33.09 ? 16  DG  A "C2'"  1 
ATOM   501 C  "C1'"  . DG  A 1 16 ? -7.278  3.921   3.442   1.00 30.76 ? 16  DG  A "C1'"  1 
ATOM   502 N  N9     . DG  A 1 16 ? -6.220  2.986   3.176   1.00 23.42 ? 16  DG  A N9     1 
ATOM   503 C  C8     . DG  A 1 16 ? -5.248  2.597   4.040   1.00 25.44 ? 16  DG  A C8     1 
ATOM   504 N  N7     . DG  A 1 16 ? -4.374  1.792   3.507   1.00 23.05 ? 16  DG  A N7     1 
ATOM   505 C  C5     . DG  A 1 16 ? -4.824  1.636   2.194   1.00 20.39 ? 16  DG  A C5     1 
ATOM   506 C  C6     . DG  A 1 16 ? -4.296  0.846   1.152   1.00 20.87 ? 16  DG  A C6     1 
ATOM   507 O  O6     . DG  A 1 16 ? -3.294  0.150   1.190   1.00 20.58 ? 16  DG  A O6     1 
ATOM   508 N  N1     . DG  A 1 16 ? -5.020  0.969   -0.011  1.00 20.76 ? 16  DG  A N1     1 
ATOM   509 C  C2     . DG  A 1 16 ? -6.163  1.749   -0.144  1.00 22.00 ? 16  DG  A C2     1 
ATOM   510 N  N2     . DG  A 1 16 ? -6.760  1.766   -1.318  1.00 23.24 ? 16  DG  A N2     1 
ATOM   511 N  N3     . DG  A 1 16 ? -6.675  2.482   0.837   1.00 21.04 ? 16  DG  A N3     1 
ATOM   512 C  C4     . DG  A 1 16 ? -5.948  2.372   1.970   1.00 20.56 ? 16  DG  A C4     1 
ATOM   513 H  "H5'"  . DG  A 1 16 ? -5.725  6.824   5.262   1.00 42.00 ? 16  DG  A "H5'"  1 
ATOM   514 H  "H5''" . DG  A 1 16 ? -6.971  7.113   6.190   1.00 42.00 ? 16  DG  A "H5''" 1 
ATOM   515 H  "H4'"  . DG  A 1 16 ? -7.825  6.737   4.129   1.00 41.36 ? 16  DG  A "H4'"  1 
ATOM   516 H  "H3'"  . DG  A 1 16 ? -8.714  5.149   5.984   1.00 38.70 ? 16  DG  A "H3'"  1 
ATOM   517 H  "H2'"  . DG  A 1 16 ? -7.421  3.359   5.424   1.00 39.71 ? 16  DG  A "H2'"  1 
ATOM   518 H  "H2''" . DG  A 1 16 ? -8.746  3.029   4.587   1.00 39.71 ? 16  DG  A "H2''" 1 
ATOM   519 H  "H1'"  . DG  A 1 16 ? -7.898  3.940   2.697   1.00 36.91 ? 16  DG  A "H1'"  1 
ATOM   520 H  H8     . DG  A 1 16 ? -5.195  2.900   4.918   1.00 30.53 ? 16  DG  A H8     1 
ATOM   521 H  H1     . DG  A 1 16 ? -4.759  0.520   -0.697  1.00 24.91 ? 16  DG  A H1     1 
ATOM   522 H  H21    . DG  A 1 16 ? -7.465  2.245   -1.434  1.00 27.89 ? 16  DG  A H21    1 
ATOM   523 H  H22    . DG  A 1 16 ? -6.445  1.298   -1.967  1.00 27.89 ? 16  DG  A H22    1 
ATOM   524 P  P      . DT  A 1 17 ? -11.146 5.369   5.076   1.00 39.81 ? 17  DT  A P      1 
ATOM   525 O  OP1    . DT  A 1 17 ? -11.339 4.149   5.909   1.00 44.44 ? 17  DT  A OP1    1 
ATOM   526 O  OP2    . DT  A 1 17 ? -12.088 5.801   4.019   1.00 44.60 ? 17  DT  A OP2    1 
ATOM   527 O  "O5'"  . DT  A 1 17 ? -10.960 6.549   6.129   1.00 42.36 ? 17  DT  A "O5'"  1 
ATOM   528 C  "C5'"  . DT  A 1 17 ? -10.951 7.894   5.692   1.00 38.71 ? 17  DT  A "C5'"  1 
ATOM   529 C  "C4'"  . DT  A 1 17 ? -10.579 8.796   6.838   1.00 43.44 ? 17  DT  A "C4'"  1 
ATOM   530 O  "O4'"  . DT  A 1 17 ? -9.172  8.639   7.143   1.00 42.34 ? 17  DT  A "O4'"  1 
ATOM   531 C  "C3'"  . DT  A 1 17 ? -10.792 10.291  6.587   1.00 45.04 ? 17  DT  A "C3'"  1 
ATOM   532 O  "O3'"  . DT  A 1 17 ? -11.683 10.814  7.571   1.00 50.38 ? 17  DT  A "O3'"  1 
ATOM   533 C  "C2'"  . DT  A 1 17 ? -9.390  10.889  6.695   1.00 42.25 ? 17  DT  A "C2'"  1 
ATOM   534 C  "C1'"  . DT  A 1 17 ? -8.675  9.869   7.566   1.00 43.28 ? 17  DT  A "C1'"  1 
ATOM   535 N  N1     . DT  A 1 17 ? -7.205  9.844   7.434   1.00 39.95 ? 17  DT  A N1     1 
ATOM   536 C  C2     . DT  A 1 17 ? -6.436  9.879   8.569   1.00 42.91 ? 17  DT  A C2     1 
ATOM   537 O  O2     . DT  A 1 17 ? -6.899  9.965   9.693   1.00 47.35 ? 17  DT  A O2     1 
ATOM   538 N  N3     . DT  A 1 17 ? -5.090  9.834   8.347   1.00 42.15 ? 17  DT  A N3     1 
ATOM   539 C  C4     . DT  A 1 17 ? -4.448  9.738   7.132   1.00 37.51 ? 17  DT  A C4     1 
ATOM   540 O  O4     . DT  A 1 17 ? -3.231  9.713   7.047   1.00 39.99 ? 17  DT  A O4     1 
ATOM   541 C  C5     . DT  A 1 17 ? -5.305  9.686   5.979   1.00 34.95 ? 17  DT  A C5     1 
ATOM   542 C  C7     . DT  A 1 17 ? -4.705  9.584   4.601   1.00 40.35 ? 17  DT  A C7     1 
ATOM   543 C  C6     . DT  A 1 17 ? -6.631  9.735   6.176   1.00 40.87 ? 17  DT  A C6     1 
ATOM   544 H  "H5'"  . DT  A 1 17 ? -11.833 8.133   5.366   1.00 46.45 ? 17  DT  A "H5'"  1 
ATOM   545 H  "H5''" . DT  A 1 17 ? -10.304 7.995   4.977   1.00 46.45 ? 17  DT  A "H5''" 1 
ATOM   546 H  "H4'"  . DT  A 1 17 ? -11.096 8.536   7.617   1.00 52.13 ? 17  DT  A "H4'"  1 
ATOM   547 H  "H3'"  . DT  A 1 17 ? -11.151 10.433  5.697   1.00 54.05 ? 17  DT  A "H3'"  1 
ATOM   548 H  "H2'"  . DT  A 1 17 ? -8.972  10.951  5.821   1.00 50.69 ? 17  DT  A "H2'"  1 
ATOM   549 H  "H2''" . DT  A 1 17 ? -9.417  11.757  7.130   1.00 50.69 ? 17  DT  A "H2''" 1 
ATOM   550 H  "H1'"  . DT  A 1 17 ? -8.915  10.011  8.495   1.00 51.93 ? 17  DT  A "H1'"  1 
ATOM   551 H  H3     . DT  A 1 17 ? -4.587  9.868   9.044   1.00 50.58 ? 17  DT  A H3     1 
ATOM   552 H  H71    . DT  A 1 17 ? -5.015  8.770   4.173   1.00 48.42 ? 17  DT  A H71    1 
ATOM   553 H  H72    . DT  A 1 17 ? -4.977  10.351  4.073   1.00 48.42 ? 17  DT  A H72    1 
ATOM   554 H  H73    . DT  A 1 17 ? -3.738  9.565   4.671   1.00 48.42 ? 17  DT  A H73    1 
ATOM   555 H  H6     . DT  A 1 17 ? -7.191  9.700   5.434   1.00 49.04 ? 17  DT  A H6     1 
ATOM   556 P  P      . DT  A 1 18 ? -13.004 11.619  7.139   1.00 53.34 ? 18  DT  A P      1 
ATOM   557 O  OP1    . DT  A 1 18 ? -13.720 11.879  8.413   1.00 57.01 ? 18  DT  A OP1    1 
ATOM   558 O  OP2    . DT  A 1 18 ? -13.716 10.954  6.024   1.00 49.40 ? 18  DT  A OP2    1 
ATOM   559 O  "O5'"  . DT  A 1 18 ? -12.415 12.988  6.574   1.00 53.93 ? 18  DT  A "O5'"  1 
ATOM   560 C  "C5'"  . DT  A 1 18 ? -13.058 13.651  5.502   1.00 52.88 ? 18  DT  A "C5'"  1 
ATOM   561 C  "C4'"  . DT  A 1 18 ? -12.226 14.835  5.051   1.00 47.53 ? 18  DT  A "C4'"  1 
ATOM   562 O  "O4'"  . DT  A 1 18 ? -11.845 15.642  6.197   1.00 43.81 ? 18  DT  A "O4'"  1 
ATOM   563 C  "C3'"  . DT  A 1 18 ? -10.918 14.454  4.402   1.00 46.02 ? 18  DT  A "C3'"  1 
ATOM   564 O  "O3'"  . DT  A 1 18 ? -11.107 14.169  3.041   1.00 52.09 ? 18  DT  A "O3'"  1 
ATOM   565 C  "C2'"  . DT  A 1 18 ? -10.059 15.681  4.641   1.00 43.38 ? 18  DT  A "C2'"  1 
ATOM   566 C  "C1'"  . DT  A 1 18 ? -10.523 16.139  6.020   1.00 46.46 ? 18  DT  A "C1'"  1 
ATOM   567 N  N1     . DT  A 1 18 ? -9.675  15.642  7.130   1.00 37.23 ? 18  DT  A N1     1 
ATOM   568 C  C2     . DT  A 1 18 ? -8.428  16.185  7.320   1.00 38.17 ? 18  DT  A C2     1 
ATOM   569 O  O2     . DT  A 1 18 ? -7.960  17.054  6.604   1.00 40.16 ? 18  DT  A O2     1 
ATOM   570 N  N3     . DT  A 1 18 ? -7.737  15.671  8.377   1.00 37.83 ? 18  DT  A N3     1 
ATOM   571 C  C4     . DT  A 1 18 ? -8.160  14.694  9.252   1.00 36.60 ? 18  DT  A C4     1 
ATOM   572 O  O4     . DT  A 1 18 ? -7.458  14.296  10.172  1.00 42.90 ? 18  DT  A O4     1 
ATOM   573 C  C5     . DT  A 1 18 ? -9.479  14.173  9.005   1.00 38.24 ? 18  DT  A C5     1 
ATOM   574 C  C7     . DT  A 1 18 ? -10.048 13.107  9.894   1.00 45.99 ? 18  DT  A C7     1 
ATOM   575 C  C6     . DT  A 1 18 ? -10.170 14.669  7.970   1.00 41.16 ? 18  DT  A C6     1 
ATOM   576 H  "H5'"  . DT  A 1 18 ? -13.929 13.964  5.792   1.00 63.45 ? 18  DT  A "H5'"  1 
ATOM   577 H  "H5''" . DT  A 1 18 ? -13.167 13.035  4.761   1.00 63.45 ? 18  DT  A "H5''" 1 
ATOM   578 H  "H4'"  . DT  A 1 18 ? -12.745 15.376  4.436   1.00 57.03 ? 18  DT  A "H4'"  1 
ATOM   579 H  "H3'"  . DT  A 1 18 ? -10.533 13.686  4.853   1.00 55.23 ? 18  DT  A "H3'"  1 
ATOM   580 H  "H2'"  . DT  A 1 18 ? -9.118  15.446  4.656   1.00 52.05 ? 18  DT  A "H2'"  1 
ATOM   581 H  "H2''" . DT  A 1 18 ? -10.238 16.362  3.974   1.00 52.05 ? 18  DT  A "H2''" 1 
ATOM   582 H  "H1'"  . DT  A 1 18 ? -10.542 17.109  6.043   1.00 55.76 ? 18  DT  A "H1'"  1 
ATOM   583 H  H3     . DT  A 1 18 ? -6.949  15.990  8.511   1.00 45.39 ? 18  DT  A H3     1 
ATOM   584 H  H71    . DT  A 1 18 ? -10.862 13.432  10.308  1.00 55.18 ? 18  DT  A H71    1 
ATOM   585 H  H72    . DT  A 1 18 ? -10.246 12.318  9.366   1.00 55.18 ? 18  DT  A H72    1 
ATOM   586 H  H73    . DT  A 1 18 ? -9.402  12.882  10.582  1.00 55.18 ? 18  DT  A H73    1 
ATOM   587 H  H6     . DT  A 1 18 ? -11.023 14.336  7.808   1.00 49.40 ? 18  DT  A H6     1 
ATOM   588 P  P      . DA  A 1 19 ? -10.399 12.875  2.407   1.00 45.48 ? 19  DA  A P      1 
ATOM   589 O  OP1    . DA  A 1 19 ? -10.857 12.790  1.002   1.00 52.37 ? 19  DA  A OP1    1 
ATOM   590 O  OP2    . DA  A 1 19 ? -10.607 11.737  3.331   1.00 48.27 ? 19  DA  A OP2    1 
ATOM   591 O  "O5'"  . DA  A 1 19 ? -8.856  13.257  2.468   1.00 44.16 ? 19  DA  A "O5'"  1 
ATOM   592 C  "C5'"  . DA  A 1 19 ? -8.414  14.418  1.828   1.00 41.78 ? 19  DA  A "C5'"  1 
ATOM   593 C  "C4'"  . DA  A 1 19 ? -6.923  14.373  1.613   1.00 41.95 ? 19  DA  A "C4'"  1 
ATOM   594 O  "O4'"  . DA  A 1 19 ? -6.235  14.584  2.860   1.00 42.09 ? 19  DA  A "O4'"  1 
ATOM   595 C  "C3'"  . DA  A 1 19 ? -6.388  13.051  1.086   1.00 41.18 ? 19  DA  A "C3'"  1 
ATOM   596 O  "O3'"  . DA  A 1 19 ? -5.286  13.305  0.250   1.00 41.54 ? 19  DA  A "O3'"  1 
ATOM   597 C  "C2'"  . DA  A 1 19 ? -6.007  12.300  2.352   1.00 38.13 ? 19  DA  A "C2'"  1 
ATOM   598 C  "C1'"  . DA  A 1 19 ? -5.493  13.423  3.226   1.00 40.02 ? 19  DA  A "C1'"  1 
ATOM   599 N  N9     . DA  A 1 19 ? -5.669  13.228  4.655   1.00 36.90 ? 19  DA  A N9     1 
ATOM   600 C  C8     . DA  A 1 19 ? -6.852  13.216  5.337   1.00 38.03 ? 19  DA  A C8     1 
ATOM   601 N  N7     . DA  A 1 19 ? -6.712  13.074  6.628   1.00 33.33 ? 19  DA  A N7     1 
ATOM   602 C  C5     . DA  A 1 19 ? -5.346  13.042  6.815   1.00 37.24 ? 19  DA  A C5     1 
ATOM   603 C  C6     . DA  A 1 19 ? -4.550  12.923  7.965   1.00 38.03 ? 19  DA  A C6     1 
ATOM   604 N  N6     . DA  A 1 19 ? -5.053  12.799  9.200   1.00 41.06 ? 19  DA  A N6     1 
ATOM   605 N  N1     . DA  A 1 19 ? -3.210  12.909  7.799   1.00 41.50 ? 19  DA  A N1     1 
ATOM   606 C  C2     . DA  A 1 19 ? -2.711  13.012  6.562   1.00 38.91 ? 19  DA  A C2     1 
ATOM   607 N  N3     . DA  A 1 19 ? -3.357  13.130  5.406   1.00 38.92 ? 19  DA  A N3     1 
ATOM   608 C  C4     . DA  A 1 19 ? -4.687  13.141  5.602   1.00 34.52 ? 19  DA  A C4     1 
ATOM   609 H  "H5'"  . DA  A 1 19 ? -8.634  15.188  2.374   1.00 50.14 ? 19  DA  A "H5'"  1 
ATOM   610 H  "H5''" . DA  A 1 19 ? -8.858  14.498  0.969   1.00 50.14 ? 19  DA  A "H5''" 1 
ATOM   611 H  "H4'"  . DA  A 1 19 ? -6.675  15.079  0.995   1.00 50.34 ? 19  DA  A "H4'"  1 
ATOM   612 H  "H3'"  . DA  A 1 19 ? -7.081  12.574  0.604   1.00 49.42 ? 19  DA  A "H3'"  1 
ATOM   613 H  "H2'"  . DA  A 1 19 ? -6.782  11.876  2.752   1.00 45.76 ? 19  DA  A "H2'"  1 
ATOM   614 H  "H2''" . DA  A 1 19 ? -5.307  11.652  2.173   1.00 45.76 ? 19  DA  A "H2''" 1 
ATOM   615 H  "H1'"  . DA  A 1 19 ? -4.553  13.572  3.037   1.00 48.02 ? 19  DA  A "H1'"  1 
ATOM   616 H  H8     . DA  A 1 19 ? -7.681  13.268  4.919   1.00 45.64 ? 19  DA  A H8     1 
ATOM   617 H  H61    . DA  A 1 19 ? -4.524  12.714  9.873   1.00 49.27 ? 19  DA  A H61    1 
ATOM   618 H  H62    . DA  A 1 19 ? -5.904  12.806  9.321   1.00 49.27 ? 19  DA  A H62    1 
ATOM   619 H  H2     . DA  A 1 19 ? -1.782  13.003  6.503   1.00 46.69 ? 19  DA  A H2     1 
ATOM   620 P  P      . DG  A 1 20 ? -5.523  13.427  -1.331  1.00 46.26 ? 20  DG  A P      1 
ATOM   621 O  OP1    . DG  A 1 20 ? -4.359  14.100  -1.939  1.00 46.49 ? 20  DG  A OP1    1 
ATOM   622 O  OP2    . DG  A 1 20 ? -6.890  13.939  -1.608  1.00 48.87 ? 20  DG  A OP2    1 
ATOM   623 O  "O5'"  . DG  A 1 20 ? -5.609  11.905  -1.766  1.00 44.92 ? 20  DG  A "O5'"  1 
ATOM   624 C  "C5'"  . DG  A 1 20 ? -4.451  11.141  -1.855  1.00 38.04 ? 20  DG  A "C5'"  1 
ATOM   625 C  "C4'"  . DG  A 1 20 ? -4.511  10.335  -3.109  1.00 29.33 ? 20  DG  A "C4'"  1 
ATOM   626 O  "O4'"  . DG  A 1 20 ? -3.333  9.493   -3.197  1.00 23.75 ? 20  DG  A "O4'"  1 
ATOM   627 C  "C3'"  . DG  A 1 20 ? -5.705  9.390   -3.179  1.00 31.61 ? 20  DG  A "C3'"  1 
ATOM   628 O  "O3'"  . DG  A 1 20 ? -6.273  9.418   -4.454  1.00 36.65 ? 20  DG  A "O3'"  1 
ATOM   629 C  "C2'"  . DG  A 1 20 ? -5.093  8.030   -2.853  1.00 33.53 ? 20  DG  A "C2'"  1 
ATOM   630 C  "C1'"  . DG  A 1 20 ? -3.722  8.175   -3.456  1.00 29.22 ? 20  DG  A "C1'"  1 
ATOM   631 N  N9     . DG  A 1 20 ? -2.715  7.309   -2.878  1.00 21.31 ? 20  DG  A N9     1 
ATOM   632 C  C8     . DG  A 1 20 ? -2.173  7.391   -1.621  1.00 23.96 ? 20  DG  A C8     1 
ATOM   633 N  N7     . DG  A 1 20 ? -1.264  6.473   -1.391  1.00 21.27 ? 20  DG  A N7     1 
ATOM   634 C  C5     . DG  A 1 20 ? -1.210  5.766   -2.566  1.00 17.24 ? 20  DG  A C5     1 
ATOM   635 C  C6     . DG  A 1 20 ? -0.411  4.665   -2.941  1.00 17.56 ? 20  DG  A C6     1 
ATOM   636 O  O6     . DG  A 1 20 ? 0.455   4.062   -2.262  1.00 16.98 ? 20  DG  A O6     1 
ATOM   637 N  N1     . DG  A 1 20 ? -0.678  4.256   -4.232  1.00 18.90 ? 20  DG  A N1     1 
ATOM   638 C  C2     . DG  A 1 20 ? -1.582  4.839   -5.069  1.00 20.55 ? 20  DG  A C2     1 
ATOM   639 N  N2     . DG  A 1 20 ? -1.692  4.307   -6.276  1.00 19.51 ? 20  DG  A N2     1 
ATOM   640 N  N3     . DG  A 1 20 ? -2.330  5.866   -4.748  1.00 20.34 ? 20  DG  A N3     1 
ATOM   641 C  C4     . DG  A 1 20 ? -2.094  6.280   -3.495  1.00 18.67 ? 20  DG  A C4     1 
ATOM   642 H  "H5'"  . DG  A 1 20 ? -4.391  10.549  -1.089  1.00 45.65 ? 20  DG  A "H5'"  1 
ATOM   643 H  "H5''" . DG  A 1 20 ? -3.676  11.724  -1.879  1.00 45.65 ? 20  DG  A "H5''" 1 
ATOM   644 H  "H4'"  . DG  A 1 20 ? -4.534  10.933  -3.873  1.00 35.19 ? 20  DG  A "H4'"  1 
ATOM   645 H  "H3'"  . DG  A 1 20 ? -6.364  9.631   -2.509  1.00 37.94 ? 20  DG  A "H3'"  1 
ATOM   646 H  "H2'"  . DG  A 1 20 ? -5.037  7.894   -1.895  1.00 40.24 ? 20  DG  A "H2'"  1 
ATOM   647 H  "H2''" . DG  A 1 20 ? -5.587  7.315   -3.282  1.00 40.24 ? 20  DG  A "H2''" 1 
ATOM   648 H  "H1'"  . DG  A 1 20 ? -3.767  8.030   -4.415  1.00 35.07 ? 20  DG  A "H1'"  1 
ATOM   649 H  H8     . DG  A 1 20 ? -2.431  8.026   -0.992  1.00 28.76 ? 20  DG  A H8     1 
ATOM   650 H  H1     . DG  A 1 20 ? -0.231  3.588   -4.536  1.00 22.68 ? 20  DG  A H1     1 
ATOM   651 H  H21    . DG  A 1 20 ? -2.251  4.635   -6.841  1.00 23.41 ? 20  DG  A H21    1 
ATOM   652 H  H22    . DG  A 1 20 ? -1.205  3.633   -6.495  1.00 23.41 ? 20  DG  A H22    1 
ATOM   653 P  P      . DG  A 1 21 ? -7.657  8.643   -4.714  1.00 43.35 ? 21  DG  A P      1 
ATOM   654 O  OP1    . DG  A 1 21 ? -8.357  9.404   -5.774  1.00 46.89 ? 21  DG  A OP1    1 
ATOM   655 O  OP2    . DG  A 1 21 ? -8.263  8.296   -3.408  1.00 47.05 ? 21  DG  A OP2    1 
ATOM   656 O  "O5'"  . DG  A 1 21 ? -7.203  7.247   -5.327  1.00 38.26 ? 21  DG  A "O5'"  1 
ATOM   657 C  "C5'"  . DG  A 1 21 ? -6.540  7.229   -6.548  1.00 34.61 ? 21  DG  A "C5'"  1 
ATOM   658 C  "C4'"  . DG  A 1 21 ? -6.525  5.834   -7.120  1.00 36.91 ? 21  DG  A "C4'"  1 
ATOM   659 O  "O4'"  . DG  A 1 21 ? -5.485  5.051   -6.454  1.00 28.55 ? 21  DG  A "O4'"  1 
ATOM   660 C  "C3'"  . DG  A 1 21 ? -7.809  5.039   -6.935  1.00 31.38 ? 21  DG  A "C3'"  1 
ATOM   661 O  "O3'"  . DG  A 1 21 ? -8.017  4.264   -8.106  1.00 43.34 ? 21  DG  A "O3'"  1 
ATOM   662 C  "C2'"  . DG  A 1 21 ? -7.506  4.196   -5.692  1.00 31.68 ? 21  DG  A "C2'"  1 
ATOM   663 C  "C1'"  . DG  A 1 21 ? -6.055  3.857   -5.943  1.00 27.38 ? 21  DG  A "C1'"  1 
ATOM   664 N  N9     . DG  A 1 21 ? -5.236  3.494   -4.793  1.00 22.81 ? 21  DG  A N9     1 
ATOM   665 C  C8     . DG  A 1 21 ? -5.164  4.109   -3.574  1.00 22.59 ? 21  DG  A C8     1 
ATOM   666 N  N7     . DG  A 1 21 ? -4.254  3.598   -2.781  1.00 20.69 ? 21  DG  A N7     1 
ATOM   667 C  C5     . DG  A 1 21 ? -3.678  2.595   -3.547  1.00 18.27 ? 21  DG  A C5     1 
ATOM   668 C  C6     . DG  A 1 21 ? -2.640  1.708   -3.238  1.00 17.20 ? 21  DG  A C6     1 
ATOM   669 O  O6     . DG  A 1 21 ? -1.978  1.653   -2.184  1.00 18.39 ? 21  DG  A O6     1 
ATOM   670 N  N1     . DG  A 1 21 ? -2.332  0.865   -4.309  1.00 19.26 ? 21  DG  A N1     1 
ATOM   671 C  C2     . DG  A 1 21 ? -2.982  0.875   -5.533  1.00 18.69 ? 21  DG  A C2     1 
ATOM   672 N  N2     . DG  A 1 21 ? -2.589  -0.036  -6.434  1.00 20.53 ? 21  DG  A N2     1 
ATOM   673 N  N3     . DG  A 1 21 ? -3.958  1.701   -5.833  1.00 20.71 ? 21  DG  A N3     1 
ATOM   674 C  C4     . DG  A 1 21 ? -4.252  2.536   -4.803  1.00 19.43 ? 21  DG  A C4     1 
ATOM   675 H  "H5'"  . DG  A 1 21 ? -5.628  7.533   -6.422  1.00 41.53 ? 21  DG  A "H5'"  1 
ATOM   676 H  "H5''" . DG  A 1 21 ? -6.993  7.823   -7.168  1.00 41.53 ? 21  DG  A "H5''" 1 
ATOM   677 H  "H4'"  . DG  A 1 21 ? -6.321  5.885   -8.067  1.00 44.29 ? 21  DG  A "H4'"  1 
ATOM   678 H  "H3'"  . DG  A 1 21 ? -8.560  5.633   -6.775  1.00 37.66 ? 21  DG  A "H3'"  1 
ATOM   679 H  "H2'"  . DG  A 1 21 ? -7.609  4.719   -4.882  1.00 38.01 ? 21  DG  A "H2'"  1 
ATOM   680 H  "H2''" . DG  A 1 21 ? -8.054  3.396   -5.670  1.00 38.01 ? 21  DG  A "H2''" 1 
ATOM   681 H  "H1'"  . DG  A 1 21 ? -5.997  3.160   -6.615  1.00 32.86 ? 21  DG  A "H1'"  1 
ATOM   682 H  H8     . DG  A 1 21 ? -5.717  4.814   -3.327  1.00 27.11 ? 21  DG  A H8     1 
ATOM   683 H  H1     . DG  A 1 21 ? -1.714  0.279   -4.190  1.00 23.11 ? 21  DG  A H1     1 
ATOM   684 H  H21    . DG  A 1 21 ? -2.974  -0.076  -7.201  1.00 24.64 ? 21  DG  A H21    1 
ATOM   685 H  H22    . DG  A 1 21 ? -1.952  -0.581  -6.244  1.00 24.64 ? 21  DG  A H22    1 
ATOM   686 P  P      . DG  A 1 22 ? -9.392  3.489   -8.409  1.00 43.51 ? 22  DG  A P      1 
ATOM   687 O  OP1    . DG  A 1 22 ? -9.657  3.750   -9.840  1.00 48.48 ? 22  DG  A OP1    1 
ATOM   688 O  OP2    . DG  A 1 22 ? -10.413 3.788   -7.382  1.00 44.21 ? 22  DG  A OP2    1 
ATOM   689 O  "O5'"  . DG  A 1 22 ? -8.960  1.968   -8.253  1.00 43.57 ? 22  DG  A "O5'"  1 
ATOM   690 C  "C5'"  . DG  A 1 22 ? -8.097  1.401   -9.200  1.00 38.66 ? 22  DG  A "C5'"  1 
ATOM   691 C  "C4'"  . DG  A 1 22 ? -7.916  -0.057  -8.911  1.00 38.60 ? 22  DG  A "C4'"  1 
ATOM   692 O  "O4'"  . DG  A 1 22 ? -6.945  -0.206  -7.849  1.00 29.65 ? 22  DG  A "O4'"  1 
ATOM   693 C  "C3'"  . DG  A 1 22 ? -9.186  -0.763  -8.426  1.00 37.31 ? 22  DG  A "C3'"  1 
ATOM   694 O  "O3'"  . DG  A 1 22 ? -9.424  -1.943  -9.190  1.00 42.13 ? 22  DG  A "O3'"  1 
ATOM   695 C  "C2'"  . DG  A 1 22 ? -8.901  -1.075  -6.970  1.00 32.92 ? 22  DG  A "C2'"  1 
ATOM   696 C  "C1'"  . DG  A 1 22 ? -7.384  -1.170  -6.957  1.00 32.29 ? 22  DG  A "C1'"  1 
ATOM   697 N  N9     . DG  A 1 22 ? -6.773  -0.877  -5.686  1.00 23.09 ? 22  DG  A N9     1 
ATOM   698 C  C8     . DG  A 1 22 ? -7.096  0.139   -4.831  1.00 23.49 ? 22  DG  A C8     1 
ATOM   699 N  N7     . DG  A 1 22 ? -6.337  0.168   -3.773  1.00 21.04 ? 22  DG  A N7     1 
ATOM   700 C  C5     . DG  A 1 22 ? -5.455  -0.876  -3.962  1.00 20.86 ? 22  DG  A C5     1 
ATOM   701 C  C6     . DG  A 1 22 ? -4.400  -1.321  -3.145  1.00 18.79 ? 22  DG  A C6     1 
ATOM   702 O  O6     . DG  A 1 22 ? -4.040  -0.864  -2.050  1.00 20.86 ? 22  DG  A O6     1 
ATOM   703 N  N1     . DG  A 1 22 ? -3.740  -2.395  -3.699  1.00 20.89 ? 22  DG  A N1     1 
ATOM   704 C  C2     . DG  A 1 22 ? -4.065  -2.976  -4.896  1.00 21.94 ? 22  DG  A C2     1 
ATOM   705 N  N2     . DG  A 1 22 ? -3.325  -4.020  -5.273  1.00 24.18 ? 22  DG  A N2     1 
ATOM   706 N  N3     . DG  A 1 22 ? -5.056  -2.566  -5.667  1.00 24.02 ? 22  DG  A N3     1 
ATOM   707 C  C4     . DG  A 1 22 ? -5.682  -1.504  -5.147  1.00 19.47 ? 22  DG  A C4     1 
ATOM   708 H  "H5'"  . DG  A 1 22 ? -7.235  1.846   -9.159  1.00 46.40 ? 22  DG  A "H5'"  1 
ATOM   709 H  "H5''" . DG  A 1 22 ? -8.474  1.510   -10.087 1.00 46.40 ? 22  DG  A "H5''" 1 
ATOM   710 H  "H4'"  . DG  A 1 22 ? -7.588  -0.502  -9.708  1.00 46.31 ? 22  DG  A "H4'"  1 
ATOM   711 H  "H3'"  . DG  A 1 22 ? -9.945  -0.164  -8.494  1.00 44.77 ? 22  DG  A "H3'"  1 
ATOM   712 H  "HO3'" . DG  A 1 22 ? -9.451  -2.692  -8.810  1.00 50.55 ? 22  DG  A "HO3'" 1 
ATOM   713 H  "H2'"  . DG  A 1 22 ? -9.206  -0.356  -6.395  1.00 39.50 ? 22  DG  A "H2'"  1 
ATOM   714 H  "H2''" . DG  A 1 22 ? -9.302  -1.920  -6.711  1.00 39.50 ? 22  DG  A "H2''" 1 
ATOM   715 H  "H1'"  . DG  A 1 22 ? -7.107  -2.048  -7.261  1.00 38.75 ? 22  DG  A "H1'"  1 
ATOM   716 H  H8     . DG  A 1 22 ? -7.798  0.731   -4.978  1.00 28.19 ? 22  DG  A H8     1 
ATOM   717 H  H1     . DG  A 1 22 ? -3.085  -2.733  -3.256  1.00 25.07 ? 22  DG  A H1     1 
ATOM   718 H  H21    . DG  A 1 22 ? -3.496  -4.424  -6.013  1.00 29.01 ? 22  DG  A H21    1 
ATOM   719 H  H22    . DG  A 1 22 ? -2.679  -4.292  -4.774  1.00 29.01 ? 22  DG  A H22    1 
HETATM 720 K  K      . K   B 2 .  ? -1.669  -0.822  -0.736  1.00 18.56 ? 101 K   A K      1 
HETATM 721 K  K      . K   C 2 .  ? 0.753   1.307   -1.878  1.00 17.43 ? 102 K   A K      1 
HETATM 722 K  K      . K   D 2 .  ? 3.028   3.431   -3.059  0.50 15.62 ? 103 K   A K      1 
HETATM 723 O  O      . HOH E 3 .  ? 2.337   8.759   9.511   1.00 49.59 ? 201 HOH A O      1 
HETATM 724 O  O      . HOH E 3 .  ? 5.788   -15.406 -3.673  1.00 46.92 ? 202 HOH A O      1 
HETATM 725 O  O      . HOH E 3 .  ? -3.497  3.517   -19.687 1.00 40.03 ? 203 HOH A O      1 
HETATM 726 O  O      . HOH E 3 .  ? -7.681  4.559   -11.251 1.00 38.62 ? 204 HOH A O      1 
HETATM 727 O  O      . HOH E 3 .  ? -2.094  13.574  -0.816  1.00 38.83 ? 205 HOH A O      1 
HETATM 728 O  O      . HOH E 3 .  ? 4.091   -7.512  -0.488  1.00 38.64 ? 206 HOH A O      1 
HETATM 729 O  O      . HOH E 3 .  ? -3.430  16.483  -2.615  1.00 50.13 ? 207 HOH A O      1 
HETATM 730 O  O      . HOH E 3 .  ? -10.182 2.030   -5.417  1.00 42.81 ? 208 HOH A O      1 
HETATM 731 O  O      . HOH E 3 .  ? -10.778 1.548   5.925   1.00 46.09 ? 209 HOH A O      1 
HETATM 732 O  O      . HOH E 3 .  ? -0.005  -12.848 -8.058  1.00 45.83 ? 210 HOH A O      1 
HETATM 733 O  O      . HOH E 3 .  ? 4.108   0.039   5.917   1.00 35.98 ? 211 HOH A O      1 
HETATM 734 O  O      . HOH E 3 .  ? -1.409  2.770   -15.117 1.00 41.20 ? 212 HOH A O      1 
HETATM 735 O  O      . HOH E 3 .  ? -4.079  -0.788  -8.862  1.00 31.32 ? 213 HOH A O      1 
HETATM 736 O  O      . HOH E 3 .  ? 4.357   -1.972  10.390  1.00 37.88 ? 214 HOH A O      1 
HETATM 737 O  O      . HOH E 3 .  ? -2.733  -6.683  9.299   1.00 40.88 ? 215 HOH A O      1 
HETATM 738 O  O      . HOH E 3 .  ? -7.884  5.681   -2.607  1.00 41.51 ? 216 HOH A O      1 
HETATM 739 O  O      . HOH E 3 .  ? -8.646  6.658   9.012   1.00 45.29 ? 217 HOH A O      1 
HETATM 740 O  O      . HOH E 3 .  ? 3.795   -5.286  -6.070  1.00 41.47 ? 218 HOH A O      1 
HETATM 741 O  O      . HOH E 3 .  ? -5.784  2.081   7.365   1.00 36.25 ? 219 HOH A O      1 
HETATM 742 O  O      . HOH E 3 .  ? 3.638   -7.197  -3.170  1.00 32.74 ? 220 HOH A O      1 
HETATM 743 O  O      . HOH E 3 .  ? -13.151 3.349   -7.847  0.33 44.98 ? 221 HOH A O      1 
HETATM 744 O  O      . HOH E 3 .  ? 7.625   0.145   3.655   1.00 27.83 ? 222 HOH A O      1 
HETATM 745 O  O      . HOH E 3 .  ? -0.310  2.362   7.834   1.00 31.72 ? 223 HOH A O      1 
HETATM 746 O  O      . HOH E 3 .  ? -10.849 8.000   -5.917  1.00 49.82 ? 224 HOH A O      1 
HETATM 747 O  O      . HOH E 3 .  ? -3.220  0.596   7.720   1.00 33.75 ? 225 HOH A O      1 
HETATM 748 O  O      . HOH E 3 .  ? 4.601   -5.037  -10.210 1.00 41.49 ? 226 HOH A O      1 
HETATM 749 O  O      . HOH E 3 .  ? -8.545  9.646   3.419   1.00 42.97 ? 227 HOH A O      1 
HETATM 750 O  O      . HOH E 3 .  ? -5.814  6.418   1.056   1.00 33.63 ? 228 HOH A O      1 
HETATM 751 O  O      . HOH E 3 .  ? 2.293   -8.158  1.930   1.00 42.23 ? 229 HOH A O      1 
HETATM 752 O  O      . HOH E 3 .  ? -2.599  7.348   2.653   1.00 34.83 ? 230 HOH A O      1 
HETATM 753 O  O      . HOH E 3 .  ? 7.638   -2.216  2.138   1.00 33.78 ? 231 HOH A O      1 
HETATM 754 O  O      . HOH E 3 .  ? -4.084  2.431   -8.733  1.00 34.23 ? 232 HOH A O      1 
HETATM 755 O  O      . HOH E 3 .  ? 0.152   7.992   3.523   1.00 31.21 ? 233 HOH A O      1 
HETATM 756 O  O      . HOH E 3 .  ? 0.364   -0.121  7.705   1.00 34.45 ? 234 HOH A O      1 
HETATM 757 O  O      . HOH E 3 .  ? -0.872  -1.159  10.470  1.00 44.25 ? 235 HOH A O      1 
HETATM 758 O  O      . HOH E 3 .  ? 10.363  3.988   7.846   1.00 37.91 ? 236 HOH A O      1 
HETATM 759 O  O      . HOH E 3 .  ? 4.130   -2.642  -8.873  1.00 38.35 ? 237 HOH A O      1 
HETATM 760 O  O      . HOH E 3 .  ? -7.533  0.054   -15.221 1.00 45.41 ? 238 HOH A O      1 
HETATM 761 O  O      . HOH E 3 .  ? 4.921   -11.143 -4.968  1.00 48.39 ? 239 HOH A O      1 
HETATM 762 O  O      . HOH E 3 .  ? -8.508  9.625   -0.636  1.00 44.95 ? 240 HOH A O      1 
HETATM 763 O  O      . HOH E 3 .  ? 13.238  -6.278  9.727   1.00 38.92 ? 241 HOH A O      1 
HETATM 764 O  O      . HOH E 3 .  ? 2.979   -0.616  8.266   1.00 38.71 ? 242 HOH A O      1 
HETATM 765 O  O      . HOH E 3 .  ? 1.294   -9.648  0.050   1.00 48.69 ? 243 HOH A O      1 
HETATM 766 O  O      . HOH E 3 .  ? -9.852  8.455   11.003  1.00 54.26 ? 244 HOH A O      1 
HETATM 767 O  O      . HOH E 3 .  ? -7.877  8.646   -9.361  1.00 47.14 ? 245 HOH A O      1 
HETATM 768 O  O      . HOH E 3 .  ? 6.620   -5.667  -5.659  1.00 41.88 ? 246 HOH A O      1 
HETATM 769 O  O      . HOH E 3 .  ? 7.434   5.743   9.656   1.00 51.89 ? 247 HOH A O      1 
HETATM 770 O  O      . HOH E 3 .  ? 5.383   5.598   10.802  1.00 41.22 ? 248 HOH A O      1 
HETATM 771 O  O      . HOH E 3 .  ? -6.511  9.043   1.213   1.00 43.64 ? 249 HOH A O      1 
HETATM 772 O  O      . HOH E 3 .  ? -3.984  9.128   1.001   1.00 42.49 ? 250 HOH A O      1 
# 
loop_
_pdbx_poly_seq_scheme.asym_id 
_pdbx_poly_seq_scheme.entity_id 
_pdbx_poly_seq_scheme.seq_id 
_pdbx_poly_seq_scheme.mon_id 
_pdbx_poly_seq_scheme.ndb_seq_num 
_pdbx_poly_seq_scheme.pdb_seq_num 
_pdbx_poly_seq_scheme.auth_seq_num 
_pdbx_poly_seq_scheme.pdb_mon_id 
_pdbx_poly_seq_scheme.auth_mon_id 
_pdbx_poly_seq_scheme.pdb_strand_id 
_pdbx_poly_seq_scheme.pdb_ins_code 
_pdbx_poly_seq_scheme.hetero 
A 1 1  DA  1  1  1  DA  DA  A . n 
A 1 2  DG  2  2  2  DG  DG  A . n 
A 1 3  DG  3  3  3  DG  DG  A . n 
A 1 4  DG  4  4  4  DG  DG  A . n 
A 1 5  DT  5  5  5  DT  DT  A . n 
A 1 6  DT  6  6  6  DT  DT  A . n 
A 1 7  DA  7  7  7  DA  DA  A . n 
A 1 8  DG  8  8  8  DG  DG  A . n 
A 1 9  DG  9  9  9  DG  DG  A . n 
A 1 10 DG  10 10 10 DG  DG  A . n 
A 1 11 AWC 11 11 11 AWC 75B A . n 
A 1 12 DT  12 12 12 DT  DT  A . n 
A 1 13 DA  13 13 13 DA  DA  A . n 
A 1 14 DG  14 14 14 DG  DG  A . n 
A 1 15 DG  15 15 15 DG  DG  A . n 
A 1 16 DG  16 16 16 DG  DG  A . n 
A 1 17 DT  17 17 17 DT  DT  A . n 
A 1 18 DT  18 18 18 DT  DT  A . n 
A 1 19 DA  19 19 19 DA  DA  A . n 
A 1 20 DG  20 20 20 DG  DG  A . n 
A 1 21 DG  21 21 21 DG  DG  A . n 
A 1 22 DG  22 22 22 DG  DG  A . n 
# 
loop_
_pdbx_nonpoly_scheme.asym_id 
_pdbx_nonpoly_scheme.entity_id 
_pdbx_nonpoly_scheme.mon_id 
_pdbx_nonpoly_scheme.ndb_seq_num 
_pdbx_nonpoly_scheme.pdb_seq_num 
_pdbx_nonpoly_scheme.auth_seq_num 
_pdbx_nonpoly_scheme.pdb_mon_id 
_pdbx_nonpoly_scheme.auth_mon_id 
_pdbx_nonpoly_scheme.pdb_strand_id 
_pdbx_nonpoly_scheme.pdb_ins_code 
B 2 K   1  101 24 K   K   A . 
C 2 K   1  102 25 K   K   A . 
D 2 K   1  103 26 K   K   A . 
E 3 HOH 1  201 31 HOH HOH A . 
E 3 HOH 2  202 21 HOH HOH A . 
E 3 HOH 3  203 32 HOH HOH A . 
E 3 HOH 4  204 22 HOH HOH A . 
E 3 HOH 5  205 16 HOH HOH A . 
E 3 HOH 6  206 6  HOH HOH A . 
E 3 HOH 7  207 52 HOH HOH A . 
E 3 HOH 8  208 29 HOH HOH A . 
E 3 HOH 9  209 37 HOH HOH A . 
E 3 HOH 10 210 14 HOH HOH A . 
E 3 HOH 11 211 19 HOH HOH A . 
E 3 HOH 12 212 17 HOH HOH A . 
E 3 HOH 13 213 7  HOH HOH A . 
E 3 HOH 14 214 3  HOH HOH A . 
E 3 HOH 15 215 26 HOH HOH A . 
E 3 HOH 16 216 33 HOH HOH A . 
E 3 HOH 17 217 30 HOH HOH A . 
E 3 HOH 18 218 44 HOH HOH A . 
E 3 HOH 19 219 12 HOH HOH A . 
E 3 HOH 20 220 8  HOH HOH A . 
E 3 HOH 21 221 1  HOH HOH A . 
E 3 HOH 22 222 2  HOH HOH A . 
E 3 HOH 23 223 4  HOH HOH A . 
E 3 HOH 24 224 35 HOH HOH A . 
E 3 HOH 25 225 5  HOH HOH A . 
E 3 HOH 26 226 20 HOH HOH A . 
E 3 HOH 27 227 25 HOH HOH A . 
E 3 HOH 28 228 27 HOH HOH A . 
E 3 HOH 29 229 51 HOH HOH A . 
E 3 HOH 30 230 13 HOH HOH A . 
E 3 HOH 31 231 10 HOH HOH A . 
E 3 HOH 32 232 9  HOH HOH A . 
E 3 HOH 33 233 47 HOH HOH A . 
E 3 HOH 34 234 24 HOH HOH A . 
E 3 HOH 35 235 54 HOH HOH A . 
E 3 HOH 36 236 18 HOH HOH A . 
E 3 HOH 37 237 28 HOH HOH A . 
E 3 HOH 38 238 15 HOH HOH A . 
E 3 HOH 39 239 48 HOH HOH A . 
E 3 HOH 40 240 43 HOH HOH A . 
E 3 HOH 41 241 38 HOH HOH A . 
E 3 HOH 42 242 23 HOH HOH A . 
E 3 HOH 43 243 53 HOH HOH A . 
E 3 HOH 44 244 39 HOH HOH A . 
E 3 HOH 45 245 50 HOH HOH A . 
E 3 HOH 46 246 46 HOH HOH A . 
E 3 HOH 47 247 36 HOH HOH A . 
E 3 HOH 48 248 34 HOH HOH A . 
E 3 HOH 49 249 45 HOH HOH A . 
E 3 HOH 50 250 11 HOH HOH A . 
# 
_pdbx_struct_assembly.id                   1 
_pdbx_struct_assembly.details              author_and_software_defined_assembly 
_pdbx_struct_assembly.method_details       PISA 
_pdbx_struct_assembly.oligomeric_details   monomeric 
_pdbx_struct_assembly.oligomeric_count     1 
# 
_pdbx_struct_assembly_gen.assembly_id       1 
_pdbx_struct_assembly_gen.oper_expression   1 
_pdbx_struct_assembly_gen.asym_id_list      A,B,C,D,E 
# 
loop_
_pdbx_struct_assembly_prop.biol_id 
_pdbx_struct_assembly_prop.type 
_pdbx_struct_assembly_prop.value 
_pdbx_struct_assembly_prop.details 
1 'ABSA (A^2)' 50   ? 
1 MORE         -0   ? 
1 'SSA (A^2)'  4530 ? 
# 
_pdbx_struct_oper_list.id                   1 
_pdbx_struct_oper_list.type                 'identity operation' 
_pdbx_struct_oper_list.name                 1_555 
_pdbx_struct_oper_list.symmetry_operation   x,y,z 
_pdbx_struct_oper_list.matrix[1][1]         1.0000000000 
_pdbx_struct_oper_list.matrix[1][2]         0.0000000000 
_pdbx_struct_oper_list.matrix[1][3]         0.0000000000 
_pdbx_struct_oper_list.vector[1]            0.0000000000 
_pdbx_struct_oper_list.matrix[2][1]         0.0000000000 
_pdbx_struct_oper_list.matrix[2][2]         1.0000000000 
_pdbx_struct_oper_list.matrix[2][3]         0.0000000000 
_pdbx_struct_oper_list.vector[2]            0.0000000000 
_pdbx_struct_oper_list.matrix[3][1]         0.0000000000 
_pdbx_struct_oper_list.matrix[3][2]         0.0000000000 
_pdbx_struct_oper_list.matrix[3][3]         1.0000000000 
_pdbx_struct_oper_list.vector[3]            0.0000000000 
# 
loop_
_pdbx_struct_special_symmetry.id 
_pdbx_struct_special_symmetry.PDB_model_num 
_pdbx_struct_special_symmetry.auth_asym_id 
_pdbx_struct_special_symmetry.auth_comp_id 
_pdbx_struct_special_symmetry.auth_seq_id 
_pdbx_struct_special_symmetry.PDB_ins_code 
_pdbx_struct_special_symmetry.label_asym_id 
_pdbx_struct_special_symmetry.label_comp_id 
_pdbx_struct_special_symmetry.label_seq_id 
1 1 A K   103 ? D K   . 
2 1 A HOH 221 ? E HOH . 
# 
loop_
_pdbx_struct_conn_angle.id 
_pdbx_struct_conn_angle.ptnr1_label_atom_id 
_pdbx_struct_conn_angle.ptnr1_label_alt_id 
_pdbx_struct_conn_angle.ptnr1_label_asym_id 
_pdbx_struct_conn_angle.ptnr1_label_comp_id 
_pdbx_struct_conn_angle.ptnr1_label_seq_id 
_pdbx_struct_conn_angle.ptnr1_auth_atom_id 
_pdbx_struct_conn_angle.ptnr1_auth_asym_id 
_pdbx_struct_conn_angle.ptnr1_auth_comp_id 
_pdbx_struct_conn_angle.ptnr1_auth_seq_id 
_pdbx_struct_conn_angle.ptnr1_PDB_ins_code 
_pdbx_struct_conn_angle.ptnr1_symmetry 
_pdbx_struct_conn_angle.ptnr2_label_atom_id 
_pdbx_struct_conn_angle.ptnr2_label_alt_id 
_pdbx_struct_conn_angle.ptnr2_label_asym_id 
_pdbx_struct_conn_angle.ptnr2_label_comp_id 
_pdbx_struct_conn_angle.ptnr2_label_seq_id 
_pdbx_struct_conn_angle.ptnr2_auth_atom_id 
_pdbx_struct_conn_angle.ptnr2_auth_asym_id 
_pdbx_struct_conn_angle.ptnr2_auth_comp_id 
_pdbx_struct_conn_angle.ptnr2_auth_seq_id 
_pdbx_struct_conn_angle.ptnr2_PDB_ins_code 
_pdbx_struct_conn_angle.ptnr2_symmetry 
_pdbx_struct_conn_angle.ptnr3_label_atom_id 
_pdbx_struct_conn_angle.ptnr3_label_alt_id 
_pdbx_struct_conn_angle.ptnr3_label_asym_id 
_pdbx_struct_conn_angle.ptnr3_label_comp_id 
_pdbx_struct_conn_angle.ptnr3_label_seq_id 
_pdbx_struct_conn_angle.ptnr3_auth_atom_id 
_pdbx_struct_conn_angle.ptnr3_auth_asym_id 
_pdbx_struct_conn_angle.ptnr3_auth_comp_id 
_pdbx_struct_conn_angle.ptnr3_auth_seq_id 
_pdbx_struct_conn_angle.ptnr3_PDB_ins_code 
_pdbx_struct_conn_angle.ptnr3_symmetry 
_pdbx_struct_conn_angle.value 
_pdbx_struct_conn_angle.value_esd 
1  O6 ? A DG 2  ? A DG 2  ? 1_555 K ? C K . ? A K 102 ? 1_555 O6 ? A DG 3  ? A DG 3  ? 1_555 73.9  ? 
2  O6 ? A DG 2  ? A DG 2  ? 1_555 K ? C K . ? A K 102 ? 1_555 O6 ? A DG 8  ? A DG 8  ? 1_555 69.2  ? 
3  O6 ? A DG 3  ? A DG 3  ? 1_555 K ? C K . ? A K 102 ? 1_555 O6 ? A DG 8  ? A DG 8  ? 1_555 90.3  ? 
4  O6 ? A DG 2  ? A DG 2  ? 1_555 K ? C K . ? A K 102 ? 1_555 O6 ? A DG 9  ? A DG 9  ? 1_555 130.6 ? 
5  O6 ? A DG 3  ? A DG 3  ? 1_555 K ? C K . ? A K 102 ? 1_555 O6 ? A DG 9  ? A DG 9  ? 1_555 70.1  ? 
6  O6 ? A DG 8  ? A DG 8  ? 1_555 K ? C K . ? A K 102 ? 1_555 O6 ? A DG 9  ? A DG 9  ? 1_555 78.1  ? 
7  O6 ? A DG 2  ? A DG 2  ? 1_555 K ? C K . ? A K 102 ? 1_555 O6 ? A DG 14 ? A DG 14 ? 1_555 108.0 ? 
8  O6 ? A DG 3  ? A DG 3  ? 1_555 K ? C K . ? A K 102 ? 1_555 O6 ? A DG 14 ? A DG 14 ? 1_555 156.0 ? 
9  O6 ? A DG 8  ? A DG 8  ? 1_555 K ? C K . ? A K 102 ? 1_555 O6 ? A DG 14 ? A DG 14 ? 1_555 69.2  ? 
10 O6 ? A DG 9  ? A DG 9  ? 1_555 K ? C K . ? A K 102 ? 1_555 O6 ? A DG 14 ? A DG 14 ? 1_555 92.9  ? 
11 O6 ? A DG 2  ? A DG 2  ? 1_555 K ? C K . ? A K 102 ? 1_555 O6 ? A DG 15 ? A DG 15 ? 1_555 156.9 ? 
12 O6 ? A DG 3  ? A DG 3  ? 1_555 K ? C K . ? A K 102 ? 1_555 O6 ? A DG 15 ? A DG 15 ? 1_555 112.5 ? 
13 O6 ? A DG 8  ? A DG 8  ? 1_555 K ? C K . ? A K 102 ? 1_555 O6 ? A DG 15 ? A DG 15 ? 1_555 130.9 ? 
14 O6 ? A DG 9  ? A DG 9  ? 1_555 K ? C K . ? A K 102 ? 1_555 O6 ? A DG 15 ? A DG 15 ? 1_555 70.7  ? 
15 O6 ? A DG 14 ? A DG 14 ? 1_555 K ? C K . ? A K 102 ? 1_555 O6 ? A DG 15 ? A DG 15 ? 1_555 75.5  ? 
16 O6 ? A DG 2  ? A DG 2  ? 1_555 K ? C K . ? A K 102 ? 1_555 O6 ? A DG 20 ? A DG 20 ? 1_555 69.9  ? 
17 O6 ? A DG 3  ? A DG 3  ? 1_555 K ? C K . ? A K 102 ? 1_555 O6 ? A DG 20 ? A DG 20 ? 1_555 130.4 ? 
18 O6 ? A DG 8  ? A DG 8  ? 1_555 K ? C K . ? A K 102 ? 1_555 O6 ? A DG 20 ? A DG 20 ? 1_555 106.8 ? 
19 O6 ? A DG 9  ? A DG 9  ? 1_555 K ? C K . ? A K 102 ? 1_555 O6 ? A DG 20 ? A DG 20 ? 1_555 157.8 ? 
20 O6 ? A DG 14 ? A DG 14 ? 1_555 K ? C K . ? A K 102 ? 1_555 O6 ? A DG 20 ? A DG 20 ? 1_555 69.7  ? 
21 O6 ? A DG 15 ? A DG 15 ? 1_555 K ? C K . ? A K 102 ? 1_555 O6 ? A DG 20 ? A DG 20 ? 1_555 90.9  ? 
22 O6 ? A DG 2  ? A DG 2  ? 1_555 K ? C K . ? A K 102 ? 1_555 O6 ? A DG 21 ? A DG 21 ? 1_555 90.3  ? 
23 O6 ? A DG 3  ? A DG 3  ? 1_555 K ? C K . ? A K 102 ? 1_555 O6 ? A DG 21 ? A DG 21 ? 1_555 71.4  ? 
24 O6 ? A DG 8  ? A DG 8  ? 1_555 K ? C K . ? A K 102 ? 1_555 O6 ? A DG 21 ? A DG 21 ? 1_555 155.9 ? 
25 O6 ? A DG 9  ? A DG 9  ? 1_555 K ? C K . ? A K 102 ? 1_555 O6 ? A DG 21 ? A DG 21 ? 1_555 108.7 ? 
26 O6 ? A DG 14 ? A DG 14 ? 1_555 K ? C K . ? A K 102 ? 1_555 O6 ? A DG 21 ? A DG 21 ? 1_555 131.7 ? 
27 O6 ? A DG 15 ? A DG 15 ? 1_555 K ? C K . ? A K 102 ? 1_555 O6 ? A DG 21 ? A DG 21 ? 1_555 72.1  ? 
28 O6 ? A DG 20 ? A DG 20 ? 1_555 K ? C K . ? A K 102 ? 1_555 O6 ? A DG 21 ? A DG 21 ? 1_555 75.9  ? 
29 O6 ? A DG 2  ? A DG 2  ? 1_555 K ? D K . ? A K 103 ? 1_555 O6 ? A DG 2  ? A DG 2  ? 1_555 0.0   ? 
30 O6 ? A DG 2  ? A DG 2  ? 1_555 K ? D K . ? A K 103 ? 1_555 O6 ? A DG 8  ? A DG 8  ? 1_555 68.8  ? 
31 O6 ? A DG 2  ? A DG 2  ? 1_555 K ? D K . ? A K 103 ? 1_555 O6 ? A DG 8  ? A DG 8  ? 1_555 68.8  ? 
32 O6 ? A DG 2  ? A DG 2  ? 1_555 K ? D K . ? A K 103 ? 1_555 O6 ? A DG 8  ? A DG 8  ? 1_555 68.8  ? 
33 O6 ? A DG 2  ? A DG 2  ? 1_555 K ? D K . ? A K 103 ? 1_555 O6 ? A DG 8  ? A DG 8  ? 1_555 68.8  ? 
34 O6 ? A DG 8  ? A DG 8  ? 1_555 K ? D K . ? A K 103 ? 1_555 O6 ? A DG 8  ? A DG 8  ? 1_555 0.0   ? 
35 O6 ? A DG 2  ? A DG 2  ? 1_555 K ? D K . ? A K 103 ? 1_555 O6 ? A DG 14 ? A DG 14 ? 1_555 108.3 ? 
36 O6 ? A DG 2  ? A DG 2  ? 1_555 K ? D K . ? A K 103 ? 1_555 O6 ? A DG 14 ? A DG 14 ? 1_555 108.3 ? 
37 O6 ? A DG 8  ? A DG 8  ? 1_555 K ? D K . ? A K 103 ? 1_555 O6 ? A DG 14 ? A DG 14 ? 1_555 68.9  ? 
38 O6 ? A DG 8  ? A DG 8  ? 1_555 K ? D K . ? A K 103 ? 1_555 O6 ? A DG 14 ? A DG 14 ? 1_555 68.9  ? 
39 O6 ? A DG 2  ? A DG 2  ? 1_555 K ? D K . ? A K 103 ? 1_555 O6 ? A DG 14 ? A DG 14 ? 1_555 108.3 ? 
40 O6 ? A DG 2  ? A DG 2  ? 1_555 K ? D K . ? A K 103 ? 1_555 O6 ? A DG 14 ? A DG 14 ? 1_555 108.3 ? 
41 O6 ? A DG 8  ? A DG 8  ? 1_555 K ? D K . ? A K 103 ? 1_555 O6 ? A DG 14 ? A DG 14 ? 1_555 68.9  ? 
42 O6 ? A DG 8  ? A DG 8  ? 1_555 K ? D K . ? A K 103 ? 1_555 O6 ? A DG 14 ? A DG 14 ? 1_555 68.9  ? 
43 O6 ? A DG 14 ? A DG 14 ? 1_555 K ? D K . ? A K 103 ? 1_555 O6 ? A DG 14 ? A DG 14 ? 1_555 0.0   ? 
44 O6 ? A DG 2  ? A DG 2  ? 1_555 K ? D K . ? A K 103 ? 1_555 O6 ? A DG 20 ? A DG 20 ? 1_555 70.4  ? 
45 O6 ? A DG 2  ? A DG 2  ? 1_555 K ? D K . ? A K 103 ? 1_555 O6 ? A DG 20 ? A DG 20 ? 1_555 70.4  ? 
46 O6 ? A DG 8  ? A DG 8  ? 1_555 K ? D K . ? A K 103 ? 1_555 O6 ? A DG 20 ? A DG 20 ? 1_555 107.0 ? 
47 O6 ? A DG 8  ? A DG 8  ? 1_555 K ? D K . ? A K 103 ? 1_555 O6 ? A DG 20 ? A DG 20 ? 1_555 107.0 ? 
48 O6 ? A DG 14 ? A DG 14 ? 1_555 K ? D K . ? A K 103 ? 1_555 O6 ? A DG 20 ? A DG 20 ? 1_555 70.3  ? 
49 O6 ? A DG 14 ? A DG 14 ? 1_555 K ? D K . ? A K 103 ? 1_555 O6 ? A DG 20 ? A DG 20 ? 1_555 70.3  ? 
50 O6 ? A DG 2  ? A DG 2  ? 1_555 K ? D K . ? A K 103 ? 1_555 O6 ? A DG 20 ? A DG 20 ? 1_555 70.4  ? 
51 O6 ? A DG 2  ? A DG 2  ? 1_555 K ? D K . ? A K 103 ? 1_555 O6 ? A DG 20 ? A DG 20 ? 1_555 70.4  ? 
52 O6 ? A DG 8  ? A DG 8  ? 1_555 K ? D K . ? A K 103 ? 1_555 O6 ? A DG 20 ? A DG 20 ? 1_555 107.0 ? 
53 O6 ? A DG 8  ? A DG 8  ? 1_555 K ? D K . ? A K 103 ? 1_555 O6 ? A DG 20 ? A DG 20 ? 1_555 107.0 ? 
54 O6 ? A DG 14 ? A DG 14 ? 1_555 K ? D K . ? A K 103 ? 1_555 O6 ? A DG 20 ? A DG 20 ? 1_555 70.3  ? 
55 O6 ? A DG 14 ? A DG 14 ? 1_555 K ? D K . ? A K 103 ? 1_555 O6 ? A DG 20 ? A DG 20 ? 1_555 70.3  ? 
56 O6 ? A DG 20 ? A DG 20 ? 1_555 K ? D K . ? A K 103 ? 1_555 O6 ? A DG 20 ? A DG 20 ? 1_555 0.0   ? 
57 O6 ? A DG 3  ? A DG 3  ? 1_555 K ? B K . ? A K 101 ? 1_555 O6 ? A DG 4  ? A DG 4  ? 1_555 70.9  ? 
58 O6 ? A DG 3  ? A DG 3  ? 1_555 K ? B K . ? A K 101 ? 1_555 O6 ? A DG 9  ? A DG 9  ? 1_555 66.0  ? 
59 O6 ? A DG 4  ? A DG 4  ? 1_555 K ? B K . ? A K 101 ? 1_555 O6 ? A DG 9  ? A DG 9  ? 1_555 89.2  ? 
60 O6 ? A DG 3  ? A DG 3  ? 1_555 K ? B K . ? A K 101 ? 1_555 O6 ? A DG 10 ? A DG 10 ? 1_555 125.9 ? 
61 O6 ? A DG 4  ? A DG 4  ? 1_555 K ? B K . ? A K 101 ? 1_555 O6 ? A DG 10 ? A DG 10 ? 1_555 78.7  ? 
62 O6 ? A DG 9  ? A DG 9  ? 1_555 K ? B K . ? A K 101 ? 1_555 O6 ? A DG 10 ? A DG 10 ? 1_555 70.1  ? 
63 O6 ? A DG 3  ? A DG 3  ? 1_555 K ? B K . ? A K 101 ? 1_555 O6 ? A DG 15 ? A DG 15 ? 1_555 98.9  ? 
64 O6 ? A DG 4  ? A DG 4  ? 1_555 K ? B K . ? A K 101 ? 1_555 O6 ? A DG 15 ? A DG 15 ? 1_555 154.8 ? 
65 O6 ? A DG 9  ? A DG 9  ? 1_555 K ? B K . ? A K 101 ? 1_555 O6 ? A DG 15 ? A DG 15 ? 1_555 65.7  ? 
66 O6 ? A DG 10 ? A DG 10 ? 1_555 K ? B K . ? A K 101 ? 1_555 O6 ? A DG 15 ? A DG 15 ? 1_555 90.1  ? 
67 O6 ? A DG 3  ? A DG 3  ? 1_555 K ? B K . ? A K 101 ? 1_555 O6 ? A DG 16 ? A DG 16 ? 1_555 155.8 ? 
68 O6 ? A DG 4  ? A DG 4  ? 1_555 K ? B K . ? A K 101 ? 1_555 O6 ? A DG 16 ? A DG 16 ? 1_555 126.6 ? 
69 O6 ? A DG 9  ? A DG 9  ? 1_555 K ? B K . ? A K 101 ? 1_555 O6 ? A DG 16 ? A DG 16 ? 1_555 124.6 ? 
70 O6 ? A DG 10 ? A DG 10 ? 1_555 K ? B K . ? A K 101 ? 1_555 O6 ? A DG 16 ? A DG 16 ? 1_555 77.1  ? 
71 O6 ? A DG 15 ? A DG 15 ? 1_555 K ? B K . ? A K 101 ? 1_555 O6 ? A DG 16 ? A DG 16 ? 1_555 71.2  ? 
72 O6 ? A DG 3  ? A DG 3  ? 1_555 K ? B K . ? A K 101 ? 1_555 O6 ? A DG 21 ? A DG 21 ? 1_555 66.7  ? 
73 O6 ? A DG 4  ? A DG 4  ? 1_555 K ? B K . ? A K 101 ? 1_555 O6 ? A DG 21 ? A DG 21 ? 1_555 125.1 ? 
74 O6 ? A DG 9  ? A DG 9  ? 1_555 K ? B K . ? A K 101 ? 1_555 O6 ? A DG 21 ? A DG 21 ? 1_555 103.3 ? 
75 O6 ? A DG 10 ? A DG 10 ? 1_555 K ? B K . ? A K 101 ? 1_555 O6 ? A DG 21 ? A DG 21 ? 1_555 155.8 ? 
76 O6 ? A DG 15 ? A DG 15 ? 1_555 K ? B K . ? A K 101 ? 1_555 O6 ? A DG 21 ? A DG 21 ? 1_555 66.5  ? 
77 O6 ? A DG 16 ? A DG 16 ? 1_555 K ? B K . ? A K 101 ? 1_555 O6 ? A DG 21 ? A DG 21 ? 1_555 89.1  ? 
78 O6 ? A DG 3  ? A DG 3  ? 1_555 K ? B K . ? A K 101 ? 1_555 O6 ? A DG 22 ? A DG 22 ? 1_555 90.2  ? 
79 O6 ? A DG 4  ? A DG 4  ? 1_555 K ? B K . ? A K 101 ? 1_555 O6 ? A DG 22 ? A DG 22 ? 1_555 75.9  ? 
80 O6 ? A DG 9  ? A DG 9  ? 1_555 K ? B K . ? A K 101 ? 1_555 O6 ? A DG 22 ? A DG 22 ? 1_555 155.2 ? 
81 O6 ? A DG 10 ? A DG 10 ? 1_555 K ? B K . ? A K 101 ? 1_555 O6 ? A DG 22 ? A DG 22 ? 1_555 124.5 ? 
82 O6 ? A DG 15 ? A DG 15 ? 1_555 K ? B K . ? A K 101 ? 1_555 O6 ? A DG 22 ? A DG 22 ? 1_555 128.2 ? 
83 O6 ? A DG 16 ? A DG 16 ? 1_555 K ? B K . ? A K 101 ? 1_555 O6 ? A DG 22 ? A DG 22 ? 1_555 79.9  ? 
84 O6 ? A DG 21 ? A DG 21 ? 1_555 K ? B K . ? A K 101 ? 1_555 O6 ? A DG 22 ? A DG 22 ? 1_555 71.1  ? 
# 
loop_
_pdbx_audit_revision_history.ordinal 
_pdbx_audit_revision_history.data_content_type 
_pdbx_audit_revision_history.major_revision 
_pdbx_audit_revision_history.minor_revision 
_pdbx_audit_revision_history.revision_date 
1 'Structure model' 1 0 2019-05-15 
2 'Structure model' 1 1 2019-06-05 
3 'Structure model' 1 2 2019-07-24 
4 'Structure model' 1 3 2023-11-22 
# 
_pdbx_audit_revision_details.ordinal             1 
_pdbx_audit_revision_details.revision_ordinal    1 
_pdbx_audit_revision_details.data_content_type   'Structure model' 
_pdbx_audit_revision_details.provider            repository 
_pdbx_audit_revision_details.type                'Initial release' 
_pdbx_audit_revision_details.description         ? 
_pdbx_audit_revision_details.details             ? 
# 
loop_
_pdbx_audit_revision_group.ordinal 
_pdbx_audit_revision_group.revision_ordinal 
_pdbx_audit_revision_group.data_content_type 
_pdbx_audit_revision_group.group 
1 2 'Structure model' 'Data collection'        
2 2 'Structure model' 'Database references'    
3 3 'Structure model' 'Data collection'        
4 3 'Structure model' 'Database references'    
5 4 'Structure model' 'Data collection'        
6 4 'Structure model' 'Database references'    
7 4 'Structure model' 'Derived calculations'   
8 4 'Structure model' 'Refinement description' 
# 
loop_
_pdbx_audit_revision_category.ordinal 
_pdbx_audit_revision_category.revision_ordinal 
_pdbx_audit_revision_category.data_content_type 
_pdbx_audit_revision_category.category 
1  2 'Structure model' citation                      
2  2 'Structure model' citation_author               
3  3 'Structure model' citation                      
4  3 'Structure model' citation_author               
5  4 'Structure model' chem_comp_atom                
6  4 'Structure model' chem_comp_bond                
7  4 'Structure model' database_2                    
8  4 'Structure model' pdbx_initial_refinement_model 
9  4 'Structure model' pdbx_struct_conn_angle        
10 4 'Structure model' struct_conn                   
11 4 'Structure model' struct_conn_type              
# 
loop_
_pdbx_audit_revision_item.ordinal 
_pdbx_audit_revision_item.revision_ordinal 
_pdbx_audit_revision_item.data_content_type 
_pdbx_audit_revision_item.item 
1  2 'Structure model' '_citation.pdbx_database_id_DOI'             
2  2 'Structure model' '_citation.pdbx_database_id_PubMed'          
3  3 'Structure model' '_citation.journal_volume'                   
4  3 'Structure model' '_citation.page_first'                       
5  3 'Structure model' '_citation.page_last'                        
6  3 'Structure model' '_citation_author.name'                      
7  4 'Structure model' '_database_2.pdbx_DOI'                       
8  4 'Structure model' '_database_2.pdbx_database_accession'        
9  4 'Structure model' '_pdbx_struct_conn_angle.ptnr1_auth_seq_id'  
10 4 'Structure model' '_pdbx_struct_conn_angle.ptnr1_label_seq_id' 
11 4 'Structure model' '_pdbx_struct_conn_angle.ptnr3_auth_seq_id'  
12 4 'Structure model' '_pdbx_struct_conn_angle.ptnr3_label_seq_id' 
13 4 'Structure model' '_pdbx_struct_conn_angle.value'              
14 4 'Structure model' '_struct_conn.conn_type_id'                  
15 4 'Structure model' '_struct_conn.id'                            
16 4 'Structure model' '_struct_conn.pdbx_dist_value'               
17 4 'Structure model' '_struct_conn.pdbx_leaving_atom_flag'        
18 4 'Structure model' '_struct_conn.pdbx_ptnr1_label_alt_id'       
19 4 'Structure model' '_struct_conn.pdbx_ptnr2_label_alt_id'       
20 4 'Structure model' '_struct_conn.ptnr1_auth_comp_id'            
21 4 'Structure model' '_struct_conn.ptnr1_auth_seq_id'             
22 4 'Structure model' '_struct_conn.ptnr1_label_atom_id'           
23 4 'Structure model' '_struct_conn.ptnr1_label_comp_id'           
24 4 'Structure model' '_struct_conn.ptnr1_label_seq_id'            
25 4 'Structure model' '_struct_conn.ptnr2_auth_comp_id'            
26 4 'Structure model' '_struct_conn.ptnr2_auth_seq_id'             
27 4 'Structure model' '_struct_conn.ptnr2_label_asym_id'           
28 4 'Structure model' '_struct_conn.ptnr2_label_atom_id'           
29 4 'Structure model' '_struct_conn.ptnr2_label_comp_id'           
30 4 'Structure model' '_struct_conn.ptnr2_label_seq_id'            
31 4 'Structure model' '_struct_conn.ptnr2_symmetry'                
32 4 'Structure model' '_struct_conn_type.id'                       
# 
loop_
_software.citation_id 
_software.classification 
_software.compiler_name 
_software.compiler_version 
_software.contact_author 
_software.contact_author_email 
_software.date 
_software.description 
_software.dependencies 
_software.hardware 
_software.language 
_software.location 
_software.mods 
_software.name 
_software.os 
_software.os_version 
_software.type 
_software.version 
_software.pdbx_ordinal 
? refinement       ? ? ? ? ? ? ? ? ? ? ? PHENIX  ? ? ? '(1.10.1_2155: ???)' 1 
? 'data reduction' ? ? ? ? ? ? ? ? ? ? ? XDS     ? ? ? .                    2 
? 'data scaling'   ? ? ? ? ? ? ? ? ? ? ? Aimless ? ? ? .                    3 
? phasing          ? ? ? ? ? ? ? ? ? ? ? MOLREP  ? ? ? .                    4 
# 
loop_
_pdbx_validate_rmsd_bond.id 
_pdbx_validate_rmsd_bond.PDB_model_num 
_pdbx_validate_rmsd_bond.auth_atom_id_1 
_pdbx_validate_rmsd_bond.auth_asym_id_1 
_pdbx_validate_rmsd_bond.auth_comp_id_1 
_pdbx_validate_rmsd_bond.auth_seq_id_1 
_pdbx_validate_rmsd_bond.PDB_ins_code_1 
_pdbx_validate_rmsd_bond.label_alt_id_1 
_pdbx_validate_rmsd_bond.auth_atom_id_2 
_pdbx_validate_rmsd_bond.auth_asym_id_2 
_pdbx_validate_rmsd_bond.auth_comp_id_2 
_pdbx_validate_rmsd_bond.auth_seq_id_2 
_pdbx_validate_rmsd_bond.PDB_ins_code_2 
_pdbx_validate_rmsd_bond.label_alt_id_2 
_pdbx_validate_rmsd_bond.bond_value 
_pdbx_validate_rmsd_bond.bond_target_value 
_pdbx_validate_rmsd_bond.bond_deviation 
_pdbx_validate_rmsd_bond.bond_standard_deviation 
_pdbx_validate_rmsd_bond.linker_flag 
1 1 "O3'" A DG  2  ? ? "C3'" A DG 2  ? ? 1.378 1.419 -0.041 0.006 N 
2 1 "O3'" A DG  3  ? ? "C3'" A DG 3  ? ? 1.378 1.419 -0.041 0.006 N 
3 1 "O3'" A AWC 11 ? d P     A DT 12 ? ? 1.504 1.607 -0.103 0.012 Y 
# 
loop_
_chem_comp_atom.comp_id 
_chem_comp_atom.atom_id 
_chem_comp_atom.type_symbol 
_chem_comp_atom.pdbx_aromatic_flag 
_chem_comp_atom.pdbx_stereo_config 
_chem_comp_atom.pdbx_ordinal 
AWC P      P  N N 1   
AWC "C5'"  C  N N 2   
AWC "O5'"  O  N N 3   
AWC "C4'"  C  N R 4   
AWC "O4'"  O  N N 5   
AWC "C3'"  C  N S 6   
AWC "O3'"  O  N N 7   
AWC "C2'"  C  N N 8   
AWC "C1'"  C  N R 9   
AWC N1     N  N N 10  
AWC C2     C  N N 11  
AWC O2     O  N N 12  
AWC N3     N  N N 13  
AWC C4     C  N N 14  
AWC O4     O  N N 15  
AWC C5     C  N N 16  
AWC C6     C  N N 17  
AWC OP1    O  N N 18  
AWC OP2    O  N N 19  
AWC C7     C  Y N 20  
AWC C8     C  Y N 21  
AWC C9     C  Y N 22  
AWC C10    C  Y N 23  
AWC SE     SE Y N 24  
AWC H5S    H  N N 25  
AWC "H5'"  H  N N 26  
AWC "H4'"  H  N N 27  
AWC "H3'"  H  N N 28  
AWC H1     H  N N 29  
AWC H5T    H  N N 30  
AWC "H2'"  H  N N 31  
AWC "H1'"  H  N N 32  
AWC H3     H  N N 33  
AWC H6     H  N N 34  
AWC H2     H  N N 35  
AWC H4     H  N N 36  
AWC H8     H  N N 37  
AWC H9     H  N N 38  
AWC H10    H  N N 39  
DA  OP3    O  N N 40  
DA  P      P  N N 41  
DA  OP1    O  N N 42  
DA  OP2    O  N N 43  
DA  "O5'"  O  N N 44  
DA  "C5'"  C  N N 45  
DA  "C4'"  C  N R 46  
DA  "O4'"  O  N N 47  
DA  "C3'"  C  N S 48  
DA  "O3'"  O  N N 49  
DA  "C2'"  C  N N 50  
DA  "C1'"  C  N R 51  
DA  N9     N  Y N 52  
DA  C8     C  Y N 53  
DA  N7     N  Y N 54  
DA  C5     C  Y N 55  
DA  C6     C  Y N 56  
DA  N6     N  N N 57  
DA  N1     N  Y N 58  
DA  C2     C  Y N 59  
DA  N3     N  Y N 60  
DA  C4     C  Y N 61  
DA  HOP3   H  N N 62  
DA  HOP2   H  N N 63  
DA  "H5'"  H  N N 64  
DA  "H5''" H  N N 65  
DA  "H4'"  H  N N 66  
DA  "H3'"  H  N N 67  
DA  "HO3'" H  N N 68  
DA  "H2'"  H  N N 69  
DA  "H2''" H  N N 70  
DA  "H1'"  H  N N 71  
DA  H8     H  N N 72  
DA  H61    H  N N 73  
DA  H62    H  N N 74  
DA  H2     H  N N 75  
DG  OP3    O  N N 76  
DG  P      P  N N 77  
DG  OP1    O  N N 78  
DG  OP2    O  N N 79  
DG  "O5'"  O  N N 80  
DG  "C5'"  C  N N 81  
DG  "C4'"  C  N R 82  
DG  "O4'"  O  N N 83  
DG  "C3'"  C  N S 84  
DG  "O3'"  O  N N 85  
DG  "C2'"  C  N N 86  
DG  "C1'"  C  N R 87  
DG  N9     N  Y N 88  
DG  C8     C  Y N 89  
DG  N7     N  Y N 90  
DG  C5     C  Y N 91  
DG  C6     C  N N 92  
DG  O6     O  N N 93  
DG  N1     N  N N 94  
DG  C2     C  N N 95  
DG  N2     N  N N 96  
DG  N3     N  N N 97  
DG  C4     C  Y N 98  
DG  HOP3   H  N N 99  
DG  HOP2   H  N N 100 
DG  "H5'"  H  N N 101 
DG  "H5''" H  N N 102 
DG  "H4'"  H  N N 103 
DG  "H3'"  H  N N 104 
DG  "HO3'" H  N N 105 
DG  "H2'"  H  N N 106 
DG  "H2''" H  N N 107 
DG  "H1'"  H  N N 108 
DG  H8     H  N N 109 
DG  H1     H  N N 110 
DG  H21    H  N N 111 
DG  H22    H  N N 112 
DT  OP3    O  N N 113 
DT  P      P  N N 114 
DT  OP1    O  N N 115 
DT  OP2    O  N N 116 
DT  "O5'"  O  N N 117 
DT  "C5'"  C  N N 118 
DT  "C4'"  C  N R 119 
DT  "O4'"  O  N N 120 
DT  "C3'"  C  N S 121 
DT  "O3'"  O  N N 122 
DT  "C2'"  C  N N 123 
DT  "C1'"  C  N R 124 
DT  N1     N  N N 125 
DT  C2     C  N N 126 
DT  O2     O  N N 127 
DT  N3     N  N N 128 
DT  C4     C  N N 129 
DT  O4     O  N N 130 
DT  C5     C  N N 131 
DT  C7     C  N N 132 
DT  C6     C  N N 133 
DT  HOP3   H  N N 134 
DT  HOP2   H  N N 135 
DT  "H5'"  H  N N 136 
DT  "H5''" H  N N 137 
DT  "H4'"  H  N N 138 
DT  "H3'"  H  N N 139 
DT  "HO3'" H  N N 140 
DT  "H2'"  H  N N 141 
DT  "H2''" H  N N 142 
DT  "H1'"  H  N N 143 
DT  H3     H  N N 144 
DT  H71    H  N N 145 
DT  H72    H  N N 146 
DT  H73    H  N N 147 
DT  H6     H  N N 148 
HOH O      O  N N 149 
HOH H1     H  N N 150 
HOH H2     H  N N 151 
K   K      K  N N 152 
# 
loop_
_chem_comp_bond.comp_id 
_chem_comp_bond.atom_id_1 
_chem_comp_bond.atom_id_2 
_chem_comp_bond.value_order 
_chem_comp_bond.pdbx_aromatic_flag 
_chem_comp_bond.pdbx_stereo_config 
_chem_comp_bond.pdbx_ordinal 
AWC OP2   P      doub N N 1   
AWC "C5'" "O5'"  sing N N 2   
AWC "C5'" "C4'"  sing N N 3   
AWC "O3'" "C3'"  sing N N 4   
AWC "C3'" "C4'"  sing N N 5   
AWC "C3'" "C2'"  sing N N 6   
AWC P     "O5'"  sing N N 7   
AWC P     OP1    sing N N 8   
AWC "C4'" "O4'"  sing N N 9   
AWC "C2'" "C1'"  sing N N 10  
AWC "O4'" "C1'"  sing N N 11  
AWC "C1'" N1     sing N N 12  
AWC C8    C9     sing Y N 13  
AWC C8    C7     doub Y N 14  
AWC C6    N1     sing N N 15  
AWC C6    C5     doub N N 16  
AWC N1    C2     sing N N 17  
AWC C9    C10    doub Y N 18  
AWC C7    C5     sing N N 19  
AWC C7    SE     sing Y N 20  
AWC C5    C4     sing N N 21  
AWC C2    O2     doub N N 22  
AWC C2    N3     sing N N 23  
AWC C10   SE     sing Y N 24  
AWC C4    N3     sing N N 25  
AWC C4    O4     doub N N 26  
AWC "C5'" H5S    sing N N 27  
AWC "C5'" "H5'"  sing N N 28  
AWC "C4'" "H4'"  sing N N 29  
AWC "C3'" "H3'"  sing N N 30  
AWC "O3'" H1     sing N N 31  
AWC "C2'" H5T    sing N N 32  
AWC "C2'" "H2'"  sing N N 33  
AWC "C1'" "H1'"  sing N N 34  
AWC N3    H3     sing N N 35  
AWC C6    H6     sing N N 36  
AWC OP1   H2     sing N N 37  
AWC C8    H8     sing N N 38  
AWC C9    H9     sing N N 39  
AWC C10   H10    sing N N 40  
AWC P     H4     sing N N 41  
DA  OP3   P      sing N N 42  
DA  OP3   HOP3   sing N N 43  
DA  P     OP1    doub N N 44  
DA  P     OP2    sing N N 45  
DA  P     "O5'"  sing N N 46  
DA  OP2   HOP2   sing N N 47  
DA  "O5'" "C5'"  sing N N 48  
DA  "C5'" "C4'"  sing N N 49  
DA  "C5'" "H5'"  sing N N 50  
DA  "C5'" "H5''" sing N N 51  
DA  "C4'" "O4'"  sing N N 52  
DA  "C4'" "C3'"  sing N N 53  
DA  "C4'" "H4'"  sing N N 54  
DA  "O4'" "C1'"  sing N N 55  
DA  "C3'" "O3'"  sing N N 56  
DA  "C3'" "C2'"  sing N N 57  
DA  "C3'" "H3'"  sing N N 58  
DA  "O3'" "HO3'" sing N N 59  
DA  "C2'" "C1'"  sing N N 60  
DA  "C2'" "H2'"  sing N N 61  
DA  "C2'" "H2''" sing N N 62  
DA  "C1'" N9     sing N N 63  
DA  "C1'" "H1'"  sing N N 64  
DA  N9    C8     sing Y N 65  
DA  N9    C4     sing Y N 66  
DA  C8    N7     doub Y N 67  
DA  C8    H8     sing N N 68  
DA  N7    C5     sing Y N 69  
DA  C5    C6     sing Y N 70  
DA  C5    C4     doub Y N 71  
DA  C6    N6     sing N N 72  
DA  C6    N1     doub Y N 73  
DA  N6    H61    sing N N 74  
DA  N6    H62    sing N N 75  
DA  N1    C2     sing Y N 76  
DA  C2    N3     doub Y N 77  
DA  C2    H2     sing N N 78  
DA  N3    C4     sing Y N 79  
DG  OP3   P      sing N N 80  
DG  OP3   HOP3   sing N N 81  
DG  P     OP1    doub N N 82  
DG  P     OP2    sing N N 83  
DG  P     "O5'"  sing N N 84  
DG  OP2   HOP2   sing N N 85  
DG  "O5'" "C5'"  sing N N 86  
DG  "C5'" "C4'"  sing N N 87  
DG  "C5'" "H5'"  sing N N 88  
DG  "C5'" "H5''" sing N N 89  
DG  "C4'" "O4'"  sing N N 90  
DG  "C4'" "C3'"  sing N N 91  
DG  "C4'" "H4'"  sing N N 92  
DG  "O4'" "C1'"  sing N N 93  
DG  "C3'" "O3'"  sing N N 94  
DG  "C3'" "C2'"  sing N N 95  
DG  "C3'" "H3'"  sing N N 96  
DG  "O3'" "HO3'" sing N N 97  
DG  "C2'" "C1'"  sing N N 98  
DG  "C2'" "H2'"  sing N N 99  
DG  "C2'" "H2''" sing N N 100 
DG  "C1'" N9     sing N N 101 
DG  "C1'" "H1'"  sing N N 102 
DG  N9    C8     sing Y N 103 
DG  N9    C4     sing Y N 104 
DG  C8    N7     doub Y N 105 
DG  C8    H8     sing N N 106 
DG  N7    C5     sing Y N 107 
DG  C5    C6     sing N N 108 
DG  C5    C4     doub Y N 109 
DG  C6    O6     doub N N 110 
DG  C6    N1     sing N N 111 
DG  N1    C2     sing N N 112 
DG  N1    H1     sing N N 113 
DG  C2    N2     sing N N 114 
DG  C2    N3     doub N N 115 
DG  N2    H21    sing N N 116 
DG  N2    H22    sing N N 117 
DG  N3    C4     sing N N 118 
DT  OP3   P      sing N N 119 
DT  OP3   HOP3   sing N N 120 
DT  P     OP1    doub N N 121 
DT  P     OP2    sing N N 122 
DT  P     "O5'"  sing N N 123 
DT  OP2   HOP2   sing N N 124 
DT  "O5'" "C5'"  sing N N 125 
DT  "C5'" "C4'"  sing N N 126 
DT  "C5'" "H5'"  sing N N 127 
DT  "C5'" "H5''" sing N N 128 
DT  "C4'" "O4'"  sing N N 129 
DT  "C4'" "C3'"  sing N N 130 
DT  "C4'" "H4'"  sing N N 131 
DT  "O4'" "C1'"  sing N N 132 
DT  "C3'" "O3'"  sing N N 133 
DT  "C3'" "C2'"  sing N N 134 
DT  "C3'" "H3'"  sing N N 135 
DT  "O3'" "HO3'" sing N N 136 
DT  "C2'" "C1'"  sing N N 137 
DT  "C2'" "H2'"  sing N N 138 
DT  "C2'" "H2''" sing N N 139 
DT  "C1'" N1     sing N N 140 
DT  "C1'" "H1'"  sing N N 141 
DT  N1    C2     sing N N 142 
DT  N1    C6     sing N N 143 
DT  C2    O2     doub N N 144 
DT  C2    N3     sing N N 145 
DT  N3    C4     sing N N 146 
DT  N3    H3     sing N N 147 
DT  C4    O4     doub N N 148 
DT  C4    C5     sing N N 149 
DT  C5    C7     sing N N 150 
DT  C5    C6     doub N N 151 
DT  C7    H71    sing N N 152 
DT  C7    H72    sing N N 153 
DT  C7    H73    sing N N 154 
DT  C6    H6     sing N N 155 
HOH O     H1     sing N N 156 
HOH O     H2     sing N N 157 
# 
loop_
_ndb_struct_conf_na.entry_id 
_ndb_struct_conf_na.feature 
6IP7 'double helix'    
6IP7 'quadruple helix' 
# 
loop_
_ndb_struct_na_base_pair.model_number 
_ndb_struct_na_base_pair.i_label_asym_id 
_ndb_struct_na_base_pair.i_label_comp_id 
_ndb_struct_na_base_pair.i_label_seq_id 
_ndb_struct_na_base_pair.i_symmetry 
_ndb_struct_na_base_pair.j_label_asym_id 
_ndb_struct_na_base_pair.j_label_comp_id 
_ndb_struct_na_base_pair.j_label_seq_id 
_ndb_struct_na_base_pair.j_symmetry 
_ndb_struct_na_base_pair.shear 
_ndb_struct_na_base_pair.stretch 
_ndb_struct_na_base_pair.stagger 
_ndb_struct_na_base_pair.buckle 
_ndb_struct_na_base_pair.propeller 
_ndb_struct_na_base_pair.opening 
_ndb_struct_na_base_pair.pair_number 
_ndb_struct_na_base_pair.pair_name 
_ndb_struct_na_base_pair.i_auth_asym_id 
_ndb_struct_na_base_pair.i_auth_seq_id 
_ndb_struct_na_base_pair.i_PDB_ins_code 
_ndb_struct_na_base_pair.j_auth_asym_id 
_ndb_struct_na_base_pair.j_auth_seq_id 
_ndb_struct_na_base_pair.j_PDB_ins_code 
_ndb_struct_na_base_pair.hbond_type_28 
_ndb_struct_na_base_pair.hbond_type_12 
1 A DG 8  1_555 A DG 14 1_555 1.522  3.446  -0.186 6.287  -1.149  -90.744 1 A_DG8:DG14_A  A 8  ? A 14 ? 6 3 
1 A DG 9  1_555 A DG 15 1_555 1.525  3.479  0.018  4.139  -8.774  -89.543 2 A_DG9:DG15_A  A 9  ? A 15 ? 6 3 
1 A DG 10 1_555 A DG 16 1_555 1.702  3.404  -0.242 14.791 -14.299 -89.220 3 A_DG10:DG16_A A 10 ? A 16 ? 6 3 
1 A DG 4  1_555 A DG 22 1_555 -1.695 -3.416 0.105  -9.383 13.210  88.277  4 A_DG4:DG22_A  A 4  ? A 22 ? 6 3 
1 A DG 3  1_555 A DG 21 1_555 -1.543 -3.500 0.006  -3.914 7.173   88.943  5 A_DG3:DG21_A  A 3  ? A 21 ? 6 3 
1 A DG 2  1_555 A DG 20 1_555 -1.547 -3.517 0.014  -0.580 -2.472  90.418  6 A_DG2:DG20_A  A 2  ? A 20 ? 6 3 
# 
loop_
_ndb_struct_na_base_pair_step.model_number 
_ndb_struct_na_base_pair_step.i_label_asym_id_1 
_ndb_struct_na_base_pair_step.i_label_comp_id_1 
_ndb_struct_na_base_pair_step.i_label_seq_id_1 
_ndb_struct_na_base_pair_step.i_symmetry_1 
_ndb_struct_na_base_pair_step.j_label_asym_id_1 
_ndb_struct_na_base_pair_step.j_label_comp_id_1 
_ndb_struct_na_base_pair_step.j_label_seq_id_1 
_ndb_struct_na_base_pair_step.j_symmetry_1 
_ndb_struct_na_base_pair_step.i_label_asym_id_2 
_ndb_struct_na_base_pair_step.i_label_comp_id_2 
_ndb_struct_na_base_pair_step.i_label_seq_id_2 
_ndb_struct_na_base_pair_step.i_symmetry_2 
_ndb_struct_na_base_pair_step.j_label_asym_id_2 
_ndb_struct_na_base_pair_step.j_label_comp_id_2 
_ndb_struct_na_base_pair_step.j_label_seq_id_2 
_ndb_struct_na_base_pair_step.j_symmetry_2 
_ndb_struct_na_base_pair_step.shift 
_ndb_struct_na_base_pair_step.slide 
_ndb_struct_na_base_pair_step.rise 
_ndb_struct_na_base_pair_step.tilt 
_ndb_struct_na_base_pair_step.roll 
_ndb_struct_na_base_pair_step.twist 
_ndb_struct_na_base_pair_step.x_displacement 
_ndb_struct_na_base_pair_step.y_displacement 
_ndb_struct_na_base_pair_step.helical_rise 
_ndb_struct_na_base_pair_step.inclination 
_ndb_struct_na_base_pair_step.tip 
_ndb_struct_na_base_pair_step.helical_twist 
_ndb_struct_na_base_pair_step.step_number 
_ndb_struct_na_base_pair_step.step_name 
_ndb_struct_na_base_pair_step.i_auth_asym_id_1 
_ndb_struct_na_base_pair_step.i_auth_seq_id_1 
_ndb_struct_na_base_pair_step.i_PDB_ins_code_1 
_ndb_struct_na_base_pair_step.j_auth_asym_id_1 
_ndb_struct_na_base_pair_step.j_auth_seq_id_1 
_ndb_struct_na_base_pair_step.j_PDB_ins_code_1 
_ndb_struct_na_base_pair_step.i_auth_asym_id_2 
_ndb_struct_na_base_pair_step.i_auth_seq_id_2 
_ndb_struct_na_base_pair_step.i_PDB_ins_code_2 
_ndb_struct_na_base_pair_step.j_auth_asym_id_2 
_ndb_struct_na_base_pair_step.j_auth_seq_id_2 
_ndb_struct_na_base_pair_step.j_PDB_ins_code_2 
1 A DG 8  1_555 A DG 14 1_555 A DG 9  1_555 A DG 15 1_555 -0.431 -0.704 3.299  -1.305  3.446  29.000  -2.142 0.572 3.212  6.846  
2.593  29.228  1 AA_DG8DG9:DG15DG14_AA  A 8  ? A 14 ? A 9  ? A 15 ? 
1 A DG 9  1_555 A DG 15 1_555 A DG 10 1_555 A DG 16 1_555 -0.621 -0.550 3.147  3.073   5.371  28.664  -2.174 1.850 2.917  10.691 
-6.117 29.311  2 AA_DG9DG10:DG16DG15_AA A 9  ? A 15 ? A 10 ? A 16 ? 
1 A DG 10 1_555 A DG 16 1_555 A DG 4  1_555 A DG 22 1_555 -1.824 -3.441 0.026  -11.607 10.976 179.755 -1.720 0.912 0.025  5.488  
5.803  179.757 3 AA_DG10DG4:DG22DG16_AA A 10 ? A 16 ? A 4  ? A 22 ? 
1 A DG 4  1_555 A DG 22 1_555 A DG 3  1_555 A DG 21 1_555 0.590  0.576  -3.118 -1.532  -5.677 -27.738 -2.397 1.535 -2.908 11.676 
-3.151 -28.342 4 AA_DG4DG3:DG21DG22_AA  A 4  ? A 22 ? A 3  ? A 21 ? 
1 A DG 3  1_555 A DG 21 1_555 A DG 2  1_555 A DG 20 1_555 0.408  1.006  -3.214 -0.931  -2.878 -29.882 -2.514 0.972 -3.092 5.564  
-1.799 -30.031 5 AA_DG3DG2:DG20DG21_AA  A 3  ? A 21 ? A 2  ? A 20 ? 
# 
_pdbx_audit_support.funding_organization   'Wellcome Trust' 
_pdbx_audit_support.country                India 
_pdbx_audit_support.grant_number           IA/S/16/1/502360 
_pdbx_audit_support.ordinal                1 
# 
loop_
_pdbx_entity_nonpoly.entity_id 
_pdbx_entity_nonpoly.name 
_pdbx_entity_nonpoly.comp_id 
2 'POTASSIUM ION' K   
3 water           HOH 
# 
_pdbx_initial_refinement_model.id               1 
_pdbx_initial_refinement_model.entity_id_list   ? 
_pdbx_initial_refinement_model.type             'experimental model' 
_pdbx_initial_refinement_model.source_name      PDB 
_pdbx_initial_refinement_model.accession_code   1KF1 
_pdbx_initial_refinement_model.details          ? 
# 
_pdbx_struct_assembly_auth_evidence.id                     1 
_pdbx_struct_assembly_auth_evidence.assembly_id            1 
_pdbx_struct_assembly_auth_evidence.experimental_support   none 
_pdbx_struct_assembly_auth_evidence.details                ? 
# 
